data_2EG2
# 
_entry.id   2EG2 
# 
_audit_conform.dict_name       mmcif_pdbx.dic 
_audit_conform.dict_version    5.380 
_audit_conform.dict_location   http://mmcif.pdb.org/dictionaries/ascii/mmcif_pdbx.dic 
# 
loop_
_database_2.database_id 
_database_2.database_code 
_database_2.pdbx_database_accession 
_database_2.pdbx_DOI 
PDB   2EG2         pdb_00002eg2 10.2210/pdb2eg2/pdb 
RCSB  RCSB026620   ?            ?                   
WWPDB D_1000026620 ?            ?                   
# 
loop_
_pdbx_database_related.db_name 
_pdbx_database_related.db_id 
_pdbx_database_related.details 
_pdbx_database_related.content_type 
PDB      2EG1           . unspecified 
TargetDB aae001000109.2 . unspecified 
# 
_pdbx_database_status.status_code                     REL 
_pdbx_database_status.entry_id                        2EG2 
_pdbx_database_status.recvd_initial_deposition_date   2007-02-27 
_pdbx_database_status.deposit_site                    PDBJ 
_pdbx_database_status.process_site                    PDBJ 
_pdbx_database_status.status_code_sf                  REL 
_pdbx_database_status.status_code_mr                  ? 
_pdbx_database_status.SG_entry                        Y 
_pdbx_database_status.pdb_format_compatible           Y 
_pdbx_database_status.status_code_cs                  ? 
_pdbx_database_status.status_code_nmr_data            ? 
_pdbx_database_status.methods_development_category    ? 
# 
loop_
_audit_author.name 
_audit_author.pdbx_ordinal 
'Sakai, H.'                                              1 
'Shinkai, A.'                                            2 
'Kitamura, Y.'                                           3 
'Kuramitsu, S.'                                          4 
'Yokoyama, S.'                                           5 
'RIKEN Structural Genomics/Proteomics Initiative (RSGI)' 6 
# 
_citation.id                        primary 
_citation.title                     'The crystal structure of PII protein' 
_citation.journal_abbrev            'To be Published' 
_citation.journal_volume            ? 
_citation.page_first                ? 
_citation.page_last                 ? 
_citation.year                      ? 
_citation.journal_id_ASTM           ? 
_citation.country                   ? 
_citation.journal_id_ISSN           ? 
_citation.journal_id_CSD            0353 
_citation.book_publisher            ? 
_citation.pdbx_database_id_PubMed   ? 
_citation.pdbx_database_id_DOI      ? 
# 
loop_
_citation_author.citation_id 
_citation_author.name 
_citation_author.ordinal 
_citation_author.identifier_ORCID 
primary 'Sakai, H.'     1 ? 
primary 'Shinkai, A.'   2 ? 
primary 'Kitamura, Y.'  3 ? 
primary 'Kuramitsu, S.' 4 ? 
primary 'Yokoyama, S.'  5 ? 
# 
_cell.entry_id           2EG2 
_cell.length_a           81.961 
_cell.length_b           81.961 
_cell.length_c           81.961 
_cell.angle_alpha        90.00 
_cell.angle_beta         90.00 
_cell.angle_gamma        90.00 
_cell.Z_PDB              24 
_cell.pdbx_unique_axis   ? 
_cell.length_a_esd       ? 
_cell.length_b_esd       ? 
_cell.length_c_esd       ? 
_cell.angle_alpha_esd    ? 
_cell.angle_beta_esd     ? 
_cell.angle_gamma_esd    ? 
# 
_symmetry.entry_id                         2EG2 
_symmetry.space_group_name_H-M             'I 2 3' 
_symmetry.pdbx_full_space_group_name_H-M   ? 
_symmetry.cell_setting                     ? 
_symmetry.Int_Tables_number                197 
_symmetry.space_group_name_Hall            ? 
# 
loop_
_entity.id 
_entity.type 
_entity.src_method 
_entity.pdbx_description 
_entity.formula_weight 
_entity.pdbx_number_of_molecules 
_entity.pdbx_ec 
_entity.pdbx_mutation 
_entity.pdbx_fragment 
_entity.details 
1 polymer     man 'Nitrogen regulatory protein P-II' 12515.567 1  ? ? ? ? 
2 non-polymer syn 'CHLORIDE ION'                     35.453    1  ? ? ? ? 
3 non-polymer syn "ADENOSINE-5'-TRIPHOSPHATE"        507.181   1  ? ? ? ? 
4 water       nat water                              18.015    89 ? ? ? ? 
# 
_entity_poly.entity_id                      1 
_entity_poly.type                           'polypeptide(L)' 
_entity_poly.nstd_linkage                   no 
_entity_poly.nstd_monomer                   no 
_entity_poly.pdbx_seq_one_letter_code       
;MKKIEAIIKPFKLDEVKDALVEIGIGGMTVTEVKGFGQQKGHTEIYRGTEYVIDFLPKVKIEVVVRDEDVEKVVETIVKT
AQTGRVGDGKIFIIPVEDVIRIRTGERGEQAI
;
_entity_poly.pdbx_seq_one_letter_code_can   
;MKKIEAIIKPFKLDEVKDALVEIGIGGMTVTEVKGFGQQKGHTEIYRGTEYVIDFLPKVKIEVVVRDEDVEKVVETIVKT
AQTGRVGDGKIFIIPVEDVIRIRTGERGEQAI
;
_entity_poly.pdbx_strand_id                 A 
_entity_poly.pdbx_target_identifier         aae001000109.2 
# 
loop_
_entity_poly_seq.entity_id 
_entity_poly_seq.num 
_entity_poly_seq.mon_id 
_entity_poly_seq.hetero 
1 1   MET n 
1 2   LYS n 
1 3   LYS n 
1 4   ILE n 
1 5   GLU n 
1 6   ALA n 
1 7   ILE n 
1 8   ILE n 
1 9   LYS n 
1 10  PRO n 
1 11  PHE n 
1 12  LYS n 
1 13  LEU n 
1 14  ASP n 
1 15  GLU n 
1 16  VAL n 
1 17  LYS n 
1 18  ASP n 
1 19  ALA n 
1 20  LEU n 
1 21  VAL n 
1 22  GLU n 
1 23  ILE n 
1 24  GLY n 
1 25  ILE n 
1 26  GLY n 
1 27  GLY n 
1 28  MET n 
1 29  THR n 
1 30  VAL n 
1 31  THR n 
1 32  GLU n 
1 33  VAL n 
1 34  LYS n 
1 35  GLY n 
1 36  PHE n 
1 37  GLY n 
1 38  GLN n 
1 39  GLN n 
1 40  LYS n 
1 41  GLY n 
1 42  HIS n 
1 43  THR n 
1 44  GLU n 
1 45  ILE n 
1 46  TYR n 
1 47  ARG n 
1 48  GLY n 
1 49  THR n 
1 50  GLU n 
1 51  TYR n 
1 52  VAL n 
1 53  ILE n 
1 54  ASP n 
1 55  PHE n 
1 56  LEU n 
1 57  PRO n 
1 58  LYS n 
1 59  VAL n 
1 60  LYS n 
1 61  ILE n 
1 62  GLU n 
1 63  VAL n 
1 64  VAL n 
1 65  VAL n 
1 66  ARG n 
1 67  ASP n 
1 68  GLU n 
1 69  ASP n 
1 70  VAL n 
1 71  GLU n 
1 72  LYS n 
1 73  VAL n 
1 74  VAL n 
1 75  GLU n 
1 76  THR n 
1 77  ILE n 
1 78  VAL n 
1 79  LYS n 
1 80  THR n 
1 81  ALA n 
1 82  GLN n 
1 83  THR n 
1 84  GLY n 
1 85  ARG n 
1 86  VAL n 
1 87  GLY n 
1 88  ASP n 
1 89  GLY n 
1 90  LYS n 
1 91  ILE n 
1 92  PHE n 
1 93  ILE n 
1 94  ILE n 
1 95  PRO n 
1 96  VAL n 
1 97  GLU n 
1 98  ASP n 
1 99  VAL n 
1 100 ILE n 
1 101 ARG n 
1 102 ILE n 
1 103 ARG n 
1 104 THR n 
1 105 GLY n 
1 106 GLU n 
1 107 ARG n 
1 108 GLY n 
1 109 GLU n 
1 110 GLN n 
1 111 ALA n 
1 112 ILE n 
# 
_entity_src_gen.entity_id                          1 
_entity_src_gen.pdbx_src_id                        1 
_entity_src_gen.pdbx_alt_source_flag               sample 
_entity_src_gen.pdbx_seq_type                      ? 
_entity_src_gen.pdbx_beg_seq_num                   ? 
_entity_src_gen.pdbx_end_seq_num                   ? 
_entity_src_gen.gene_src_common_name               ? 
_entity_src_gen.gene_src_genus                     Aquifex 
_entity_src_gen.pdbx_gene_src_gene                 glnB 
_entity_src_gen.gene_src_species                   ? 
_entity_src_gen.gene_src_strain                    ? 
_entity_src_gen.gene_src_tissue                    ? 
_entity_src_gen.gene_src_tissue_fraction           ? 
_entity_src_gen.gene_src_details                   ? 
_entity_src_gen.pdbx_gene_src_fragment             ? 
_entity_src_gen.pdbx_gene_src_scientific_name      'Aquifex aeolicus' 
_entity_src_gen.pdbx_gene_src_ncbi_taxonomy_id     63363 
_entity_src_gen.pdbx_gene_src_variant              ? 
_entity_src_gen.pdbx_gene_src_cell_line            ? 
_entity_src_gen.pdbx_gene_src_atcc                 ? 
_entity_src_gen.pdbx_gene_src_organ                ? 
_entity_src_gen.pdbx_gene_src_organelle            ? 
_entity_src_gen.pdbx_gene_src_cell                 ? 
_entity_src_gen.pdbx_gene_src_cellular_location    ? 
_entity_src_gen.host_org_common_name               ? 
_entity_src_gen.pdbx_host_org_scientific_name      'Escherichia coli' 
_entity_src_gen.pdbx_host_org_ncbi_taxonomy_id     562 
_entity_src_gen.host_org_genus                     Escherichia 
_entity_src_gen.pdbx_host_org_gene                 ? 
_entity_src_gen.pdbx_host_org_organ                ? 
_entity_src_gen.host_org_species                   ? 
_entity_src_gen.pdbx_host_org_tissue               ? 
_entity_src_gen.pdbx_host_org_tissue_fraction      ? 
_entity_src_gen.pdbx_host_org_strain               'BL21-CodonPlus(DE3)-RIL' 
_entity_src_gen.pdbx_host_org_variant              ? 
_entity_src_gen.pdbx_host_org_cell_line            ? 
_entity_src_gen.pdbx_host_org_atcc                 ? 
_entity_src_gen.pdbx_host_org_culture_collection   ? 
_entity_src_gen.pdbx_host_org_cell                 ? 
_entity_src_gen.pdbx_host_org_organelle            ? 
_entity_src_gen.pdbx_host_org_cellular_location    ? 
_entity_src_gen.pdbx_host_org_vector_type          plasmid 
_entity_src_gen.pdbx_host_org_vector               ? 
_entity_src_gen.host_org_details                   ? 
_entity_src_gen.expression_system_id               ? 
_entity_src_gen.plasmid_name                       pET-21a 
_entity_src_gen.plasmid_details                    ? 
_entity_src_gen.pdbx_description                   ? 
# 
_struct_ref.id                         1 
_struct_ref.db_name                    UNP 
_struct_ref.db_code                    GLNB_AQUAE 
_struct_ref.pdbx_db_accession          O66513 
_struct_ref.entity_id                  1 
_struct_ref.pdbx_seq_one_letter_code   
;MKKIEAIIKPFKLDEVKDALVEIGIGGMTVTEVKGFGQQKGHTEIYRGTEYVIDFLPKVKIEVVVRDEDVEKVVETIVKT
AQTGRVGDGKIFIIPVEDVIRIRTGERGEQAI
;
_struct_ref.pdbx_align_begin           1 
_struct_ref.pdbx_db_isoform            ? 
# 
_struct_ref_seq.align_id                      1 
_struct_ref_seq.ref_id                        1 
_struct_ref_seq.pdbx_PDB_id_code              2EG2 
_struct_ref_seq.pdbx_strand_id                A 
_struct_ref_seq.seq_align_beg                 1 
_struct_ref_seq.pdbx_seq_align_beg_ins_code   ? 
_struct_ref_seq.seq_align_end                 112 
_struct_ref_seq.pdbx_seq_align_end_ins_code   ? 
_struct_ref_seq.pdbx_db_accession             O66513 
_struct_ref_seq.db_align_beg                  1 
_struct_ref_seq.pdbx_db_align_beg_ins_code    ? 
_struct_ref_seq.db_align_end                  112 
_struct_ref_seq.pdbx_db_align_end_ins_code    ? 
_struct_ref_seq.pdbx_auth_seq_align_beg       1 
_struct_ref_seq.pdbx_auth_seq_align_end       112 
# 
loop_
_chem_comp.id 
_chem_comp.type 
_chem_comp.mon_nstd_flag 
_chem_comp.name 
_chem_comp.pdbx_synonyms 
_chem_comp.formula 
_chem_comp.formula_weight 
ALA 'L-peptide linking' y ALANINE                     ? 'C3 H7 N O2'        89.093  
ARG 'L-peptide linking' y ARGININE                    ? 'C6 H15 N4 O2 1'    175.209 
ASP 'L-peptide linking' y 'ASPARTIC ACID'             ? 'C4 H7 N O4'        133.103 
ATP non-polymer         . "ADENOSINE-5'-TRIPHOSPHATE" ? 'C10 H16 N5 O13 P3' 507.181 
CL  non-polymer         . 'CHLORIDE ION'              ? 'Cl -1'             35.453  
GLN 'L-peptide linking' y GLUTAMINE                   ? 'C5 H10 N2 O3'      146.144 
GLU 'L-peptide linking' y 'GLUTAMIC ACID'             ? 'C5 H9 N O4'        147.129 
GLY 'peptide linking'   y GLYCINE                     ? 'C2 H5 N O2'        75.067  
HIS 'L-peptide linking' y HISTIDINE                   ? 'C6 H10 N3 O2 1'    156.162 
HOH non-polymer         . WATER                       ? 'H2 O'              18.015  
ILE 'L-peptide linking' y ISOLEUCINE                  ? 'C6 H13 N O2'       131.173 
LEU 'L-peptide linking' y LEUCINE                     ? 'C6 H13 N O2'       131.173 
LYS 'L-peptide linking' y LYSINE                      ? 'C6 H15 N2 O2 1'    147.195 
MET 'L-peptide linking' y METHIONINE                  ? 'C5 H11 N O2 S'     149.211 
PHE 'L-peptide linking' y PHENYLALANINE               ? 'C9 H11 N O2'       165.189 
PRO 'L-peptide linking' y PROLINE                     ? 'C5 H9 N O2'        115.130 
THR 'L-peptide linking' y THREONINE                   ? 'C4 H9 N O3'        119.119 
TYR 'L-peptide linking' y TYROSINE                    ? 'C9 H11 N O3'       181.189 
VAL 'L-peptide linking' y VALINE                      ? 'C5 H11 N O2'       117.146 
# 
_exptl.entry_id          2EG2 
_exptl.method            'X-RAY DIFFRACTION' 
_exptl.crystals_number   1 
# 
_exptl_crystal.id                    1 
_exptl_crystal.density_meas          ? 
_exptl_crystal.density_Matthews      1.83 
_exptl_crystal.density_percent_sol   32.88 
_exptl_crystal.description           ? 
_exptl_crystal.F_000                 ? 
_exptl_crystal.preparation           ? 
# 
_exptl_crystal_grow.crystal_id      1 
_exptl_crystal_grow.method          ? 
_exptl_crystal_grow.temp            291 
_exptl_crystal_grow.temp_details    ? 
_exptl_crystal_grow.pH              4.6 
_exptl_crystal_grow.pdbx_details    
'ammonium acetate, sodium acetate trihydrate, PEG4000, glycerol anhydrous, pH4.6, microbatch  method, temperature 291K' 
_exptl_crystal_grow.pdbx_pH_range   . 
# 
_diffrn.id                     1 
_diffrn.ambient_temp           100 
_diffrn.ambient_temp_details   ? 
_diffrn.crystal_id             1 
# 
_diffrn_detector.diffrn_id              1 
_diffrn_detector.detector               'IMAGE PLATE' 
_diffrn_detector.type                   'RIGAKU RAXIS V' 
_diffrn_detector.pdbx_collection_date   2006-12-13 
_diffrn_detector.details                'DIAMOND TRICHROMATOR' 
# 
_diffrn_radiation.diffrn_id                        1 
_diffrn_radiation.wavelength_id                    1 
_diffrn_radiation.pdbx_monochromatic_or_laue_m_l   M 
_diffrn_radiation.monochromator                    ? 
_diffrn_radiation.pdbx_diffrn_protocol             'SINGLE WAVELENGTH' 
_diffrn_radiation.pdbx_scattering_type             x-ray 
# 
_diffrn_radiation_wavelength.id           1 
_diffrn_radiation_wavelength.wavelength   1.0 
_diffrn_radiation_wavelength.wt           1.0 
# 
_diffrn_source.diffrn_id                   1 
_diffrn_source.source                      SYNCHROTRON 
_diffrn_source.type                        'SPRING-8 BEAMLINE BL45XU' 
_diffrn_source.pdbx_synchrotron_site       SPring-8 
_diffrn_source.pdbx_synchrotron_beamline   BL45XU 
_diffrn_source.pdbx_wavelength             ? 
_diffrn_source.pdbx_wavelength_list        1.0 
# 
_reflns.entry_id                     2EG2 
_reflns.observed_criterion_sigma_I   -3 
_reflns.observed_criterion_sigma_F   0 
_reflns.d_resolution_low             100 
_reflns.d_resolution_high            1.72 
_reflns.number_obs                   9892 
_reflns.number_all                   ? 
_reflns.percent_possible_obs         99.9 
_reflns.pdbx_Rmerge_I_obs            0.1 
_reflns.pdbx_Rsym_value              0.1 
_reflns.pdbx_netI_over_sigmaI        29.7 
_reflns.B_iso_Wilson_estimate        18.2 
_reflns.pdbx_redundancy              14.7 
_reflns.R_free_details               ? 
_reflns.limit_h_max                  ? 
_reflns.limit_h_min                  ? 
_reflns.limit_k_max                  ? 
_reflns.limit_k_min                  ? 
_reflns.limit_l_max                  ? 
_reflns.limit_l_min                  ? 
_reflns.observed_criterion_F_max     ? 
_reflns.observed_criterion_F_min     ? 
_reflns.pdbx_chi_squared             ? 
_reflns.pdbx_scaling_rejects         ? 
_reflns.pdbx_ordinal                 1 
_reflns.pdbx_diffrn_id               1 
# 
_reflns_shell.d_res_high             1.72 
_reflns_shell.d_res_low              1.78 
_reflns_shell.percent_possible_all   100 
_reflns_shell.Rmerge_I_obs           0.292 
_reflns_shell.pdbx_Rsym_value        0.292 
_reflns_shell.meanI_over_sigI_obs    8.77 
_reflns_shell.pdbx_redundancy        14.4 
_reflns_shell.percent_possible_obs   ? 
_reflns_shell.number_unique_all      976 
_reflns_shell.number_measured_all    ? 
_reflns_shell.number_measured_obs    ? 
_reflns_shell.number_unique_obs      ? 
_reflns_shell.pdbx_chi_squared       ? 
_reflns_shell.pdbx_ordinal           1 
_reflns_shell.pdbx_diffrn_id         1 
# 
_refine.entry_id                                 2EG2 
_refine.ls_number_reflns_obs                     9862 
_refine.ls_number_reflns_all                     ? 
_refine.pdbx_ls_sigma_I                          ? 
_refine.pdbx_ls_sigma_F                          0.0 
_refine.pdbx_data_cutoff_high_absF               312811.44 
_refine.pdbx_data_cutoff_low_absF                0.000000 
_refine.pdbx_data_cutoff_high_rms_absF           ? 
_refine.ls_d_res_low                             33.46 
_refine.ls_d_res_high                            1.72 
_refine.ls_percent_reflns_obs                    99.6 
_refine.ls_R_factor_obs                          0.194 
_refine.ls_R_factor_all                          ? 
_refine.ls_R_factor_R_work                       0.194 
_refine.ls_R_factor_R_free                       0.228 
_refine.ls_R_factor_R_free_error                 0.010 
_refine.ls_R_factor_R_free_error_details         ? 
_refine.ls_percent_reflns_R_free                 5.3 
_refine.ls_number_reflns_R_free                  522 
_refine.ls_number_parameters                     ? 
_refine.ls_number_restraints                     ? 
_refine.occupancy_min                            ? 
_refine.occupancy_max                            ? 
_refine.correlation_coeff_Fo_to_Fc               ? 
_refine.correlation_coeff_Fo_to_Fc_free          ? 
_refine.B_iso_mean                               23.4 
_refine.aniso_B[1][1]                            0.00 
_refine.aniso_B[2][2]                            0.00 
_refine.aniso_B[3][3]                            0.00 
_refine.aniso_B[1][2]                            0.00 
_refine.aniso_B[1][3]                            0.00 
_refine.aniso_B[2][3]                            0.00 
_refine.solvent_model_details                    'FLAT MODEL' 
_refine.solvent_model_param_ksol                 0.366167 
_refine.solvent_model_param_bsol                 50.8403 
_refine.pdbx_solvent_vdw_probe_radii             ? 
_refine.pdbx_solvent_ion_probe_radii             ? 
_refine.pdbx_solvent_shrinkage_radii             ? 
_refine.pdbx_ls_cross_valid_method               THROUGHOUT 
_refine.details                                  ? 
_refine.pdbx_starting_model                      'PDB ENTRY 2EG1' 
_refine.pdbx_method_to_determine_struct          'MOLECULAR REPLACEMENT' 
_refine.pdbx_isotropic_thermal_model             RESTRAINED 
_refine.pdbx_stereochemistry_target_values       'Engh & Huber' 
_refine.pdbx_stereochem_target_val_spec_case     ? 
_refine.pdbx_R_Free_selection_details            RANDOM 
_refine.pdbx_overall_ESU_R                       ? 
_refine.pdbx_overall_ESU_R_Free                  ? 
_refine.overall_SU_ML                            ? 
_refine.overall_SU_B                             ? 
_refine.ls_redundancy_reflns_obs                 ? 
_refine.B_iso_min                                ? 
_refine.B_iso_max                                ? 
_refine.overall_SU_R_Cruickshank_DPI             ? 
_refine.overall_SU_R_free                        ? 
_refine.ls_wR_factor_R_free                      ? 
_refine.ls_wR_factor_R_work                      ? 
_refine.overall_FOM_free_R_set                   ? 
_refine.overall_FOM_work_R_set                   ? 
_refine.pdbx_overall_phase_error                 ? 
_refine.pdbx_refine_id                           'X-RAY DIFFRACTION' 
_refine.pdbx_diffrn_id                           1 
_refine.pdbx_TLS_residual_ADP_flag               ? 
_refine.pdbx_overall_SU_R_free_Cruickshank_DPI   ? 
_refine.pdbx_overall_SU_R_Blow_DPI               ? 
_refine.pdbx_overall_SU_R_free_Blow_DPI          ? 
# 
_refine_analyze.entry_id                        2EG2 
_refine_analyze.Luzzati_coordinate_error_obs    0.18 
_refine_analyze.Luzzati_sigma_a_obs             0.08 
_refine_analyze.Luzzati_d_res_low_obs           5.00 
_refine_analyze.Luzzati_coordinate_error_free   0.23 
_refine_analyze.Luzzati_sigma_a_free            0.13 
_refine_analyze.Luzzati_d_res_low_free          ? 
_refine_analyze.number_disordered_residues      ? 
_refine_analyze.occupancy_sum_hydrogen          ? 
_refine_analyze.occupancy_sum_non_hydrogen      ? 
_refine_analyze.pdbx_Luzzati_d_res_high_obs     ? 
_refine_analyze.pdbx_refine_id                  'X-RAY DIFFRACTION' 
# 
_refine_hist.pdbx_refine_id                   'X-RAY DIFFRACTION' 
_refine_hist.cycle_id                         LAST 
_refine_hist.pdbx_number_atoms_protein        740 
_refine_hist.pdbx_number_atoms_nucleic_acid   0 
_refine_hist.pdbx_number_atoms_ligand         32 
_refine_hist.number_atoms_solvent             89 
_refine_hist.number_atoms_total               861 
_refine_hist.d_res_high                       1.72 
_refine_hist.d_res_low                        33.46 
# 
loop_
_refine_ls_restr.type 
_refine_ls_restr.dev_ideal 
_refine_ls_restr.dev_ideal_target 
_refine_ls_restr.weight 
_refine_ls_restr.number 
_refine_ls_restr.pdbx_refine_id 
_refine_ls_restr.pdbx_restraint_function 
c_bond_d                0.011 ?    ? ? 'X-RAY DIFFRACTION' ? 
c_bond_d_na             ?     ?    ? ? 'X-RAY DIFFRACTION' ? 
c_bond_d_prot           ?     ?    ? ? 'X-RAY DIFFRACTION' ? 
c_angle_d               ?     ?    ? ? 'X-RAY DIFFRACTION' ? 
c_angle_d_na            ?     ?    ? ? 'X-RAY DIFFRACTION' ? 
c_angle_d_prot          ?     ?    ? ? 'X-RAY DIFFRACTION' ? 
c_angle_deg             1.7   ?    ? ? 'X-RAY DIFFRACTION' ? 
c_angle_deg_na          ?     ?    ? ? 'X-RAY DIFFRACTION' ? 
c_angle_deg_prot        ?     ?    ? ? 'X-RAY DIFFRACTION' ? 
c_dihedral_angle_d      26.0  ?    ? ? 'X-RAY DIFFRACTION' ? 
c_dihedral_angle_d_na   ?     ?    ? ? 'X-RAY DIFFRACTION' ? 
c_dihedral_angle_d_prot ?     ?    ? ? 'X-RAY DIFFRACTION' ? 
c_improper_angle_d      0.90  ?    ? ? 'X-RAY DIFFRACTION' ? 
c_improper_angle_d_na   ?     ?    ? ? 'X-RAY DIFFRACTION' ? 
c_improper_angle_d_prot ?     ?    ? ? 'X-RAY DIFFRACTION' ? 
c_mcbond_it             1.98  1.50 ? ? 'X-RAY DIFFRACTION' ? 
c_mcangle_it            2.94  2.00 ? ? 'X-RAY DIFFRACTION' ? 
c_scbond_it             3.42  2.00 ? ? 'X-RAY DIFFRACTION' ? 
c_scangle_it            4.93  2.50 ? ? 'X-RAY DIFFRACTION' ? 
# 
_refine_ls_shell.pdbx_total_number_of_bins_used   6 
_refine_ls_shell.d_res_high                       1.72 
_refine_ls_shell.d_res_low                        1.83 
_refine_ls_shell.number_reflns_R_work             1517 
_refine_ls_shell.R_factor_R_work                  0.206 
_refine_ls_shell.percent_reflns_obs               98.9 
_refine_ls_shell.R_factor_R_free                  0.26 
_refine_ls_shell.R_factor_R_free_error            0.029 
_refine_ls_shell.percent_reflns_R_free            5.1 
_refine_ls_shell.number_reflns_R_free             82 
_refine_ls_shell.number_reflns_all                ? 
_refine_ls_shell.R_factor_all                     ? 
_refine_ls_shell.number_reflns_obs                ? 
_refine_ls_shell.redundancy_reflns_obs            ? 
_refine_ls_shell.pdbx_refine_id                   'X-RAY DIFFRACTION' 
# 
loop_
_pdbx_xplor_file.serial_no 
_pdbx_xplor_file.param_file 
_pdbx_xplor_file.topol_file 
_pdbx_xplor_file.pdbx_refine_id 
1 protein_rep.param protein.top 'X-RAY DIFFRACTION' 
2 ion.param         ion.top     'X-RAY DIFFRACTION' 
3 water_rep.param   water.top   'X-RAY DIFFRACTION' 
4 ATP.PAR           ATP.TOP     'X-RAY DIFFRACTION' 
# 
_struct.entry_id                  2EG2 
_struct.title                     'The crystal structure of PII protein' 
_struct.pdbx_model_details        ? 
_struct.pdbx_CASP_flag            ? 
_struct.pdbx_model_type_details   ? 
# 
_struct_keywords.entry_id        2EG2 
_struct_keywords.pdbx_keywords   'SIGNALING PROTEIN' 
_struct_keywords.text            
;Nitrogen regulatory protein, Structural Genomics, NPPSFA, National Project on Protein Structural and Functional Analyses, RIKEN Structural Genomics/Proteomics Initiative, RSGI, SIGNALING PROTEIN
;
# 
loop_
_struct_asym.id 
_struct_asym.pdbx_blank_PDB_chainid_flag 
_struct_asym.pdbx_modified 
_struct_asym.entity_id 
_struct_asym.details 
A N N 1 ? 
B N N 2 ? 
C N N 3 ? 
D N N 4 ? 
# 
_struct_biol.id        1 
_struct_biol.details   ? 
# 
loop_
_struct_conf.conf_type_id 
_struct_conf.id 
_struct_conf.pdbx_PDB_helix_id 
_struct_conf.beg_label_comp_id 
_struct_conf.beg_label_asym_id 
_struct_conf.beg_label_seq_id 
_struct_conf.pdbx_beg_PDB_ins_code 
_struct_conf.end_label_comp_id 
_struct_conf.end_label_asym_id 
_struct_conf.end_label_seq_id 
_struct_conf.pdbx_end_PDB_ins_code 
_struct_conf.beg_auth_comp_id 
_struct_conf.beg_auth_asym_id 
_struct_conf.beg_auth_seq_id 
_struct_conf.end_auth_comp_id 
_struct_conf.end_auth_asym_id 
_struct_conf.end_auth_seq_id 
_struct_conf.pdbx_PDB_helix_class 
_struct_conf.details 
_struct_conf.pdbx_PDB_helix_length 
HELX_P HELX_P1 1 LYS A 9   ? PHE A 11  ? LYS A 9   PHE A 11  5 ? 3  
HELX_P HELX_P2 2 LYS A 12  ? ILE A 23  ? LYS A 12  ILE A 23  1 ? 12 
HELX_P HELX_P3 3 ARG A 66  ? GLU A 68  ? ARG A 66  GLU A 68  5 ? 3  
HELX_P HELX_P4 4 ASP A 69  ? GLN A 82  ? ASP A 69  GLN A 82  1 ? 14 
HELX_P HELX_P5 5 ARG A 107 ? ALA A 111 ? ARG A 107 ALA A 111 5 ? 5  
# 
_struct_conf_type.id          HELX_P 
_struct_conf_type.criteria    ? 
_struct_conf_type.reference   ? 
# 
_struct_sheet.id               A 
_struct_sheet.type             ? 
_struct_sheet.number_strands   4 
_struct_sheet.details          ? 
# 
loop_
_struct_sheet_order.sheet_id 
_struct_sheet_order.range_id_1 
_struct_sheet_order.range_id_2 
_struct_sheet_order.offset 
_struct_sheet_order.sense 
A 1 2 ? anti-parallel 
A 2 3 ? anti-parallel 
A 3 4 ? anti-parallel 
# 
loop_
_struct_sheet_range.sheet_id 
_struct_sheet_range.id 
_struct_sheet_range.beg_label_comp_id 
_struct_sheet_range.beg_label_asym_id 
_struct_sheet_range.beg_label_seq_id 
_struct_sheet_range.pdbx_beg_PDB_ins_code 
_struct_sheet_range.end_label_comp_id 
_struct_sheet_range.end_label_asym_id 
_struct_sheet_range.end_label_seq_id 
_struct_sheet_range.pdbx_end_PDB_ins_code 
_struct_sheet_range.beg_auth_comp_id 
_struct_sheet_range.beg_auth_asym_id 
_struct_sheet_range.beg_auth_seq_id 
_struct_sheet_range.end_auth_comp_id 
_struct_sheet_range.end_auth_asym_id 
_struct_sheet_range.end_auth_seq_id 
A 1 THR A 29 ? GLY A 35 ? THR A 29 GLY A 35 
A 2 LEU A 56 ? VAL A 65 ? LEU A 56 VAL A 65 
A 3 LYS A 2  ? ILE A 8  ? LYS A 2  ILE A 8  
A 4 LYS A 90 ? PRO A 95 ? LYS A 90 PRO A 95 
# 
loop_
_pdbx_struct_sheet_hbond.sheet_id 
_pdbx_struct_sheet_hbond.range_id_1 
_pdbx_struct_sheet_hbond.range_id_2 
_pdbx_struct_sheet_hbond.range_1_label_atom_id 
_pdbx_struct_sheet_hbond.range_1_label_comp_id 
_pdbx_struct_sheet_hbond.range_1_label_asym_id 
_pdbx_struct_sheet_hbond.range_1_label_seq_id 
_pdbx_struct_sheet_hbond.range_1_PDB_ins_code 
_pdbx_struct_sheet_hbond.range_1_auth_atom_id 
_pdbx_struct_sheet_hbond.range_1_auth_comp_id 
_pdbx_struct_sheet_hbond.range_1_auth_asym_id 
_pdbx_struct_sheet_hbond.range_1_auth_seq_id 
_pdbx_struct_sheet_hbond.range_2_label_atom_id 
_pdbx_struct_sheet_hbond.range_2_label_comp_id 
_pdbx_struct_sheet_hbond.range_2_label_asym_id 
_pdbx_struct_sheet_hbond.range_2_label_seq_id 
_pdbx_struct_sheet_hbond.range_2_PDB_ins_code 
_pdbx_struct_sheet_hbond.range_2_auth_atom_id 
_pdbx_struct_sheet_hbond.range_2_auth_comp_id 
_pdbx_struct_sheet_hbond.range_2_auth_asym_id 
_pdbx_struct_sheet_hbond.range_2_auth_seq_id 
A 1 2 N THR A 31 ? N THR A 31 O LYS A 60 ? O LYS A 60 
A 2 3 O VAL A 63 ? O VAL A 63 N ILE A 4  ? N ILE A 4  
A 3 4 N LYS A 3  ? N LYS A 3  O ILE A 94 ? O ILE A 94 
# 
loop_
_struct_site.id 
_struct_site.pdbx_evidence_code 
_struct_site.pdbx_auth_asym_id 
_struct_site.pdbx_auth_comp_id 
_struct_site.pdbx_auth_seq_id 
_struct_site.pdbx_auth_ins_code 
_struct_site.pdbx_num_residues 
_struct_site.details 
AC1 Software A CL  601 ? 1  'BINDING SITE FOR RESIDUE CL A 601'  
AC2 Software A ATP 501 ? 18 'BINDING SITE FOR RESIDUE ATP A 501' 
# 
loop_
_struct_site_gen.id 
_struct_site_gen.site_id 
_struct_site_gen.pdbx_num_res 
_struct_site_gen.label_comp_id 
_struct_site_gen.label_asym_id 
_struct_site_gen.label_seq_id 
_struct_site_gen.pdbx_auth_ins_code 
_struct_site_gen.auth_comp_id 
_struct_site_gen.auth_asym_id 
_struct_site_gen.auth_seq_id 
_struct_site_gen.label_atom_id 
_struct_site_gen.label_alt_id 
_struct_site_gen.symmetry 
_struct_site_gen.details 
1  AC1 1  LYS A 3   ? LYS A 3   . ? 1_555 ? 
2  AC2 18 ILE A 7   ? ILE A 7   . ? 1_555 ? 
3  AC2 18 GLY A 27  ? GLY A 27  . ? 9_555 ? 
4  AC2 18 MET A 28  ? MET A 28  . ? 9_555 ? 
5  AC2 18 THR A 29  ? THR A 29  . ? 9_555 ? 
6  AC2 18 GLY A 35  ? GLY A 35  . ? 1_555 ? 
7  AC2 18 PHE A 36  ? PHE A 36  . ? 1_555 ? 
8  AC2 18 LYS A 58  ? LYS A 58  . ? 1_555 ? 
9  AC2 18 GLU A 62  ? GLU A 62  . ? 9_555 ? 
10 AC2 18 GLY A 87  ? GLY A 87  . ? 1_555 ? 
11 AC2 18 ASP A 88  ? ASP A 88  . ? 1_555 ? 
12 AC2 18 GLY A 89  ? GLY A 89  . ? 1_555 ? 
13 AC2 18 LYS A 90  ? LYS A 90  . ? 1_555 ? 
14 AC2 18 ARG A 101 ? ARG A 101 . ? 9_555 ? 
15 AC2 18 ARG A 103 ? ARG A 103 . ? 9_555 ? 
16 AC2 18 HOH D .   ? HOH A 604 . ? 1_555 ? 
17 AC2 18 HOH D .   ? HOH A 632 . ? 1_555 ? 
18 AC2 18 HOH D .   ? HOH A 634 . ? 1_555 ? 
19 AC2 18 HOH D .   ? HOH A 654 . ? 1_555 ? 
# 
_atom_sites.entry_id                    2EG2 
_atom_sites.fract_transf_matrix[1][1]   0.00294347 
_atom_sites.fract_transf_matrix[1][2]   -0.00924316 
_atom_sites.fract_transf_matrix[1][3]   0.00740030 
_atom_sites.fract_transf_matrix[2][1]   -0.01042541 
_atom_sites.fract_transf_matrix[2][2]   -0.00563829 
_atom_sites.fract_transf_matrix[2][3]   -0.00289566 
_atom_sites.fract_transf_matrix[3][1]   0.00561348 
_atom_sites.fract_transf_matrix[3][2]   -0.00562478 
_atom_sites.fract_transf_matrix[3][3]   -0.00925825 
_atom_sites.fract_transf_vector[1]      0.073228 
_atom_sites.fract_transf_vector[2]      0.269238 
_atom_sites.fract_transf_vector[3]      0.182444 
# 
loop_
_atom_type.symbol 
C  
CL 
N  
O  
P  
S  
# 
loop_
_atom_site.group_PDB 
_atom_site.id 
_atom_site.type_symbol 
_atom_site.label_atom_id 
_atom_site.label_alt_id 
_atom_site.label_comp_id 
_atom_site.label_asym_id 
_atom_site.label_entity_id 
_atom_site.label_seq_id 
_atom_site.pdbx_PDB_ins_code 
_atom_site.Cartn_x 
_atom_site.Cartn_y 
_atom_site.Cartn_z 
_atom_site.occupancy 
_atom_site.B_iso_or_equiv 
_atom_site.pdbx_formal_charge 
_atom_site.auth_seq_id 
_atom_site.auth_comp_id 
_atom_site.auth_asym_id 
_atom_site.auth_atom_id 
_atom_site.pdbx_PDB_model_num 
ATOM   1   N  N     . MET A 1 1   ? 7.416   12.626  0.236   1.00 16.71 ? 1   MET A N     1 
ATOM   2   C  CA    . MET A 1 1   ? 7.028   11.219  -0.115  1.00 17.22 ? 1   MET A CA    1 
ATOM   3   C  C     . MET A 1 1   ? 6.598   10.487  1.148   1.00 13.09 ? 1   MET A C     1 
ATOM   4   O  O     . MET A 1 1   ? 7.086   10.789  2.238   1.00 12.70 ? 1   MET A O     1 
ATOM   5   C  CB    . MET A 1 1   ? 8.220   10.497  -0.741  1.00 21.40 ? 1   MET A CB    1 
ATOM   6   C  CG    . MET A 1 1   ? 9.102   11.449  -1.522  1.00 32.16 ? 1   MET A CG    1 
ATOM   7   S  SD    . MET A 1 1   ? 10.210  10.684  -2.670  1.00 41.15 ? 1   MET A SD    1 
ATOM   8   C  CE    . MET A 1 1   ? 9.553   11.387  -4.216  1.00 35.97 ? 1   MET A CE    1 
ATOM   9   N  N     . LYS A 1 2   ? 5.686   9.535   1.009   1.00 11.82 ? 2   LYS A N     1 
ATOM   10  C  CA    . LYS A 1 2   ? 5.239   8.767   2.175   1.00 10.79 ? 2   LYS A CA    1 
ATOM   11  C  C     . LYS A 1 2   ? 5.089   7.305   1.800   1.00 11.06 ? 2   LYS A C     1 
ATOM   12  O  O     . LYS A 1 2   ? 4.793   6.975   0.653   1.00 13.21 ? 2   LYS A O     1 
ATOM   13  C  CB    . LYS A 1 2   ? 3.858   9.233   2.697   1.00 11.62 ? 2   LYS A CB    1 
ATOM   14  C  CG    . LYS A 1 2   ? 3.693   10.736  2.945   1.00 13.13 ? 2   LYS A CG    1 
ATOM   15  C  CD    . LYS A 1 2   ? 4.506   11.222  4.116   1.00 12.96 ? 2   LYS A CD    1 
ATOM   16  C  CE    . LYS A 1 2   ? 4.409   12.767  4.225   1.00 18.79 ? 2   LYS A CE    1 
ATOM   17  N  NZ    . LYS A 1 2   ? 5.201   13.285  5.379   1.00 20.51 ? 2   LYS A NZ    1 
ATOM   18  N  N     . LYS A 1 3   ? 5.325   6.450   2.781   1.00 10.43 ? 3   LYS A N     1 
ATOM   19  C  CA    . LYS A 1 3   ? 5.127   5.002   2.626   1.00 10.14 ? 3   LYS A CA    1 
ATOM   20  C  C     . LYS A 1 3   ? 3.738   4.718   3.181   1.00 11.87 ? 3   LYS A C     1 
ATOM   21  O  O     . LYS A 1 3   ? 3.394   5.148   4.285   1.00 12.99 ? 3   LYS A O     1 
ATOM   22  C  CB    . LYS A 1 3   ? 6.152   4.229   3.461   1.00 9.90  ? 3   LYS A CB    1 
ATOM   23  C  CG    . LYS A 1 3   ? 5.901   2.736   3.538   1.00 14.12 ? 3   LYS A CG    1 
ATOM   24  C  CD    . LYS A 1 3   ? 7.079   2.141   4.338   1.00 16.10 ? 3   LYS A CD    1 
ATOM   25  C  CE    . LYS A 1 3   ? 6.737   0.836   4.973   1.00 20.80 ? 3   LYS A CE    1 
ATOM   26  N  NZ    . LYS A 1 3   ? 7.975   0.123   5.324   1.00 16.56 ? 3   LYS A NZ    1 
ATOM   27  N  N     . ILE A 1 4   ? 2.942   3.985   2.423   1.00 9.95  ? 4   ILE A N     1 
ATOM   28  C  CA    . ILE A 1 4   ? 1.606   3.637   2.868   1.00 11.11 ? 4   ILE A CA    1 
ATOM   29  C  C     . ILE A 1 4   ? 1.706   2.127   3.083   1.00 11.35 ? 4   ILE A C     1 
ATOM   30  O  O     . ILE A 1 4   ? 2.024   1.391   2.149   1.00 10.70 ? 4   ILE A O     1 
ATOM   31  C  CB    . ILE A 1 4   ? 0.562   3.989   1.789   1.00 12.58 ? 4   ILE A CB    1 
ATOM   32  C  CG1   . ILE A 1 4   ? 0.557   5.515   1.579   1.00 13.42 ? 4   ILE A CG1   1 
ATOM   33  C  CG2   . ILE A 1 4   ? -0.819  3.490   2.215   1.00 13.33 ? 4   ILE A CG2   1 
ATOM   34  C  CD1   . ILE A 1 4   ? -0.432  6.000   0.534   1.00 18.96 ? 4   ILE A CD1   1 
ATOM   35  N  N     . GLU A 1 5   ? 1.508   1.702   4.330   1.00 10.04 ? 5   GLU A N     1 
ATOM   36  C  CA    . GLU A 1 5   ? 1.575   0.278   4.709   1.00 10.90 ? 5   GLU A CA    1 
ATOM   37  C  C     . GLU A 1 5   ? 0.169   -0.126  5.109   1.00 13.40 ? 5   GLU A C     1 
ATOM   38  O  O     . GLU A 1 5   ? -0.376  0.401   6.077   1.00 14.17 ? 5   GLU A O     1 
ATOM   39  C  CB    . GLU A 1 5   ? 2.541   0.077   5.902   1.00 16.47 ? 5   GLU A CB    1 
ATOM   40  C  CG    . GLU A 1 5   ? 2.599   -1.375  6.440   1.00 15.52 ? 5   GLU A CG    1 
ATOM   41  C  CD    . GLU A 1 5   ? 3.485   -1.537  7.686   1.00 22.46 ? 5   GLU A CD    1 
ATOM   42  O  OE1   . GLU A 1 5   ? 4.163   -0.573  8.082   1.00 16.28 ? 5   GLU A OE1   1 
ATOM   43  O  OE2   . GLU A 1 5   ? 3.496   -2.646  8.287   1.00 22.25 ? 5   GLU A OE2   1 
ATOM   44  N  N     . ALA A 1 6   ? -0.405  -1.083  4.386   1.00 12.41 ? 6   ALA A N     1 
ATOM   45  C  CA    . ALA A 1 6   ? -1.766  -1.509  4.671   1.00 11.89 ? 6   ALA A CA    1 
ATOM   46  C  C     . ALA A 1 6   ? -1.773  -3.001  4.939   1.00 13.36 ? 6   ALA A C     1 
ATOM   47  O  O     . ALA A 1 6   ? -1.135  -3.767  4.203   1.00 13.53 ? 6   ALA A O     1 
ATOM   48  C  CB    . ALA A 1 6   ? -2.654  -1.195  3.477   1.00 16.18 ? 6   ALA A CB    1 
ATOM   49  N  N     . ILE A 1 7   ? -2.490  -3.406  5.975   1.00 10.46 ? 7   ILE A N     1 
ATOM   50  C  CA    . ILE A 1 7   ? -2.594  -4.832  6.302   1.00 11.35 ? 7   ILE A CA    1 
ATOM   51  C  C     . ILE A 1 7   ? -4.041  -5.180  5.930   1.00 12.76 ? 7   ILE A C     1 
ATOM   52  O  O     . ILE A 1 7   ? -4.978  -4.610  6.497   1.00 16.94 ? 7   ILE A O     1 
ATOM   53  C  CB    . ILE A 1 7   ? -2.372  -5.063  7.810   1.00 14.69 ? 7   ILE A CB    1 
ATOM   54  C  CG1   . ILE A 1 7   ? -1.044  -4.429  8.271   1.00 18.26 ? 7   ILE A CG1   1 
ATOM   55  C  CG2   . ILE A 1 7   ? -2.401  -6.562  8.106   1.00 13.51 ? 7   ILE A CG2   1 
ATOM   56  C  CD1   . ILE A 1 7   ? 0.170   -4.756  7.408   1.00 18.29 ? 7   ILE A CD1   1 
ATOM   57  N  N     . ILE A 1 8   ? -4.229  -6.106  4.985   1.00 13.80 ? 8   ILE A N     1 
ATOM   58  C  CA    . ILE A 1 8   ? -5.579  -6.452  4.523   1.00 13.29 ? 8   ILE A CA    1 
ATOM   59  C  C     . ILE A 1 8   ? -5.843  -7.951  4.517   1.00 12.22 ? 8   ILE A C     1 
ATOM   60  O  O     . ILE A 1 8   ? -4.908  -8.739  4.676   1.00 13.56 ? 8   ILE A O     1 
ATOM   61  C  CB    . ILE A 1 8   ? -5.790  -5.937  3.095   1.00 14.69 ? 8   ILE A CB    1 
ATOM   62  C  CG1   . ILE A 1 8   ? -4.814  -6.638  2.136   1.00 15.34 ? 8   ILE A CG1   1 
ATOM   63  C  CG2   . ILE A 1 8   ? -5.540  -4.411  3.068   1.00 15.36 ? 8   ILE A CG2   1 
ATOM   64  C  CD1   . ILE A 1 8   ? -5.127  -6.414  0.628   1.00 19.99 ? 8   ILE A CD1   1 
ATOM   65  N  N     . LYS A 1 9   ? -7.122  -8.324  4.368   1.00 14.60 ? 9   LYS A N     1 
ATOM   66  C  CA    . LYS A 1 9   ? -7.485  -9.740  4.264   1.00 16.28 ? 9   LYS A CA    1 
ATOM   67  C  C     . LYS A 1 9   ? -6.886  -10.250 2.939   1.00 15.82 ? 9   LYS A C     1 
ATOM   68  O  O     . LYS A 1 9   ? -6.919  -9.593  1.886   1.00 15.61 ? 9   LYS A O     1 
ATOM   69  C  CB    . LYS A 1 9   ? -9.012  -9.903  4.324   1.00 17.31 ? 9   LYS A CB    1 
ATOM   70  C  CG    . LYS A 1 9   ? -9.578  -9.566  5.703   1.00 20.75 ? 9   LYS A CG    1 
ATOM   71  C  CD    . LYS A 1 9   ? -11.122 -9.552  5.766   1.00 21.41 ? 9   LYS A CD    1 
ATOM   72  C  CE    . LYS A 1 9   ? -11.569 -9.465  7.230   1.00 26.16 ? 9   LYS A CE    1 
ATOM   73  N  NZ    . LYS A 1 9   ? -12.987 -9.022  7.404   1.00 30.03 ? 9   LYS A NZ    1 
ATOM   74  N  N     . PRO A 1 10  ? -6.275  -11.434 2.982   1.00 15.97 ? 10  PRO A N     1 
ATOM   75  C  CA    . PRO A 1 10  ? -5.642  -12.027 1.804   1.00 15.06 ? 10  PRO A CA    1 
ATOM   76  C  C     . PRO A 1 10  ? -6.476  -12.076 0.540   1.00 14.30 ? 10  PRO A C     1 
ATOM   77  O  O     . PRO A 1 10  ? -5.955  -11.811 -0.536  1.00 16.24 ? 10  PRO A O     1 
ATOM   78  C  CB    . PRO A 1 10  ? -5.250  -13.421 2.288   1.00 17.10 ? 10  PRO A CB    1 
ATOM   79  C  CG    . PRO A 1 10  ? -4.942  -13.162 3.746   1.00 19.74 ? 10  PRO A CG    1 
ATOM   80  C  CD    . PRO A 1 10  ? -6.087  -12.269 4.179   1.00 17.13 ? 10  PRO A CD    1 
ATOM   81  N  N     . PHE A 1 11  ? -7.760  -12.410 0.666   1.00 15.87 ? 11  PHE A N     1 
ATOM   82  C  CA    . PHE A 1 11  ? -8.591  -12.513 -0.537  1.00 20.29 ? 11  PHE A CA    1 
ATOM   83  C  C     . PHE A 1 11  ? -8.883  -11.172 -1.207  1.00 19.77 ? 11  PHE A C     1 
ATOM   84  O  O     . PHE A 1 11  ? -9.422  -11.129 -2.319  1.00 22.52 ? 11  PHE A O     1 
ATOM   85  C  CB    . PHE A 1 11  ? -9.920  -13.244 -0.250  1.00 21.87 ? 11  PHE A CB    1 
ATOM   86  C  CG    . PHE A 1 11  ? -10.911 -12.446 0.562   1.00 25.69 ? 11  PHE A CG    1 
ATOM   87  C  CD1   . PHE A 1 11  ? -10.949 -12.560 1.954   1.00 28.40 ? 11  PHE A CD1   1 
ATOM   88  C  CD2   . PHE A 1 11  ? -11.821 -11.604 -0.064  1.00 27.53 ? 11  PHE A CD2   1 
ATOM   89  C  CE1   . PHE A 1 11  ? -11.884 -11.847 2.710   1.00 26.91 ? 11  PHE A CE1   1 
ATOM   90  C  CE2   . PHE A 1 11  ? -12.759 -10.888 0.678   1.00 26.91 ? 11  PHE A CE2   1 
ATOM   91  C  CZ    . PHE A 1 11  ? -12.791 -11.010 2.066   1.00 28.30 ? 11  PHE A CZ    1 
ATOM   92  N  N     . LYS A 1 12  ? -8.525  -10.078 -0.541  1.00 19.65 ? 12  LYS A N     1 
ATOM   93  C  CA    . LYS A 1 12  ? -8.760  -8.757  -1.103  1.00 19.36 ? 12  LYS A CA    1 
ATOM   94  C  C     . LYS A 1 12  ? -7.571  -8.251  -1.918  1.00 19.45 ? 12  LYS A C     1 
ATOM   95  O  O     . LYS A 1 12  ? -7.661  -7.202  -2.560  1.00 17.75 ? 12  LYS A O     1 
ATOM   96  C  CB    . LYS A 1 12  ? -9.054  -7.758  0.017   1.00 19.47 ? 12  LYS A CB    1 
ATOM   97  C  CG    . LYS A 1 12  ? -10.459 -7.840  0.587   1.00 18.74 ? 12  LYS A CG    1 
ATOM   98  C  CD    . LYS A 1 12  ? -11.469 -7.411  -0.481  1.00 26.13 ? 12  LYS A CD    1 
ATOM   99  C  CE    . LYS A 1 12  ? -12.781 -6.935  0.119   1.00 28.54 ? 12  LYS A CE    1 
ATOM   100 N  NZ    . LYS A 1 12  ? -13.635 -6.331  -0.951  1.00 28.72 ? 12  LYS A NZ    1 
ATOM   101 N  N     . LEU A 1 13  ? -6.479  -9.006  -1.938  1.00 15.88 ? 13  LEU A N     1 
ATOM   102 C  CA    . LEU A 1 13  ? -5.284  -8.556  -2.627  1.00 14.83 ? 13  LEU A CA    1 
ATOM   103 C  C     . LEU A 1 13  ? -5.419  -8.230  -4.118  1.00 17.51 ? 13  LEU A C     1 
ATOM   104 O  O     . LEU A 1 13  ? -5.026  -7.154  -4.552  1.00 18.13 ? 13  LEU A O     1 
ATOM   105 C  CB    . LEU A 1 13  ? -4.143  -9.560  -2.431  1.00 17.94 ? 13  LEU A CB    1 
ATOM   106 C  CG    . LEU A 1 13  ? -2.879  -9.221  -3.226  1.00 15.00 ? 13  LEU A CG    1 
ATOM   107 C  CD1   . LEU A 1 13  ? -2.351  -7.826  -2.842  1.00 18.91 ? 13  LEU A CD1   1 
ATOM   108 C  CD2   . LEU A 1 13  ? -1.812  -10.300 -2.957  1.00 18.15 ? 13  LEU A CD2   1 
ATOM   109 N  N     . ASP A 1 14  ? -5.969  -9.137  -4.914  1.00 19.13 ? 14  ASP A N     1 
ATOM   110 C  CA    . ASP A 1 14  ? -6.080  -8.832  -6.343  1.00 22.96 ? 14  ASP A CA    1 
ATOM   111 C  C     . ASP A 1 14  ? -6.926  -7.588  -6.604  1.00 20.80 ? 14  ASP A C     1 
ATOM   112 O  O     . ASP A 1 14  ? -6.547  -6.744  -7.414  1.00 21.58 ? 14  ASP A O     1 
ATOM   113 C  CB    . ASP A 1 14  ? -6.653  -10.016 -7.123  1.00 25.32 ? 14  ASP A CB    1 
ATOM   114 C  CG    . ASP A 1 14  ? -5.714  -11.189 -7.159  1.00 31.91 ? 14  ASP A CG    1 
ATOM   115 O  OD1   . ASP A 1 14  ? -4.497  -10.980 -6.989  1.00 37.13 ? 14  ASP A OD1   1 
ATOM   116 O  OD2   . ASP A 1 14  ? -6.188  -12.320 -7.367  1.00 37.58 ? 14  ASP A OD2   1 
ATOM   117 N  N     . GLU A 1 15  ? -8.047  -7.465  -5.906  1.00 19.96 ? 15  GLU A N     1 
ATOM   118 C  CA    . GLU A 1 15  ? -8.923  -6.292  -6.068  1.00 20.54 ? 15  GLU A CA    1 
ATOM   119 C  C     . GLU A 1 15  ? -8.205  -4.994  -5.704  1.00 20.71 ? 15  GLU A C     1 
ATOM   120 O  O     . GLU A 1 15  ? -8.291  -4.002  -6.426  1.00 19.18 ? 15  GLU A O     1 
ATOM   121 C  CB    . GLU A 1 15  ? -10.156 -6.419  -5.190  1.00 21.98 ? 15  GLU A CB    1 
ATOM   122 C  CG    . GLU A 1 15  ? -11.139 -7.488  -5.606  1.00 32.01 ? 15  GLU A CG    1 
ATOM   123 C  CD    . GLU A 1 15  ? -12.150 -7.759  -4.503  1.00 32.89 ? 15  GLU A CD    1 
ATOM   124 O  OE1   . GLU A 1 15  ? -12.798 -6.789  -4.045  1.00 35.38 ? 15  GLU A OE1   1 
ATOM   125 O  OE2   . GLU A 1 15  ? -12.276 -8.939  -4.092  1.00 36.70 ? 15  GLU A OE2   1 
ATOM   126 N  N     . VAL A 1 16  ? -7.508  -5.000  -4.573  1.00 17.96 ? 16  VAL A N     1 
ATOM   127 C  CA    . VAL A 1 16  ? -6.787  -3.810  -4.142  1.00 18.70 ? 16  VAL A CA    1 
ATOM   128 C  C     . VAL A 1 16  ? -5.663  -3.480  -5.117  1.00 15.94 ? 16  VAL A C     1 
ATOM   129 O  O     . VAL A 1 16  ? -5.465  -2.308  -5.464  1.00 17.40 ? 16  VAL A O     1 
ATOM   130 C  CB    . VAL A 1 16  ? -6.208  -3.992  -2.703  1.00 14.80 ? 16  VAL A CB    1 
ATOM   131 C  CG1   . VAL A 1 16  ? -5.326  -2.808  -2.335  1.00 17.51 ? 16  VAL A CG1   1 
ATOM   132 C  CG2   . VAL A 1 16  ? -7.354  -4.073  -1.699  1.00 17.79 ? 16  VAL A CG2   1 
ATOM   133 N  N     . LYS A 1 17  ? -4.924  -4.496  -5.573  1.00 15.37 ? 17  LYS A N     1 
ATOM   134 C  CA    . LYS A 1 17  ? -3.837  -4.279  -6.523  1.00 16.04 ? 17  LYS A CA    1 
ATOM   135 C  C     . LYS A 1 17  ? -4.381  -3.655  -7.827  1.00 16.40 ? 17  LYS A C     1 
ATOM   136 O  O     . LYS A 1 17  ? -3.820  -2.689  -8.355  1.00 17.20 ? 17  LYS A O     1 
ATOM   137 C  CB    . LYS A 1 17  ? -3.136  -5.610  -6.846  1.00 16.70 ? 17  LYS A CB    1 
ATOM   138 C  CG    . LYS A 1 17  ? -1.972  -5.466  -7.821  1.00 23.14 ? 17  LYS A CG    1 
ATOM   139 C  CD    . LYS A 1 17  ? -2.212  -6.247  -9.095  1.00 31.28 ? 17  LYS A CD    1 
ATOM   140 C  CE    . LYS A 1 17  ? -2.526  -7.710  -8.819  1.00 36.19 ? 17  LYS A CE    1 
ATOM   141 N  NZ    . LYS A 1 17  ? -3.006  -8.420  -10.048 1.00 38.74 ? 17  LYS A NZ    1 
ATOM   142 N  N     . ASP A 1 18  ? -5.484  -4.206  -8.321  1.00 18.21 ? 18  ASP A N     1 
ATOM   143 C  CA    . ASP A 1 18  ? -6.088  -3.709  -9.550  1.00 19.26 ? 18  ASP A CA    1 
ATOM   144 C  C     . ASP A 1 18  ? -6.539  -2.261  -9.379  1.00 18.27 ? 18  ASP A C     1 
ATOM   145 O  O     . ASP A 1 18  ? -6.291  -1.421  -10.251 1.00 17.69 ? 18  ASP A O     1 
ATOM   146 C  CB    . ASP A 1 18  ? -7.270  -4.588  -9.952  1.00 23.43 ? 18  ASP A CB    1 
ATOM   147 C  CG    . ASP A 1 18  ? -6.835  -5.925  -10.527 1.00 27.37 ? 18  ASP A CG    1 
ATOM   148 O  OD1   . ASP A 1 18  ? -5.656  -6.054  -10.915 1.00 26.00 ? 18  ASP A OD1   1 
ATOM   149 O  OD2   . ASP A 1 18  ? -7.683  -6.843  -10.602 1.00 31.19 ? 18  ASP A OD2   1 
ATOM   150 N  N     . ALA A 1 19  ? -7.174  -1.968  -8.249  1.00 17.34 ? 19  ALA A N     1 
ATOM   151 C  CA    . ALA A 1 19  ? -7.646  -0.605  -7.962  1.00 19.50 ? 19  ALA A CA    1 
ATOM   152 C  C     . ALA A 1 19  ? -6.481  0.395   -7.879  1.00 19.72 ? 19  ALA A C     1 
ATOM   153 O  O     . ALA A 1 19  ? -6.597  1.542   -8.333  1.00 18.63 ? 19  ALA A O     1 
ATOM   154 C  CB    . ALA A 1 19  ? -8.462  -0.590  -6.646  1.00 19.15 ? 19  ALA A CB    1 
ATOM   155 N  N     . LEU A 1 20  ? -5.356  -0.023  -7.291  1.00 14.38 ? 20  LEU A N     1 
ATOM   156 C  CA    . LEU A 1 20  ? -4.212  0.855   -7.167  1.00 17.35 ? 20  LEU A CA    1 
ATOM   157 C  C     . LEU A 1 20  ? -3.553  1.091   -8.516  1.00 18.04 ? 20  LEU A C     1 
ATOM   158 O  O     . LEU A 1 20  ? -3.115  2.197   -8.799  1.00 16.27 ? 20  LEU A O     1 
ATOM   159 C  CB    . LEU A 1 20  ? -3.185  0.283   -6.175  1.00 18.96 ? 20  LEU A CB    1 
ATOM   160 C  CG    . LEU A 1 20  ? -3.660  0.304   -4.710  1.00 18.74 ? 20  LEU A CG    1 
ATOM   161 C  CD1   . LEU A 1 20  ? -2.678  -0.472  -3.830  1.00 22.62 ? 20  LEU A CD1   1 
ATOM   162 C  CD2   . LEU A 1 20  ? -3.785  1.742   -4.242  1.00 19.53 ? 20  LEU A CD2   1 
ATOM   163 N  N     . VAL A 1 21  ? -3.478  0.055   -9.345  1.00 18.59 ? 21  VAL A N     1 
ATOM   164 C  CA    . VAL A 1 21  ? -2.864  0.220   -10.654 1.00 19.55 ? 21  VAL A CA    1 
ATOM   165 C  C     . VAL A 1 21  ? -3.701  1.216   -11.450 1.00 20.41 ? 21  VAL A C     1 
ATOM   166 O  O     . VAL A 1 21  ? -3.150  2.077   -12.148 1.00 20.78 ? 21  VAL A O     1 
ATOM   167 C  CB    . VAL A 1 21  ? -2.791  -1.121  -11.431 1.00 22.43 ? 21  VAL A CB    1 
ATOM   168 C  CG1   . VAL A 1 21  ? -2.393  -0.855  -12.887 1.00 21.93 ? 21  VAL A CG1   1 
ATOM   169 C  CG2   . VAL A 1 21  ? -1.746  -2.044  -10.784 1.00 21.02 ? 21  VAL A CG2   1 
ATOM   170 N  N     . GLU A 1 22  ? -5.021  1.091   -11.305 1.00 20.02 ? 22  GLU A N     1 
ATOM   171 C  CA    . GLU A 1 22  ? -5.992  1.944   -11.997 1.00 22.44 ? 22  GLU A CA    1 
ATOM   172 C  C     . GLU A 1 22  ? -5.868  3.413   -11.687 1.00 22.07 ? 22  GLU A C     1 
ATOM   173 O  O     . GLU A 1 22  ? -6.167  4.245   -12.547 1.00 20.37 ? 22  GLU A O     1 
ATOM   174 C  CB    . GLU A 1 22  ? -7.416  1.534   -11.668 1.00 26.69 ? 22  GLU A CB    1 
ATOM   175 C  CG    . GLU A 1 22  ? -7.855  0.238   -12.277 1.00 32.49 ? 22  GLU A CG    1 
ATOM   176 C  CD    . GLU A 1 22  ? -9.345  0.182   -12.391 1.00 36.80 ? 22  GLU A CD    1 
ATOM   177 O  OE1   . GLU A 1 22  ? -10.027 0.360   -11.355 1.00 41.46 ? 22  GLU A OE1   1 
ATOM   178 O  OE2   . GLU A 1 22  ? -9.834  -0.033  -13.519 1.00 40.38 ? 22  GLU A OE2   1 
ATOM   179 N  N     . ILE A 1 23  ? -5.486  3.742   -10.453 1.00 19.59 ? 23  ILE A N     1 
ATOM   180 C  CA    . ILE A 1 23  ? -5.302  5.139   -10.094 1.00 21.11 ? 23  ILE A CA    1 
ATOM   181 C  C     . ILE A 1 23  ? -3.853  5.564   -10.325 1.00 22.94 ? 23  ILE A C     1 
ATOM   182 O  O     . ILE A 1 23  ? -3.438  6.652   -9.922  1.00 25.27 ? 23  ILE A O     1 
ATOM   183 C  CB    . ILE A 1 23  ? -5.731  5.456   -8.632  1.00 22.03 ? 23  ILE A CB    1 
ATOM   184 C  CG1   . ILE A 1 23  ? -4.943  4.604   -7.654  1.00 22.89 ? 23  ILE A CG1   1 
ATOM   185 C  CG2   . ILE A 1 23  ? -7.231  5.265   -8.478  1.00 22.13 ? 23  ILE A CG2   1 
ATOM   186 C  CD1   . ILE A 1 23  ? -4.869  5.225   -6.273  1.00 26.44 ? 23  ILE A CD1   1 
ATOM   187 N  N     . GLY A 1 24  ? -3.078  4.703   -10.984 1.00 24.69 ? 24  GLY A N     1 
ATOM   188 C  CA    . GLY A 1 24  ? -1.714  5.075   -11.323 1.00 26.28 ? 24  GLY A CA    1 
ATOM   189 C  C     . GLY A 1 24  ? -0.511  4.644   -10.515 1.00 28.94 ? 24  GLY A C     1 
ATOM   190 O  O     . GLY A 1 24  ? 0.595   5.116   -10.782 1.00 28.32 ? 24  GLY A O     1 
ATOM   191 N  N     . ILE A 1 25  ? -0.698  3.756   -9.542  1.00 30.29 ? 25  ILE A N     1 
ATOM   192 C  CA    . ILE A 1 25  ? 0.424   3.282   -8.730  1.00 31.90 ? 25  ILE A CA    1 
ATOM   193 C  C     . ILE A 1 25  ? 1.404   2.441   -9.561  1.00 33.79 ? 25  ILE A C     1 
ATOM   194 O  O     . ILE A 1 25  ? 1.036   1.412   -10.132 1.00 35.71 ? 25  ILE A O     1 
ATOM   195 C  CB    . ILE A 1 25  ? -0.091  2.451   -7.535  1.00 31.91 ? 25  ILE A CB    1 
ATOM   196 C  CG1   . ILE A 1 25  ? -0.545  3.397   -6.425  1.00 30.51 ? 25  ILE A CG1   1 
ATOM   197 C  CG2   . ILE A 1 25  ? 0.970   1.481   -7.052  1.00 34.09 ? 25  ILE A CG2   1 
ATOM   198 C  CD1   . ILE A 1 25  ? 0.572   4.239   -5.838  1.00 33.51 ? 25  ILE A CD1   1 
ATOM   199 N  N     . GLY A 1 26  ? 2.656   2.882   -9.613  1.00 34.55 ? 26  GLY A N     1 
ATOM   200 C  CA    . GLY A 1 26  ? 3.657   2.172   -10.392 1.00 36.00 ? 26  GLY A CA    1 
ATOM   201 C  C     . GLY A 1 26  ? 4.249   0.927   -9.760  1.00 37.22 ? 26  GLY A C     1 
ATOM   202 O  O     . GLY A 1 26  ? 4.570   -0.035  -10.471 1.00 39.29 ? 26  GLY A O     1 
ATOM   203 N  N     . GLY A 1 27  ? 4.416   0.933   -8.439  1.00 34.38 ? 27  GLY A N     1 
ATOM   204 C  CA    . GLY A 1 27  ? 4.981   -0.233  -7.788  1.00 26.99 ? 27  GLY A CA    1 
ATOM   205 C  C     . GLY A 1 27  ? 4.388   -0.537  -6.425  1.00 24.96 ? 27  GLY A C     1 
ATOM   206 O  O     . GLY A 1 27  ? 3.790   0.333   -5.774  1.00 21.37 ? 27  GLY A O     1 
ATOM   207 N  N     . MET A 1 28  ? 4.522   -1.792  -6.000  1.00 19.30 ? 28  MET A N     1 
ATOM   208 C  CA    . MET A 1 28  ? 4.023   -2.177  -4.689  1.00 17.16 ? 28  MET A CA    1 
ATOM   209 C  C     . MET A 1 28  ? 4.731   -3.443  -4.226  1.00 16.43 ? 28  MET A C     1 
ATOM   210 O  O     . MET A 1 28  ? 5.084   -4.300  -5.035  1.00 17.07 ? 28  MET A O     1 
ATOM   211 C  CB    . MET A 1 28  ? 2.499   -2.347  -4.693  1.00 24.39 ? 28  MET A CB    1 
ATOM   212 C  CG    . MET A 1 28  ? 1.951   -3.600  -5.300  1.00 26.90 ? 28  MET A CG    1 
ATOM   213 S  SD    . MET A 1 28  ? 0.131   -3.547  -5.358  1.00 32.84 ? 28  MET A SD    1 
ATOM   214 C  CE    . MET A 1 28  ? -0.252  -3.970  -3.764  1.00 21.95 ? 28  MET A CE    1 
ATOM   215 N  N     . THR A 1 29  ? 4.936   -3.542  -2.919  1.00 12.57 ? 29  THR A N     1 
ATOM   216 C  CA    . THR A 1 29  ? 5.619   -4.677  -2.314  1.00 13.01 ? 29  THR A CA    1 
ATOM   217 C  C     . THR A 1 29  ? 4.597   -5.374  -1.400  1.00 14.11 ? 29  THR A C     1 
ATOM   218 O  O     . THR A 1 29  ? 3.952   -4.739  -0.557  1.00 12.49 ? 29  THR A O     1 
ATOM   219 C  CB    . THR A 1 29  ? 6.844   -4.179  -1.510  1.00 13.85 ? 29  THR A CB    1 
ATOM   220 O  OG1   . THR A 1 29  ? 7.776   -3.525  -2.404  1.00 15.46 ? 29  THR A OG1   1 
ATOM   221 C  CG2   . THR A 1 29  ? 7.547   -5.347  -0.828  1.00 16.98 ? 29  THR A CG2   1 
ATOM   222 N  N     . VAL A 1 30  ? 4.471   -6.686  -1.565  1.00 13.17 ? 30  VAL A N     1 
ATOM   223 C  CA    . VAL A 1 30  ? 3.502   -7.482  -0.808  1.00 12.24 ? 30  VAL A CA    1 
ATOM   224 C  C     . VAL A 1 30  ? 4.209   -8.534  0.033   1.00 11.82 ? 30  VAL A C     1 
ATOM   225 O  O     . VAL A 1 30  ? 5.120   -9.227  -0.451  1.00 13.48 ? 30  VAL A O     1 
ATOM   226 C  CB    . VAL A 1 30  ? 2.538   -8.155  -1.794  1.00 17.58 ? 30  VAL A CB    1 
ATOM   227 C  CG1   . VAL A 1 30  ? 1.552   -9.055  -1.058  1.00 19.51 ? 30  VAL A CG1   1 
ATOM   228 C  CG2   . VAL A 1 30  ? 1.809   -7.075  -2.585  1.00 20.62 ? 30  VAL A CG2   1 
ATOM   229 N  N     . THR A 1 31  ? 3.817   -8.619  1.303   1.00 10.42 ? 31  THR A N     1 
ATOM   230 C  CA    . THR A 1 31  ? 4.406   -9.577  2.237   1.00 13.25 ? 31  THR A CA    1 
ATOM   231 C  C     . THR A 1 31  ? 3.304   -10.418 2.891   1.00 11.60 ? 31  THR A C     1 
ATOM   232 O  O     . THR A 1 31  ? 2.240   -9.908  3.241   1.00 10.91 ? 31  THR A O     1 
ATOM   233 C  CB    . THR A 1 31  ? 5.177   -8.860  3.392   1.00 12.95 ? 31  THR A CB    1 
ATOM   234 O  OG1   . THR A 1 31  ? 6.070   -7.866  2.855   1.00 13.15 ? 31  THR A OG1   1 
ATOM   235 C  CG2   . THR A 1 31  ? 6.009   -9.885  4.199   1.00 15.29 ? 31  THR A CG2   1 
ATOM   236 N  N     . GLU A 1 32  ? 3.534   -11.729 3.013   1.00 12.02 ? 32  GLU A N     1 
ATOM   237 C  CA    . GLU A 1 32  ? 2.573   -12.572 3.727   1.00 13.91 ? 32  GLU A CA    1 
ATOM   238 C  C     . GLU A 1 32  ? 2.874   -12.396 5.226   1.00 13.39 ? 32  GLU A C     1 
ATOM   239 O  O     . GLU A 1 32  ? 4.012   -12.579 5.667   1.00 14.69 ? 32  GLU A O     1 
ATOM   240 C  CB    . GLU A 1 32  ? 2.756   -14.043 3.342   1.00 17.07 ? 32  GLU A CB    1 
ATOM   241 C  CG    . GLU A 1 32  ? 2.293   -14.335 1.935   1.00 21.66 ? 32  GLU A CG    1 
ATOM   242 C  CD    . GLU A 1 32  ? 2.487   -15.799 1.549   1.00 31.68 ? 32  GLU A CD    1 
ATOM   243 O  OE1   . GLU A 1 32  ? 2.016   -16.693 2.293   1.00 37.61 ? 32  GLU A OE1   1 
ATOM   244 O  OE2   . GLU A 1 32  ? 3.107   -16.051 0.498   1.00 34.35 ? 32  GLU A OE2   1 
ATOM   245 N  N     . VAL A 1 33  ? 1.863   -12.042 6.012   1.00 12.21 ? 33  VAL A N     1 
ATOM   246 C  CA    . VAL A 1 33  ? 2.052   -11.821 7.446   1.00 12.63 ? 33  VAL A CA    1 
ATOM   247 C  C     . VAL A 1 33  ? 0.883   -12.476 8.198   1.00 14.77 ? 33  VAL A C     1 
ATOM   248 O  O     . VAL A 1 33  ? 0.024   -13.123 7.582   1.00 13.79 ? 33  VAL A O     1 
ATOM   249 C  CB    . VAL A 1 33  ? 2.096   -10.261 7.756   1.00 12.76 ? 33  VAL A CB    1 
ATOM   250 C  CG1   . VAL A 1 33  ? 3.199   -9.597  6.933   1.00 13.05 ? 33  VAL A CG1   1 
ATOM   251 C  CG2   . VAL A 1 33  ? 0.748   -9.611  7.420   1.00 12.93 ? 33  VAL A CG2   1 
ATOM   252 N  N     . LYS A 1 34  ? 0.884   -12.374 9.525   1.00 13.88 ? 34  LYS A N     1 
ATOM   253 C  CA    . LYS A 1 34  ? -0.228  -12.901 10.322  1.00 16.18 ? 34  LYS A CA    1 
ATOM   254 C  C     . LYS A 1 34  ? -0.550  -11.802 11.312  1.00 17.29 ? 34  LYS A C     1 
ATOM   255 O  O     . LYS A 1 34  ? 0.318   -10.980 11.655  1.00 15.96 ? 34  LYS A O     1 
ATOM   256 C  CB    . LYS A 1 34  ? 0.146   -14.153 11.123  1.00 19.51 ? 34  LYS A CB    1 
ATOM   257 C  CG    . LYS A 1 34  ? 0.792   -15.279 10.350  1.00 30.20 ? 34  LYS A CG    1 
ATOM   258 C  CD    . LYS A 1 34  ? 1.271   -16.366 11.325  1.00 33.24 ? 34  LYS A CD    1 
ATOM   259 C  CE    . LYS A 1 34  ? 2.134   -15.766 12.444  1.00 36.35 ? 34  LYS A CE    1 
ATOM   260 N  NZ    . LYS A 1 34  ? 2.702   -16.792 13.359  1.00 40.11 ? 34  LYS A NZ    1 
ATOM   261 N  N     . GLY A 1 35  ? -1.788  -11.759 11.779  1.00 14.45 ? 35  GLY A N     1 
ATOM   262 C  CA    . GLY A 1 35  ? -2.093  -10.717 12.732  1.00 21.80 ? 35  GLY A CA    1 
ATOM   263 C  C     . GLY A 1 35  ? -3.385  -10.889 13.483  1.00 26.51 ? 35  GLY A C     1 
ATOM   264 O  O     . GLY A 1 35  ? -4.049  -11.918 13.360  1.00 25.04 ? 35  GLY A O     1 
ATOM   265 N  N     . PHE A 1 36  ? -3.674  -9.878  14.306  1.00 29.42 ? 36  PHE A N     1 
ATOM   266 C  CA    . PHE A 1 36  ? -4.897  -9.748  15.087  1.00 30.27 ? 36  PHE A CA    1 
ATOM   267 C  C     . PHE A 1 36  ? -4.931  -8.285  15.523  1.00 32.47 ? 36  PHE A C     1 
ATOM   268 O  O     . PHE A 1 36  ? -4.050  -7.497  15.137  1.00 28.64 ? 36  PHE A O     1 
ATOM   269 C  CB    . PHE A 1 36  ? -4.924  -10.691 16.301  1.00 31.00 ? 36  PHE A CB    1 
ATOM   270 C  CG    . PHE A 1 36  ? -4.022  -10.275 17.432  1.00 32.65 ? 36  PHE A CG    1 
ATOM   271 C  CD1   . PHE A 1 36  ? -4.302  -9.141  18.194  1.00 33.57 ? 36  PHE A CD1   1 
ATOM   272 C  CD2   . PHE A 1 36  ? -2.895  -11.022 17.739  1.00 33.03 ? 36  PHE A CD2   1 
ATOM   273 C  CE1   . PHE A 1 36  ? -3.469  -8.759  19.242  1.00 31.82 ? 36  PHE A CE1   1 
ATOM   274 C  CE2   . PHE A 1 36  ? -2.053  -10.650 18.789  1.00 32.14 ? 36  PHE A CE2   1 
ATOM   275 C  CZ    . PHE A 1 36  ? -2.340  -9.517  19.542  1.00 33.46 ? 36  PHE A CZ    1 
ATOM   276 N  N     . ASP A 1 54  ? -3.876  -17.324 17.880  1.00 43.52 ? 54  ASP A N     1 
ATOM   277 C  CA    . ASP A 1 54  ? -4.887  -16.297 17.659  1.00 41.08 ? 54  ASP A CA    1 
ATOM   278 C  C     . ASP A 1 54  ? -4.512  -15.448 16.440  1.00 37.59 ? 54  ASP A C     1 
ATOM   279 O  O     . ASP A 1 54  ? -5.144  -14.425 16.174  1.00 36.65 ? 54  ASP A O     1 
ATOM   280 C  CB    . ASP A 1 54  ? -4.996  -15.371 18.877  1.00 44.84 ? 54  ASP A CB    1 
ATOM   281 C  CG    . ASP A 1 54  ? -4.655  -16.065 20.176  1.00 49.45 ? 54  ASP A CG    1 
ATOM   282 O  OD1   . ASP A 1 54  ? -5.547  -16.715 20.773  1.00 53.37 ? 54  ASP A OD1   1 
ATOM   283 O  OD2   . ASP A 1 54  ? -3.481  -15.960 20.599  1.00 52.18 ? 54  ASP A OD2   1 
ATOM   284 N  N     . PHE A 1 55  ? -3.477  -15.859 15.715  1.00 32.27 ? 55  PHE A N     1 
ATOM   285 C  CA    . PHE A 1 55  ? -3.058  -15.114 14.528  1.00 29.53 ? 55  PHE A CA    1 
ATOM   286 C  C     . PHE A 1 55  ? -3.763  -15.657 13.293  1.00 27.19 ? 55  PHE A C     1 
ATOM   287 O  O     . PHE A 1 55  ? -3.917  -16.869 13.136  1.00 29.97 ? 55  PHE A O     1 
ATOM   288 C  CB    . PHE A 1 55  ? -1.547  -15.229 14.315  1.00 28.92 ? 55  PHE A CB    1 
ATOM   289 C  CG    . PHE A 1 55  ? -0.724  -14.462 15.310  1.00 29.30 ? 55  PHE A CG    1 
ATOM   290 C  CD1   . PHE A 1 55  ? 0.165   -15.121 16.151  1.00 28.47 ? 55  PHE A CD1   1 
ATOM   291 C  CD2   . PHE A 1 55  ? -0.826  -13.078 15.399  1.00 28.35 ? 55  PHE A CD2   1 
ATOM   292 C  CE1   . PHE A 1 55  ? 0.936   -14.409 17.067  1.00 26.86 ? 55  PHE A CE1   1 
ATOM   293 C  CE2   . PHE A 1 55  ? -0.060  -12.361 16.310  1.00 27.58 ? 55  PHE A CE2   1 
ATOM   294 C  CZ    . PHE A 1 55  ? 0.821   -13.027 17.143  1.00 26.53 ? 55  PHE A CZ    1 
ATOM   295 N  N     . LEU A 1 56  ? -4.188  -14.753 12.421  1.00 20.22 ? 56  LEU A N     1 
ATOM   296 C  CA    . LEU A 1 56  ? -4.848  -15.119 11.174  1.00 18.43 ? 56  LEU A CA    1 
ATOM   297 C  C     . LEU A 1 56  ? -3.990  -14.597 10.031  1.00 16.58 ? 56  LEU A C     1 
ATOM   298 O  O     . LEU A 1 56  ? -3.319  -13.551 10.161  1.00 15.86 ? 56  LEU A O     1 
ATOM   299 C  CB    . LEU A 1 56  ? -6.230  -14.459 11.101  1.00 19.10 ? 56  LEU A CB    1 
ATOM   300 C  CG    . LEU A 1 56  ? -7.307  -15.025 12.030  1.00 21.90 ? 56  LEU A CG    1 
ATOM   301 C  CD1   . LEU A 1 56  ? -8.630  -14.293 11.820  1.00 24.78 ? 56  LEU A CD1   1 
ATOM   302 C  CD2   . LEU A 1 56  ? -7.481  -16.505 11.712  1.00 23.48 ? 56  LEU A CD2   1 
ATOM   303 N  N     . PRO A 1 57  ? -3.997  -15.290 8.890   1.00 13.38 ? 57  PRO A N     1 
ATOM   304 C  CA    . PRO A 1 57  ? -3.172  -14.786 7.777   1.00 14.72 ? 57  PRO A CA    1 
ATOM   305 C  C     . PRO A 1 57  ? -3.688  -13.458 7.229   1.00 14.97 ? 57  PRO A C     1 
ATOM   306 O  O     . PRO A 1 57  ? -4.899  -13.251 7.130   1.00 14.12 ? 57  PRO A O     1 
ATOM   307 C  CB    . PRO A 1 57  ? -3.256  -15.912 6.742   1.00 17.62 ? 57  PRO A CB    1 
ATOM   308 C  CG    . PRO A 1 57  ? -4.606  -16.518 7.022   1.00 17.53 ? 57  PRO A CG    1 
ATOM   309 C  CD    . PRO A 1 57  ? -4.690  -16.535 8.531   1.00 15.87 ? 57  PRO A CD    1 
ATOM   310 N  N     . LYS A 1 58  ? -2.758  -12.553 6.908   1.00 12.75 ? 58  LYS A N     1 
ATOM   311 C  CA    . LYS A 1 58  ? -3.092  -11.253 6.337   1.00 12.12 ? 58  LYS A CA    1 
ATOM   312 C  C     . LYS A 1 58  ? -2.055  -10.971 5.271   1.00 14.04 ? 58  LYS A C     1 
ATOM   313 O  O     . LYS A 1 58  ? -1.049  -11.693 5.126   1.00 13.36 ? 58  LYS A O     1 
ATOM   314 C  CB    . LYS A 1 58  ? -3.009  -10.134 7.395   1.00 14.65 ? 58  LYS A CB    1 
ATOM   315 C  CG    . LYS A 1 58  ? -3.852  -10.321 8.650   1.00 15.02 ? 58  LYS A CG    1 
ATOM   316 C  CD    . LYS A 1 58  ? -5.339  -10.195 8.420   1.00 19.39 ? 58  LYS A CD    1 
ATOM   317 C  CE    . LYS A 1 58  ? -6.025  -10.351 9.773   1.00 23.34 ? 58  LYS A CE    1 
ATOM   318 N  NZ    . LYS A 1 58  ? -7.480  -10.042 9.766   1.00 25.46 ? 58  LYS A NZ    1 
ATOM   319 N  N     . VAL A 1 59  ? -2.301  -9.922  4.491   1.00 12.32 ? 59  VAL A N     1 
ATOM   320 C  CA    . VAL A 1 59  ? -1.349  -9.538  3.472   1.00 14.48 ? 59  VAL A CA    1 
ATOM   321 C  C     . VAL A 1 59  ? -0.964  -8.090  3.735   1.00 13.78 ? 59  VAL A C     1 
ATOM   322 O  O     . VAL A 1 59  ? -1.843  -7.272  3.968   1.00 13.37 ? 59  VAL A O     1 
ATOM   323 C  CB    . VAL A 1 59  ? -2.003  -9.643  2.060   1.00 18.39 ? 59  VAL A CB    1 
ATOM   324 C  CG1   . VAL A 1 59  ? -1.216  -8.850  1.040   1.00 21.81 ? 59  VAL A CG1   1 
ATOM   325 C  CG2   . VAL A 1 59  ? -2.071  -11.106 1.647   1.00 18.35 ? 59  VAL A CG2   1 
ATOM   326 N  N     . LYS A 1 60  ? 0.338   -7.803  3.732   1.00 11.99 ? 60  LYS A N     1 
ATOM   327 C  CA    . LYS A 1 60  ? 0.823   -6.436  3.892   1.00 12.81 ? 60  LYS A CA    1 
ATOM   328 C  C     . LYS A 1 60  ? 1.181   -5.882  2.519   1.00 13.86 ? 60  LYS A C     1 
ATOM   329 O  O     . LYS A 1 60  ? 1.847   -6.537  1.710   1.00 13.68 ? 60  LYS A O     1 
ATOM   330 C  CB    . LYS A 1 60  ? 2.073   -6.378  4.795   1.00 14.95 ? 60  LYS A CB    1 
ATOM   331 C  CG    . LYS A 1 60  ? 2.698   -4.970  4.819   1.00 16.17 ? 60  LYS A CG    1 
ATOM   332 C  CD    . LYS A 1 60  ? 4.123   -4.927  5.379   1.00 23.53 ? 60  LYS A CD    1 
ATOM   333 C  CE    . LYS A 1 60  ? 4.132   -5.214  6.858   1.00 24.56 ? 60  LYS A CE    1 
ATOM   334 N  NZ    . LYS A 1 60  ? 5.490   -4.880  7.430   1.00 24.79 ? 60  LYS A NZ    1 
ATOM   335 N  N     . ILE A 1 61  ? 0.709   -4.670  2.242   1.00 12.28 ? 61  ILE A N     1 
ATOM   336 C  CA    . ILE A 1 61  ? 1.009   -4.004  0.999   1.00 10.63 ? 61  ILE A CA    1 
ATOM   337 C  C     . ILE A 1 61  ? 1.736   -2.737  1.392   1.00 11.79 ? 61  ILE A C     1 
ATOM   338 O  O     . ILE A 1 61  ? 1.339   -2.043  2.334   1.00 14.55 ? 61  ILE A O     1 
ATOM   339 C  CB    . ILE A 1 61  ? -0.291  -3.615  0.241   1.00 15.89 ? 61  ILE A CB    1 
ATOM   340 C  CG1   . ILE A 1 61  ? -1.005  -4.879  -0.246  1.00 18.30 ? 61  ILE A CG1   1 
ATOM   341 C  CG2   . ILE A 1 61  ? 0.030   -2.710  -0.947  1.00 19.71 ? 61  ILE A CG2   1 
ATOM   342 C  CD1   . ILE A 1 61  ? -2.429  -4.605  -0.785  1.00 24.08 ? 61  ILE A CD1   1 
ATOM   343 N  N     . GLU A 1 62  ? 2.824   -2.465  0.690   1.00 10.21 ? 62  GLU A N     1 
ATOM   344 C  CA    . GLU A 1 62  ? 3.578   -1.241  0.919   1.00 11.18 ? 62  GLU A CA    1 
ATOM   345 C  C     . GLU A 1 62  ? 3.680   -0.516  -0.408  1.00 13.51 ? 62  GLU A C     1 
ATOM   346 O  O     . GLU A 1 62  ? 4.102   -1.098  -1.405  1.00 12.73 ? 62  GLU A O     1 
ATOM   347 C  CB    . GLU A 1 62  ? 4.991   -1.562  1.382   1.00 12.28 ? 62  GLU A CB    1 
ATOM   348 C  CG    . GLU A 1 62  ? 5.106   -2.058  2.790   1.00 14.61 ? 62  GLU A CG    1 
ATOM   349 C  CD    . GLU A 1 62  ? 6.526   -2.492  3.014   1.00 20.07 ? 62  GLU A CD    1 
ATOM   350 O  OE1   . GLU A 1 62  ? 6.811   -3.696  2.834   1.00 18.01 ? 62  GLU A OE1   1 
ATOM   351 O  OE2   . GLU A 1 62  ? 7.365   -1.607  3.311   1.00 22.75 ? 62  GLU A OE2   1 
ATOM   352 N  N     . VAL A 1 63  ? 3.320   0.765   -0.415  1.00 11.51 ? 63  VAL A N     1 
ATOM   353 C  CA    . VAL A 1 63  ? 3.487   1.569   -1.613  1.00 15.97 ? 63  VAL A CA    1 
ATOM   354 C  C     . VAL A 1 63  ? 4.083   2.883   -1.147  1.00 14.69 ? 63  VAL A C     1 
ATOM   355 O  O     . VAL A 1 63  ? 3.722   3.371   -0.088  1.00 16.92 ? 63  VAL A O     1 
ATOM   356 C  CB    . VAL A 1 63  ? 2.163   1.842   -2.353  1.00 18.74 ? 63  VAL A CB    1 
ATOM   357 C  CG1   . VAL A 1 63  ? 1.626   0.544   -2.907  1.00 21.88 ? 63  VAL A CG1   1 
ATOM   358 C  CG2   . VAL A 1 63  ? 1.161   2.500   -1.443  1.00 22.28 ? 63  VAL A CG2   1 
ATOM   359 N  N     . VAL A 1 64  ? 5.022   3.420   -1.912  1.00 11.69 ? 64  VAL A N     1 
ATOM   360 C  CA    . VAL A 1 64  ? 5.630   4.695   -1.588  1.00 11.11 ? 64  VAL A CA    1 
ATOM   361 C  C     . VAL A 1 64  ? 5.170   5.648   -2.687  1.00 13.95 ? 64  VAL A C     1 
ATOM   362 O  O     . VAL A 1 64  ? 5.322   5.363   -3.887  1.00 14.37 ? 64  VAL A O     1 
ATOM   363 C  CB    . VAL A 1 64  ? 7.141   4.577   -1.511  1.00 13.67 ? 64  VAL A CB    1 
ATOM   364 C  CG1   . VAL A 1 64  ? 7.771   5.965   -1.292  1.00 15.01 ? 64  VAL A CG1   1 
ATOM   365 C  CG2   . VAL A 1 64  ? 7.493   3.650   -0.327  1.00 13.21 ? 64  VAL A CG2   1 
ATOM   366 N  N     . VAL A 1 65  ? 4.588   6.774   -2.269  1.00 12.28 ? 65  VAL A N     1 
ATOM   367 C  CA    . VAL A 1 65  ? 4.005   7.732   -3.211  1.00 13.21 ? 65  VAL A CA    1 
ATOM   368 C  C     . VAL A 1 65  ? 4.323   9.185   -2.863  1.00 13.61 ? 65  VAL A C     1 
ATOM   369 O  O     . VAL A 1 65  ? 4.796   9.484   -1.770  1.00 13.77 ? 65  VAL A O     1 
ATOM   370 C  CB    . VAL A 1 65  ? 2.437   7.578   -3.254  1.00 17.62 ? 65  VAL A CB    1 
ATOM   371 C  CG1   . VAL A 1 65  ? 2.022   6.108   -3.494  1.00 18.64 ? 65  VAL A CG1   1 
ATOM   372 C  CG2   . VAL A 1 65  ? 1.829   8.050   -1.929  1.00 17.86 ? 65  VAL A CG2   1 
ATOM   373 N  N     . ARG A 1 66  ? 4.067   10.092  -3.813  1.00 15.20 ? 66  ARG A N     1 
ATOM   374 C  CA    . ARG A 1 66  ? 4.258   11.528  -3.556  1.00 14.94 ? 66  ARG A CA    1 
ATOM   375 C  C     . ARG A 1 66  ? 3.228   11.979  -2.517  1.00 14.53 ? 66  ARG A C     1 
ATOM   376 O  O     . ARG A 1 66  ? 2.143   11.402  -2.433  1.00 13.45 ? 66  ARG A O     1 
ATOM   377 C  CB    . ARG A 1 66  ? 4.023   12.327  -4.842  1.00 14.45 ? 66  ARG A CB    1 
ATOM   378 C  CG    . ARG A 1 66  ? 4.951   11.979  -5.967  1.00 19.20 ? 66  ARG A CG    1 
ATOM   379 C  CD    . ARG A 1 66  ? 4.535   12.710  -7.251  1.00 22.02 ? 66  ARG A CD    1 
ATOM   380 N  NE    . ARG A 1 66  ? 5.519   12.497  -8.305  1.00 28.83 ? 66  ARG A NE    1 
ATOM   381 C  CZ    . ARG A 1 66  ? 5.757   11.323  -8.885  1.00 33.24 ? 66  ARG A CZ    1 
ATOM   382 N  NH1   . ARG A 1 66  ? 5.069   10.240  -8.526  1.00 33.83 ? 66  ARG A NH1   1 
ATOM   383 N  NH2   . ARG A 1 66  ? 6.705   11.225  -9.808  1.00 33.94 ? 66  ARG A NH2   1 
ATOM   384 N  N     . ASP A 1 67  ? 3.565   13.000  -1.728  1.00 16.38 ? 67  ASP A N     1 
ATOM   385 C  CA    . ASP A 1 67  ? 2.661   13.496  -0.690  1.00 16.74 ? 67  ASP A CA    1 
ATOM   386 C  C     . ASP A 1 67  ? 1.258   13.794  -1.216  1.00 17.79 ? 67  ASP A C     1 
ATOM   387 O  O     . ASP A 1 67  ? 0.269   13.471  -0.548  1.00 17.57 ? 67  ASP A O     1 
ATOM   388 C  CB    . ASP A 1 67  ? 3.187   14.780  -0.051  1.00 16.59 ? 67  ASP A CB    1 
ATOM   389 C  CG    . ASP A 1 67  ? 4.453   14.573  0.758   1.00 21.80 ? 67  ASP A CG    1 
ATOM   390 O  OD1   . ASP A 1 67  ? 5.032   15.586  1.226   1.00 21.20 ? 67  ASP A OD1   1 
ATOM   391 O  OD2   . ASP A 1 67  ? 4.866   13.409  0.934   1.00 18.64 ? 67  ASP A OD2   1 
ATOM   392 N  N     . GLU A 1 68  ? 1.166   14.385  -2.411  1.00 17.14 ? 68  GLU A N     1 
ATOM   393 C  CA    . GLU A 1 68  ? -0.145  14.740  -2.982  1.00 20.45 ? 68  GLU A CA    1 
ATOM   394 C  C     . GLU A 1 68  ? -1.001  13.564  -3.458  1.00 19.09 ? 68  GLU A C     1 
ATOM   395 O  O     . GLU A 1 68  ? -2.169  13.746  -3.828  1.00 20.30 ? 68  GLU A O     1 
ATOM   396 C  CB    . GLU A 1 68  ? 0.019   15.725  -4.157  1.00 21.16 ? 68  GLU A CB    1 
ATOM   397 C  CG    . GLU A 1 68  ? 0.803   15.179  -5.298  1.00 25.66 ? 68  GLU A CG    1 
ATOM   398 C  CD    . GLU A 1 68  ? 2.275   15.566  -5.248  1.00 32.00 ? 68  GLU A CD    1 
ATOM   399 O  OE1   . GLU A 1 68  ? 2.879   15.610  -4.138  1.00 33.25 ? 68  GLU A OE1   1 
ATOM   400 O  OE2   . GLU A 1 68  ? 2.830   15.818  -6.341  1.00 35.73 ? 68  GLU A OE2   1 
ATOM   401 N  N     . ASP A 1 69  ? -0.434  12.362  -3.438  1.00 16.42 ? 69  ASP A N     1 
ATOM   402 C  CA    . ASP A 1 69  ? -1.144  11.182  -3.863  1.00 15.90 ? 69  ASP A CA    1 
ATOM   403 C  C     . ASP A 1 69  ? -1.529  10.274  -2.707  1.00 15.39 ? 69  ASP A C     1 
ATOM   404 O  O     . ASP A 1 69  ? -2.249  9.299   -2.899  1.00 14.17 ? 69  ASP A O     1 
ATOM   405 C  CB    . ASP A 1 69  ? -0.303  10.420  -4.875  1.00 19.62 ? 69  ASP A CB    1 
ATOM   406 C  CG    . ASP A 1 69  ? -0.102  11.215  -6.156  1.00 22.59 ? 69  ASP A CG    1 
ATOM   407 O  OD1   . ASP A 1 69  ? -1.099  11.763  -6.656  1.00 25.67 ? 69  ASP A OD1   1 
ATOM   408 O  OD2   . ASP A 1 69  ? 1.032   11.308  -6.660  1.00 26.48 ? 69  ASP A OD2   1 
ATOM   409 N  N     . VAL A 1 70  ? -1.099  10.618  -1.496  1.00 12.91 ? 70  VAL A N     1 
ATOM   410 C  CA    . VAL A 1 70  ? -1.409  9.764   -0.350  1.00 15.52 ? 70  VAL A CA    1 
ATOM   411 C  C     . VAL A 1 70  ? -2.894  9.567   -0.096  1.00 14.10 ? 70  VAL A C     1 
ATOM   412 O  O     . VAL A 1 70  ? -3.356  8.418   0.023   1.00 13.70 ? 70  VAL A O     1 
ATOM   413 C  CB    . VAL A 1 70  ? -0.724  10.280  0.933   1.00 15.28 ? 70  VAL A CB    1 
ATOM   414 C  CG1   . VAL A 1 70  ? -1.184  9.459   2.153   1.00 15.31 ? 70  VAL A CG1   1 
ATOM   415 C  CG2   . VAL A 1 70  ? 0.784   10.165  0.768   1.00 12.44 ? 70  VAL A CG2   1 
ATOM   416 N  N     . GLU A 1 71  ? -3.667  10.656  -0.031  1.00 13.71 ? 71  GLU A N     1 
ATOM   417 C  CA    . GLU A 1 71  ? -5.094  10.509  0.246   1.00 15.02 ? 71  GLU A CA    1 
ATOM   418 C  C     . GLU A 1 71  ? -5.859  9.657   -0.756  1.00 15.10 ? 71  GLU A C     1 
ATOM   419 O  O     . GLU A 1 71  ? -6.702  8.842   -0.373  1.00 16.19 ? 71  GLU A O     1 
ATOM   420 C  CB    . GLU A 1 71  ? -5.775  11.888  0.412   1.00 15.60 ? 71  GLU A CB    1 
ATOM   421 C  CG    . GLU A 1 71  ? -5.544  12.504  1.776   1.00 22.91 ? 71  GLU A CG    1 
ATOM   422 C  CD    . GLU A 1 71  ? -6.030  11.596  2.916   1.00 24.58 ? 71  GLU A CD    1 
ATOM   423 O  OE1   . GLU A 1 71  ? -7.044  10.920  2.729   1.00 22.83 ? 71  GLU A OE1   1 
ATOM   424 O  OE2   . GLU A 1 71  ? -5.396  11.572  3.995   1.00 31.12 ? 71  GLU A OE2   1 
ATOM   425 N  N     . LYS A 1 72  ? -5.568  9.825   -2.042  1.00 14.94 ? 72  LYS A N     1 
ATOM   426 C  CA    . LYS A 1 72  ? -6.242  9.019   -3.053  1.00 17.28 ? 72  LYS A CA    1 
ATOM   427 C  C     . LYS A 1 72  ? -5.914  7.538   -2.829  1.00 15.83 ? 72  LYS A C     1 
ATOM   428 O  O     . LYS A 1 72  ? -6.770  6.680   -2.943  1.00 17.98 ? 72  LYS A O     1 
ATOM   429 C  CB    . LYS A 1 72  ? -5.801  9.447   -4.457  1.00 18.97 ? 72  LYS A CB    1 
ATOM   430 C  CG    . LYS A 1 72  ? -6.651  8.821   -5.538  1.00 26.22 ? 72  LYS A CG    1 
ATOM   431 C  CD    . LYS A 1 72  ? -8.106  9.258   -5.385  1.00 32.50 ? 72  LYS A CD    1 
ATOM   432 C  CE    . LYS A 1 72  ? -8.994  8.622   -6.442  1.00 35.31 ? 72  LYS A CE    1 
ATOM   433 N  NZ    . LYS A 1 72  ? -8.432  8.835   -7.801  1.00 38.50 ? 72  LYS A NZ    1 
ATOM   434 N  N     . VAL A 1 73  ? -4.668  7.231   -2.497  1.00 15.05 ? 73  VAL A N     1 
ATOM   435 C  CA    . VAL A 1 73  ? -4.311  5.830   -2.269  1.00 13.12 ? 73  VAL A CA    1 
ATOM   436 C  C     . VAL A 1 73  ? -5.007  5.294   -1.037  1.00 14.79 ? 73  VAL A C     1 
ATOM   437 O  O     . VAL A 1 73  ? -5.526  4.191   -1.050  1.00 15.82 ? 73  VAL A O     1 
ATOM   438 C  CB    . VAL A 1 73  ? -2.799  5.674   -2.141  1.00 16.59 ? 73  VAL A CB    1 
ATOM   439 C  CG1   . VAL A 1 73  ? -2.433  4.237   -1.711  1.00 16.52 ? 73  VAL A CG1   1 
ATOM   440 C  CG2   . VAL A 1 73  ? -2.150  6.046   -3.487  1.00 15.95 ? 73  VAL A CG2   1 
ATOM   441 N  N     . VAL A 1 74  ? -5.026  6.078   0.033   1.00 13.67 ? 74  VAL A N     1 
ATOM   442 C  CA    . VAL A 1 74  ? -5.701  5.643   1.244   1.00 14.73 ? 74  VAL A CA    1 
ATOM   443 C  C     . VAL A 1 74  ? -7.176  5.377   0.973   1.00 15.55 ? 74  VAL A C     1 
ATOM   444 O  O     . VAL A 1 74  ? -7.704  4.337   1.363   1.00 16.51 ? 74  VAL A O     1 
ATOM   445 C  CB    . VAL A 1 74  ? -5.538  6.698   2.357   1.00 14.21 ? 74  VAL A CB    1 
ATOM   446 C  CG1   . VAL A 1 74  ? -6.462  6.398   3.554   1.00 15.35 ? 74  VAL A CG1   1 
ATOM   447 C  CG2   . VAL A 1 74  ? -4.092  6.710   2.814   1.00 13.99 ? 74  VAL A CG2   1 
ATOM   448 N  N     . GLU A 1 75  ? -7.853  6.298   0.298   1.00 17.42 ? 75  GLU A N     1 
ATOM   449 C  CA    . GLU A 1 75  ? -9.276  6.094   0.037   1.00 18.45 ? 75  GLU A CA    1 
ATOM   450 C  C     . GLU A 1 75  ? -9.534  4.885   -0.859  1.00 16.51 ? 75  GLU A C     1 
ATOM   451 O  O     . GLU A 1 75  ? -10.485 4.133   -0.648  1.00 20.06 ? 75  GLU A O     1 
ATOM   452 C  CB    . GLU A 1 75  ? -9.861  7.395   -0.530  1.00 20.32 ? 75  GLU A CB    1 
ATOM   453 C  CG    . GLU A 1 75  ? -9.681  8.502   0.539   1.00 23.60 ? 75  GLU A CG    1 
ATOM   454 C  CD    . GLU A 1 75  ? -10.114 9.884   0.109   1.00 30.09 ? 75  GLU A CD    1 
ATOM   455 O  OE1   . GLU A 1 75  ? -9.826  10.837  0.890   1.00 28.90 ? 75  GLU A OE1   1 
ATOM   456 O  OE2   . GLU A 1 75  ? -10.725 10.004  -0.978  1.00 27.39 ? 75  GLU A OE2   1 
ATOM   457 N  N     . THR A 1 76  ? -8.665  4.678   -1.837  1.00 17.22 ? 76  THR A N     1 
ATOM   458 C  CA    . THR A 1 76  ? -8.794  3.539   -2.736  1.00 15.94 ? 76  THR A CA    1 
ATOM   459 C  C     . THR A 1 76  ? -8.621  2.231   -1.966  1.00 16.30 ? 76  THR A C     1 
ATOM   460 O  O     . THR A 1 76  ? -9.393  1.281   -2.156  1.00 17.36 ? 76  THR A O     1 
ATOM   461 C  CB    . THR A 1 76  ? -7.780  3.663   -3.881  1.00 19.54 ? 76  THR A CB    1 
ATOM   462 O  OG1   . THR A 1 76  ? -8.090  4.840   -4.646  1.00 18.81 ? 76  THR A OG1   1 
ATOM   463 C  CG2   . THR A 1 76  ? -7.821  2.431   -4.800  1.00 21.40 ? 76  THR A CG2   1 
ATOM   464 N  N     . ILE A 1 77  ? -7.632  2.154   -1.073  1.00 17.20 ? 77  ILE A N     1 
ATOM   465 C  CA    . ILE A 1 77  ? -7.463  0.927   -0.300  1.00 15.46 ? 77  ILE A CA    1 
ATOM   466 C  C     . ILE A 1 77  ? -8.669  0.728   0.630   1.00 17.89 ? 77  ILE A C     1 
ATOM   467 O  O     . ILE A 1 77  ? -9.216  -0.359  0.715   1.00 16.44 ? 77  ILE A O     1 
ATOM   468 C  CB    . ILE A 1 77  ? -6.160  0.945   0.549   1.00 14.86 ? 77  ILE A CB    1 
ATOM   469 C  CG1   . ILE A 1 77  ? -4.951  0.992   -0.394  1.00 15.60 ? 77  ILE A CG1   1 
ATOM   470 C  CG2   . ILE A 1 77  ? -6.110  -0.283  1.498   1.00 15.67 ? 77  ILE A CG2   1 
ATOM   471 C  CD1   . ILE A 1 77  ? -3.637  1.277   0.301   1.00 14.65 ? 77  ILE A CD1   1 
ATOM   472 N  N     . VAL A 1 78  ? -9.111  1.788   1.305   1.00 16.73 ? 78  VAL A N     1 
ATOM   473 C  CA    . VAL A 1 78  ? -10.246 1.650   2.209   1.00 17.94 ? 78  VAL A CA    1 
ATOM   474 C  C     . VAL A 1 78  ? -11.499 1.139   1.495   1.00 20.07 ? 78  VAL A C     1 
ATOM   475 O  O     . VAL A 1 78  ? -12.150 0.193   1.955   1.00 18.48 ? 78  VAL A O     1 
ATOM   476 C  CB    . VAL A 1 78  ? -10.596 2.996   2.907   1.00 16.95 ? 78  VAL A CB    1 
ATOM   477 C  CG1   . VAL A 1 78  ? -11.919 2.850   3.682   1.00 17.78 ? 78  VAL A CG1   1 
ATOM   478 C  CG2   . VAL A 1 78  ? -9.507  3.366   3.888   1.00 14.52 ? 78  VAL A CG2   1 
ATOM   479 N  N     . LYS A 1 79  ? -11.813 1.744   0.358   1.00 21.08 ? 79  LYS A N     1 
ATOM   480 C  CA    . LYS A 1 79  ? -13.016 1.381   -0.373  1.00 23.84 ? 79  LYS A CA    1 
ATOM   481 C  C     . LYS A 1 79  ? -12.978 -0.002  -0.978  1.00 24.79 ? 79  LYS A C     1 
ATOM   482 O  O     . LYS A 1 79  ? -14.000 -0.689  -1.043  1.00 23.74 ? 79  LYS A O     1 
ATOM   483 C  CB    . LYS A 1 79  ? -13.292 2.404   -1.474  1.00 28.88 ? 79  LYS A CB    1 
ATOM   484 C  CG    . LYS A 1 79  ? -13.649 3.798   -0.967  1.00 34.04 ? 79  LYS A CG    1 
ATOM   485 C  CD    . LYS A 1 79  ? -14.081 4.698   -2.130  1.00 40.96 ? 79  LYS A CD    1 
ATOM   486 C  CE    . LYS A 1 79  ? -14.534 6.076   -1.653  1.00 44.15 ? 79  LYS A CE    1 
ATOM   487 N  NZ    . LYS A 1 79  ? -15.066 6.901   -2.782  1.00 47.94 ? 79  LYS A NZ    1 
ATOM   488 N  N     . THR A 1 80  ? -11.790 -0.424  -1.387  1.00 19.23 ? 80  THR A N     1 
ATOM   489 C  CA    . THR A 1 80  ? -11.643 -1.724  -2.015  1.00 23.40 ? 80  THR A CA    1 
ATOM   490 C  C     . THR A 1 80  ? -11.420 -2.887  -1.057  1.00 22.51 ? 80  THR A C     1 
ATOM   491 O  O     . THR A 1 80  ? -11.853 -4.007  -1.348  1.00 25.95 ? 80  THR A O     1 
ATOM   492 C  CB    . THR A 1 80  ? -10.500 -1.694  -3.057  1.00 24.51 ? 80  THR A CB    1 
ATOM   493 O  OG1   . THR A 1 80  ? -10.785 -0.702  -4.057  1.00 29.83 ? 80  THR A OG1   1 
ATOM   494 C  CG2   . THR A 1 80  ? -10.381 -3.027  -3.754  1.00 27.18 ? 80  THR A CG2   1 
ATOM   495 N  N     . ALA A 1 81  ? -10.769 -2.639  0.081   1.00 20.23 ? 81  ALA A N     1 
ATOM   496 C  CA    . ALA A 1 81  ? -10.466 -3.707  1.052   1.00 20.54 ? 81  ALA A CA    1 
ATOM   497 C  C     . ALA A 1 81  ? -11.502 -3.921  2.154   1.00 21.33 ? 81  ALA A C     1 
ATOM   498 O  O     . ALA A 1 81  ? -11.461 -4.916  2.860   1.00 24.15 ? 81  ALA A O     1 
ATOM   499 C  CB    . ALA A 1 81  ? -9.084  -3.447  1.701   1.00 19.14 ? 81  ALA A CB    1 
ATOM   500 N  N     . GLN A 1 82  ? -12.401 -2.959  2.292   1.00 22.46 ? 82  GLN A N     1 
ATOM   501 C  CA    . GLN A 1 82  ? -13.445 -2.941  3.307   1.00 27.45 ? 82  GLN A CA    1 
ATOM   502 C  C     . GLN A 1 82  ? -14.535 -3.986  3.057   1.00 27.89 ? 82  GLN A C     1 
ATOM   503 O  O     . GLN A 1 82  ? -14.972 -4.169  1.922   1.00 30.06 ? 82  GLN A O     1 
ATOM   504 C  CB    . GLN A 1 82  ? -14.059 -1.540  3.293   1.00 27.65 ? 82  GLN A CB    1 
ATOM   505 C  CG    . GLN A 1 82  ? -15.016 -1.182  4.370   1.00 36.67 ? 82  GLN A CG    1 
ATOM   506 C  CD    . GLN A 1 82  ? -15.419 0.276   4.250   1.00 38.22 ? 82  GLN A CD    1 
ATOM   507 O  OE1   . GLN A 1 82  ? -16.123 0.664   3.315   1.00 43.33 ? 82  GLN A OE1   1 
ATOM   508 N  NE2   . GLN A 1 82  ? -14.953 1.096   5.180   1.00 39.53 ? 82  GLN A NE2   1 
ATOM   509 N  N     . THR A 1 83  ? -14.960 -4.660  4.117   1.00 27.48 ? 83  THR A N     1 
ATOM   510 C  CA    . THR A 1 83  ? -16.039 -5.645  4.023   1.00 30.82 ? 83  THR A CA    1 
ATOM   511 C  C     . THR A 1 83  ? -17.094 -5.263  5.058   1.00 33.20 ? 83  THR A C     1 
ATOM   512 O  O     . THR A 1 83  ? -18.256 -5.646  4.952   1.00 34.12 ? 83  THR A O     1 
ATOM   513 C  CB    . THR A 1 83  ? -15.563 -7.093  4.329   1.00 26.03 ? 83  THR A CB    1 
ATOM   514 O  OG1   . THR A 1 83  ? -15.232 -7.221  5.715   1.00 27.75 ? 83  THR A OG1   1 
ATOM   515 C  CG2   . THR A 1 83  ? -14.342 -7.439  3.493   1.00 28.01 ? 83  THR A CG2   1 
ATOM   516 N  N     . GLY A 1 84  ? -16.672 -4.503  6.063   1.00 34.65 ? 84  GLY A N     1 
ATOM   517 C  CA    . GLY A 1 84  ? -17.584 -4.085  7.112   1.00 36.10 ? 84  GLY A CA    1 
ATOM   518 C  C     . GLY A 1 84  ? -17.510 -5.021  8.298   1.00 36.97 ? 84  GLY A C     1 
ATOM   519 O  O     . GLY A 1 84  ? -18.111 -4.767  9.340   1.00 36.60 ? 84  GLY A O     1 
ATOM   520 N  N     . ARG A 1 85  ? -16.763 -6.108  8.135   1.00 37.82 ? 85  ARG A N     1 
ATOM   521 C  CA    . ARG A 1 85  ? -16.593 -7.107  9.181   1.00 39.58 ? 85  ARG A CA    1 
ATOM   522 C  C     . ARG A 1 85  ? -15.290 -6.860  9.922   1.00 39.30 ? 85  ARG A C     1 
ATOM   523 O  O     . ARG A 1 85  ? -14.389 -6.192  9.407   1.00 37.15 ? 85  ARG A O     1 
ATOM   524 C  CB    . ARG A 1 85  ? -16.560 -8.511  8.572   1.00 41.93 ? 85  ARG A CB    1 
ATOM   525 C  CG    . ARG A 1 85  ? -17.834 -8.926  7.853   1.00 47.78 ? 85  ARG A CG    1 
ATOM   526 C  CD    . ARG A 1 85  ? -18.991 -9.094  8.839   1.00 53.08 ? 85  ARG A CD    1 
ATOM   527 N  NE    . ARG A 1 85  ? -20.218 -9.563  8.195   1.00 56.78 ? 85  ARG A NE    1 
ATOM   528 C  CZ    . ARG A 1 85  ? -20.924 -8.857  7.315   1.00 58.50 ? 85  ARG A CZ    1 
ATOM   529 N  NH1   . ARG A 1 85  ? -20.532 -7.637  6.964   1.00 59.19 ? 85  ARG A NH1   1 
ATOM   530 N  NH2   . ARG A 1 85  ? -22.022 -9.376  6.778   1.00 58.80 ? 85  ARG A NH2   1 
ATOM   531 N  N     . VAL A 1 86  ? -15.193 -7.414  11.125  1.00 37.94 ? 86  VAL A N     1 
ATOM   532 C  CA    . VAL A 1 86  ? -13.999 -7.275  11.951  1.00 37.77 ? 86  VAL A CA    1 
ATOM   533 C  C     . VAL A 1 86  ? -12.790 -7.901  11.252  1.00 35.91 ? 86  VAL A C     1 
ATOM   534 O  O     . VAL A 1 86  ? -12.914 -8.924  10.574  1.00 36.21 ? 86  VAL A O     1 
ATOM   535 C  CB    . VAL A 1 86  ? -14.166 -7.983  13.318  1.00 38.68 ? 86  VAL A CB    1 
ATOM   536 C  CG1   . VAL A 1 86  ? -13.031 -7.596  14.244  1.00 38.23 ? 86  VAL A CG1   1 
ATOM   537 C  CG2   . VAL A 1 86  ? -15.516 -7.636  13.935  1.00 41.45 ? 86  VAL A CG2   1 
ATOM   538 N  N     . GLY A 1 87  ? -11.627 -7.279  11.410  1.00 34.12 ? 87  GLY A N     1 
ATOM   539 C  CA    . GLY A 1 87  ? -10.420 -7.816  10.807  1.00 31.44 ? 87  GLY A CA    1 
ATOM   540 C  C     . GLY A 1 87  ? -10.028 -7.238  9.461   1.00 28.47 ? 87  GLY A C     1 
ATOM   541 O  O     . GLY A 1 87  ? -9.035  -7.682  8.872   1.00 28.75 ? 87  GLY A O     1 
ATOM   542 N  N     . ASP A 1 88  ? -10.793 -6.260  8.970   1.00 24.92 ? 88  ASP A N     1 
ATOM   543 C  CA    . ASP A 1 88  ? -10.518 -5.639  7.672   1.00 23.72 ? 88  ASP A CA    1 
ATOM   544 C  C     . ASP A 1 88  ? -9.096  -5.085  7.594   1.00 21.42 ? 88  ASP A C     1 
ATOM   545 O  O     . ASP A 1 88  ? -8.517  -4.998  6.516   1.00 25.69 ? 88  ASP A O     1 
ATOM   546 C  CB    . ASP A 1 88  ? -11.517 -4.521  7.398   1.00 24.08 ? 88  ASP A CB    1 
ATOM   547 C  CG    . ASP A 1 88  ? -12.828 -5.034  6.851   1.00 23.99 ? 88  ASP A CG    1 
ATOM   548 O  OD1   . ASP A 1 88  ? -12.939 -6.259  6.595   1.00 27.78 ? 88  ASP A OD1   1 
ATOM   549 O  OD2   . ASP A 1 88  ? -13.736 -4.213  6.657   1.00 24.26 ? 88  ASP A OD2   1 
ATOM   550 N  N     . GLY A 1 89  ? -8.536  -4.705  8.732   1.00 19.10 ? 89  GLY A N     1 
ATOM   551 C  CA    . GLY A 1 89  ? -7.172  -4.188  8.713   1.00 20.60 ? 89  GLY A CA    1 
ATOM   552 C  C     . GLY A 1 89  ? -6.989  -2.705  8.946   1.00 18.34 ? 89  GLY A C     1 
ATOM   553 O  O     . GLY A 1 89  ? -7.935  -1.977  9.235   1.00 16.26 ? 89  GLY A O     1 
ATOM   554 N  N     . LYS A 1 90  ? -5.746  -2.256  8.813   1.00 17.02 ? 90  LYS A N     1 
ATOM   555 C  CA    . LYS A 1 90  ? -5.412  -0.856  9.060   1.00 15.91 ? 90  LYS A CA    1 
ATOM   556 C  C     . LYS A 1 90  ? -4.378  -0.386  8.061   1.00 14.18 ? 90  LYS A C     1 
ATOM   557 O  O     . LYS A 1 90  ? -3.699  -1.200  7.436   1.00 13.29 ? 90  LYS A O     1 
ATOM   558 C  CB    . LYS A 1 90  ? -4.832  -0.672  10.473  1.00 18.37 ? 90  LYS A CB    1 
ATOM   559 C  CG    . LYS A 1 90  ? -5.765  -1.059  11.622  1.00 25.09 ? 90  LYS A CG    1 
ATOM   560 C  CD    . LYS A 1 90  ? -5.308  -0.415  12.927  1.00 24.81 ? 90  LYS A CD    1 
ATOM   561 C  CE    . LYS A 1 90  ? -6.137  -0.887  14.115  1.00 22.02 ? 90  LYS A CE    1 
ATOM   562 N  NZ    . LYS A 1 90  ? -5.546  -0.407  15.397  1.00 30.53 ? 90  LYS A NZ    1 
ATOM   563 N  N     . ILE A 1 91  ? -4.266  0.935   7.939   1.00 11.29 ? 91  ILE A N     1 
ATOM   564 C  CA    . ILE A 1 91  ? -3.324  1.584   7.042   1.00 11.68 ? 91  ILE A CA    1 
ATOM   565 C  C     . ILE A 1 91  ? -2.498  2.548   7.881   1.00 11.46 ? 91  ILE A C     1 
ATOM   566 O  O     . ILE A 1 91  ? -3.037  3.309   8.690   1.00 12.47 ? 91  ILE A O     1 
ATOM   567 C  CB    . ILE A 1 91  ? -4.030  2.419   5.944   1.00 9.85  ? 91  ILE A CB    1 
ATOM   568 C  CG1   . ILE A 1 91  ? -4.961  1.508   5.118   1.00 11.74 ? 91  ILE A CG1   1 
ATOM   569 C  CG2   . ILE A 1 91  ? -2.963  3.068   5.035   1.00 13.41 ? 91  ILE A CG2   1 
ATOM   570 C  CD1   . ILE A 1 91  ? -5.853  2.248   4.150   1.00 13.52 ? 91  ILE A CD1   1 
ATOM   571 N  N     . PHE A 1 92  ? -1.185  2.511   7.681   1.00 9.98  ? 92  PHE A N     1 
ATOM   572 C  CA    . PHE A 1 92  ? -0.269  3.371   8.402   1.00 9.46  ? 92  PHE A CA    1 
ATOM   573 C  C     . PHE A 1 92  ? 0.430   4.254   7.389   1.00 12.35 ? 92  PHE A C     1 
ATOM   574 O  O     . PHE A 1 92  ? 0.847   3.776   6.333   1.00 10.89 ? 92  PHE A O     1 
ATOM   575 C  CB    . PHE A 1 92  ? 0.784   2.532   9.156   1.00 9.60  ? 92  PHE A CB    1 
ATOM   576 C  CG    . PHE A 1 92  ? 0.185   1.482   10.041  1.00 13.80 ? 92  PHE A CG    1 
ATOM   577 C  CD1   . PHE A 1 92  ? -0.720  1.825   11.038  1.00 12.77 ? 92  PHE A CD1   1 
ATOM   578 C  CD2   . PHE A 1 92  ? 0.518   0.139   9.870   1.00 19.66 ? 92  PHE A CD2   1 
ATOM   579 C  CE1   . PHE A 1 92  ? -1.292  0.846   11.849  1.00 13.49 ? 92  PHE A CE1   1 
ATOM   580 C  CE2   . PHE A 1 92  ? -0.059  -0.841  10.689  1.00 20.47 ? 92  PHE A CE2   1 
ATOM   581 C  CZ    . PHE A 1 92  ? -0.965  -0.476  11.673  1.00 16.65 ? 92  PHE A CZ    1 
ATOM   582 N  N     . ILE A 1 93  ? 0.550   5.546   7.705   1.00 11.95 ? 93  ILE A N     1 
ATOM   583 C  CA    . ILE A 1 93  ? 1.249   6.470   6.803   1.00 10.91 ? 93  ILE A CA    1 
ATOM   584 C  C     . ILE A 1 93  ? 2.553   6.801   7.514   1.00 12.71 ? 93  ILE A C     1 
ATOM   585 O  O     . ILE A 1 93  ? 2.538   7.364   8.620   1.00 13.33 ? 93  ILE A O     1 
ATOM   586 C  CB    . ILE A 1 93  ? 0.429   7.748   6.594   1.00 13.50 ? 93  ILE A CB    1 
ATOM   587 C  CG1   . ILE A 1 93  ? -0.949  7.363   6.044   1.00 13.89 ? 93  ILE A CG1   1 
ATOM   588 C  CG2   . ILE A 1 93  ? 1.183   8.705   5.675   1.00 14.96 ? 93  ILE A CG2   1 
ATOM   589 C  CD1   . ILE A 1 93  ? -0.912  6.560   4.758   1.00 17.97 ? 93  ILE A CD1   1 
ATOM   590 N  N     . ILE A 1 94  ? 3.672   6.461   6.871   1.00 10.27 ? 94  ILE A N     1 
ATOM   591 C  CA    . ILE A 1 94  ? 5.026   6.617   7.439   1.00 9.99  ? 94  ILE A CA    1 
ATOM   592 C  C     . ILE A 1 94  ? 5.864   7.527   6.543   1.00 9.94  ? 94  ILE A C     1 
ATOM   593 O  O     . ILE A 1 94  ? 5.887   7.358   5.333   1.00 10.29 ? 94  ILE A O     1 
ATOM   594 C  CB    . ILE A 1 94  ? 5.713   5.213   7.522   1.00 10.00 ? 94  ILE A CB    1 
ATOM   595 C  CG1   . ILE A 1 94  ? 4.924   4.349   8.513   1.00 12.66 ? 94  ILE A CG1   1 
ATOM   596 C  CG2   . ILE A 1 94  ? 7.193   5.300   7.962   1.00 11.79 ? 94  ILE A CG2   1 
ATOM   597 C  CD1   . ILE A 1 94  ? 5.081   2.878   8.268   1.00 12.39 ? 94  ILE A CD1   1 
ATOM   598 N  N     . PRO A 1 95  ? 6.563   8.496   7.132   1.00 9.60  ? 95  PRO A N     1 
ATOM   599 C  CA    . PRO A 1 95  ? 7.375   9.393   6.310   1.00 11.74 ? 95  PRO A CA    1 
ATOM   600 C  C     . PRO A 1 95  ? 8.559   8.697   5.649   1.00 10.47 ? 95  PRO A C     1 
ATOM   601 O  O     . PRO A 1 95  ? 9.167   7.810   6.235   1.00 10.37 ? 95  PRO A O     1 
ATOM   602 C  CB    . PRO A 1 95  ? 7.815   10.481  7.304   1.00 12.49 ? 95  PRO A CB    1 
ATOM   603 C  CG    . PRO A 1 95  ? 7.866   9.755   8.639   1.00 12.57 ? 95  PRO A CG    1 
ATOM   604 C  CD    . PRO A 1 95  ? 6.667   8.802   8.571   1.00 9.55  ? 95  PRO A CD    1 
ATOM   605 N  N     . VAL A 1 96  ? 8.876   9.110   4.428   1.00 11.09 ? 96  VAL A N     1 
ATOM   606 C  CA    . VAL A 1 96  ? 10.013  8.566   3.697   1.00 10.05 ? 96  VAL A CA    1 
ATOM   607 C  C     . VAL A 1 96  ? 10.846  9.776   3.312   1.00 12.47 ? 96  VAL A C     1 
ATOM   608 O  O     . VAL A 1 96  ? 10.336  10.710  2.677   1.00 16.52 ? 96  VAL A O     1 
ATOM   609 C  CB    . VAL A 1 96  ? 9.541   7.784   2.445   1.00 12.61 ? 96  VAL A CB    1 
ATOM   610 C  CG1   . VAL A 1 96  ? 10.720  7.510   1.500   1.00 13.68 ? 96  VAL A CG1   1 
ATOM   611 C  CG2   . VAL A 1 96  ? 8.879   6.464   2.895   1.00 11.17 ? 96  VAL A CG2   1 
ATOM   612 N  N     . GLU A 1 97  ? 12.108  9.793   3.733   1.00 10.76 ? 97  GLU A N     1 
ATOM   613 C  CA    . GLU A 1 97  ? 12.973  10.950  3.446   1.00 12.23 ? 97  GLU A CA    1 
ATOM   614 C  C     . GLU A 1 97  ? 13.630  10.936  2.075   1.00 14.96 ? 97  GLU A C     1 
ATOM   615 O  O     . GLU A 1 97  ? 13.966  11.996  1.525   1.00 15.56 ? 97  GLU A O     1 
ATOM   616 C  CB    . GLU A 1 97  ? 13.993  11.094  4.592   1.00 13.96 ? 97  GLU A CB    1 
ATOM   617 C  CG    . GLU A 1 97  ? 13.237  11.414  5.903   1.00 19.69 ? 97  GLU A CG    1 
ATOM   618 C  CD    . GLU A 1 97  ? 14.108  11.578  7.134   1.00 21.66 ? 97  GLU A CD    1 
ATOM   619 O  OE1   . GLU A 1 97  ? 15.319  11.317  7.055   1.00 25.87 ? 97  GLU A OE1   1 
ATOM   620 O  OE2   . GLU A 1 97  ? 13.550  11.964  8.184   1.00 24.39 ? 97  GLU A OE2   1 
ATOM   621 N  N     . ASP A 1 98  ? 13.823  9.751   1.518   1.00 12.81 ? 98  ASP A N     1 
ATOM   622 C  CA    . ASP A 1 98  ? 14.390  9.659   0.179   1.00 15.06 ? 98  ASP A CA    1 
ATOM   623 C  C     . ASP A 1 98  ? 14.026  8.318   -0.414  1.00 15.14 ? 98  ASP A C     1 
ATOM   624 O  O     . ASP A 1 98  ? 13.689  7.374   0.305   1.00 11.80 ? 98  ASP A O     1 
ATOM   625 C  CB    . ASP A 1 98  ? 15.912  9.829   0.191   1.00 18.34 ? 98  ASP A CB    1 
ATOM   626 C  CG    . ASP A 1 98  ? 16.449  10.372  -1.154  1.00 26.03 ? 98  ASP A CG    1 
ATOM   627 O  OD1   . ASP A 1 98  ? 15.644  10.565  -2.096  1.00 27.86 ? 98  ASP A OD1   1 
ATOM   628 O  OD2   . ASP A 1 98  ? 17.668  10.609  -1.250  1.00 31.63 ? 98  ASP A OD2   1 
ATOM   629 N  N     . VAL A 1 99  ? 14.046  8.263   -1.738  1.00 14.66 ? 99  VAL A N     1 
ATOM   630 C  CA    . VAL A 1 99  ? 13.748  7.041   -2.478  1.00 13.33 ? 99  VAL A CA    1 
ATOM   631 C  C     . VAL A 1 99  ? 14.802  6.979   -3.573  1.00 14.13 ? 99  VAL A C     1 
ATOM   632 O  O     . VAL A 1 99  ? 15.089  7.993   -4.230  1.00 14.08 ? 99  VAL A O     1 
ATOM   633 C  CB    . VAL A 1 99  ? 12.364  7.086   -3.161  1.00 15.88 ? 99  VAL A CB    1 
ATOM   634 C  CG1   . VAL A 1 99  ? 12.158  5.823   -3.965  1.00 14.77 ? 99  VAL A CG1   1 
ATOM   635 C  CG2   . VAL A 1 99  ? 11.263  7.230   -2.130  1.00 17.58 ? 99  VAL A CG2   1 
ATOM   636 N  N     . ILE A 1 100 ? 15.389  5.808   -3.777  1.00 12.02 ? 100 ILE A N     1 
ATOM   637 C  CA    . ILE A 1 100 ? 16.424  5.662   -4.809  1.00 12.27 ? 100 ILE A CA    1 
ATOM   638 C  C     . ILE A 1 100 ? 16.096  4.480   -5.718  1.00 14.74 ? 100 ILE A C     1 
ATOM   639 O  O     . ILE A 1 100 ? 15.860  3.372   -5.229  1.00 15.11 ? 100 ILE A O     1 
ATOM   640 C  CB    . ILE A 1 100 ? 17.830  5.407   -4.179  1.00 10.55 ? 100 ILE A CB    1 
ATOM   641 C  CG1   . ILE A 1 100 ? 18.200  6.544   -3.218  1.00 11.12 ? 100 ILE A CG1   1 
ATOM   642 C  CG2   . ILE A 1 100 ? 18.899  5.291   -5.291  1.00 14.28 ? 100 ILE A CG2   1 
ATOM   643 C  CD1   . ILE A 1 100 ? 17.928  6.242   -1.791  1.00 14.08 ? 100 ILE A CD1   1 
ATOM   644 N  N     . ARG A 1 101 ? 16.103  4.715   -7.034  1.00 12.58 ? 101 ARG A N     1 
ATOM   645 C  CA    . ARG A 1 101 ? 15.839  3.656   -8.018  1.00 13.14 ? 101 ARG A CA    1 
ATOM   646 C  C     . ARG A 1 101 ? 17.166  2.932   -8.239  1.00 14.39 ? 101 ARG A C     1 
ATOM   647 O  O     . ARG A 1 101 ? 18.165  3.524   -8.641  1.00 14.62 ? 101 ARG A O     1 
ATOM   648 C  CB    . ARG A 1 101 ? 15.295  4.256   -9.324  1.00 14.46 ? 101 ARG A CB    1 
ATOM   649 C  CG    . ARG A 1 101 ? 14.811  3.192   -10.311 1.00 20.07 ? 101 ARG A CG    1 
ATOM   650 C  CD    . ARG A 1 101 ? 14.378  3.776   -11.671 1.00 23.83 ? 101 ARG A CD    1 
ATOM   651 N  NE    . ARG A 1 101 ? 13.442  4.908   -11.603 1.00 26.88 ? 101 ARG A NE    1 
ATOM   652 C  CZ    . ARG A 1 101 ? 12.129  4.814   -11.419 1.00 27.07 ? 101 ARG A CZ    1 
ATOM   653 N  NH1   . ARG A 1 101 ? 11.563  3.635   -11.270 1.00 31.40 ? 101 ARG A NH1   1 
ATOM   654 N  NH2   . ARG A 1 101 ? 11.367  5.902   -11.434 1.00 30.35 ? 101 ARG A NH2   1 
ATOM   655 N  N     . ILE A 1 102 ? 17.205  1.634   -7.953  1.00 14.31 ? 102 ILE A N     1 
ATOM   656 C  CA    . ILE A 1 102 ? 18.459  0.917   -8.074  1.00 13.75 ? 102 ILE A CA    1 
ATOM   657 C  C     . ILE A 1 102 ? 19.045  0.832   -9.489  1.00 15.54 ? 102 ILE A C     1 
ATOM   658 O  O     . ILE A 1 102 ? 20.260  0.977   -9.670  1.00 17.49 ? 102 ILE A O     1 
ATOM   659 C  CB    . ILE A 1 102 ? 18.329  -0.497  -7.439  1.00 15.29 ? 102 ILE A CB    1 
ATOM   660 C  CG1   . ILE A 1 102 ? 18.082  -0.324  -5.937  1.00 15.54 ? 102 ILE A CG1   1 
ATOM   661 C  CG2   . ILE A 1 102 ? 19.591  -1.347  -7.709  1.00 16.94 ? 102 ILE A CG2   1 
ATOM   662 C  CD1   . ILE A 1 102 ? 17.972  -1.672  -5.154  1.00 17.14 ? 102 ILE A CD1   1 
ATOM   663 N  N     . ARG A 1 103 ? 18.190  0.633   -10.477 1.00 16.18 ? 103 ARG A N     1 
ATOM   664 C  CA    . ARG A 1 103 ? 18.661  0.495   -11.848 1.00 18.44 ? 103 ARG A CA    1 
ATOM   665 C  C     . ARG A 1 103 ? 19.402  1.701   -12.385 1.00 19.59 ? 103 ARG A C     1 
ATOM   666 O  O     . ARG A 1 103 ? 20.396  1.582   -13.114 1.00 19.49 ? 103 ARG A O     1 
ATOM   667 C  CB    . ARG A 1 103 ? 17.475  0.217   -12.773 1.00 21.16 ? 103 ARG A CB    1 
ATOM   668 C  CG    . ARG A 1 103 ? 17.904  -0.142  -14.204 1.00 26.33 ? 103 ARG A CG    1 
ATOM   669 C  CD    . ARG A 1 103 ? 16.712  -0.568  -15.036 1.00 33.13 ? 103 ARG A CD    1 
ATOM   670 N  NE    . ARG A 1 103 ? 15.731  0.500   -15.147 1.00 37.62 ? 103 ARG A NE    1 
ATOM   671 C  CZ    . ARG A 1 103 ? 15.896  1.590   -15.888 1.00 40.61 ? 103 ARG A CZ    1 
ATOM   672 N  NH1   . ARG A 1 103 ? 17.009  1.757   -16.592 1.00 43.17 ? 103 ARG A NH1   1 
ATOM   673 N  NH2   . ARG A 1 103 ? 14.951  2.518   -15.915 1.00 43.79 ? 103 ARG A NH2   1 
ATOM   674 N  N     . THR A 1 104 ? 18.929  2.872   -11.987 1.00 19.61 ? 104 THR A N     1 
ATOM   675 C  CA    . THR A 1 104 ? 19.472  4.117   -12.508 1.00 19.89 ? 104 THR A CA    1 
ATOM   676 C  C     . THR A 1 104 ? 20.151  5.078   -11.546 1.00 18.15 ? 104 THR A C     1 
ATOM   677 O  O     . THR A 1 104 ? 20.870  5.978   -11.975 1.00 19.82 ? 104 THR A O     1 
ATOM   678 C  CB    . THR A 1 104 ? 18.338  4.905   -13.154 1.00 19.84 ? 104 THR A CB    1 
ATOM   679 O  OG1   . THR A 1 104 ? 17.390  5.236   -12.130 1.00 18.19 ? 104 THR A OG1   1 
ATOM   680 C  CG2   . THR A 1 104 ? 17.629  4.086   -14.234 1.00 18.67 ? 104 THR A CG2   1 
ATOM   681 N  N     . GLY A 1 105 ? 19.911  4.923   -10.251 1.00 15.51 ? 105 GLY A N     1 
ATOM   682 C  CA    . GLY A 1 105 ? 20.470  5.874   -9.313  1.00 15.73 ? 105 GLY A CA    1 
ATOM   683 C  C     . GLY A 1 105 ? 19.575  7.107   -9.195  1.00 14.18 ? 105 GLY A C     1 
ATOM   684 O  O     . GLY A 1 105 ? 19.907  8.019   -8.450  1.00 17.70 ? 105 GLY A O     1 
ATOM   685 N  N     . GLU A 1 106 ? 18.447  7.156   -9.911  1.00 13.46 ? 106 GLU A N     1 
ATOM   686 C  CA    . GLU A 1 106 ? 17.530  8.304   -9.805  1.00 14.21 ? 106 GLU A CA    1 
ATOM   687 C  C     . GLU A 1 106 ? 16.977  8.345   -8.375  1.00 13.95 ? 106 GLU A C     1 
ATOM   688 O  O     . GLU A 1 106 ? 16.828  7.307   -7.736  1.00 14.19 ? 106 GLU A O     1 
ATOM   689 C  CB    . GLU A 1 106 ? 16.343  8.157   -10.763 1.00 15.93 ? 106 GLU A CB    1 
ATOM   690 C  CG    . GLU A 1 106 ? 16.702  8.361   -12.239 1.00 18.13 ? 106 GLU A CG    1 
ATOM   691 C  CD    . GLU A 1 106 ? 15.632  7.819   -13.148 1.00 24.65 ? 106 GLU A CD    1 
ATOM   692 O  OE1   . GLU A 1 106 ? 14.952  8.620   -13.827 1.00 24.50 ? 106 GLU A OE1   1 
ATOM   693 O  OE2   . GLU A 1 106 ? 15.461  6.577   -13.177 1.00 22.69 ? 106 GLU A OE2   1 
ATOM   694 N  N     . ARG A 1 107 ? 16.699  9.554   -7.885  1.00 13.73 ? 107 ARG A N     1 
ATOM   695 C  CA    . ARG A 1 107 ? 16.166  9.723   -6.530  1.00 13.50 ? 107 ARG A CA    1 
ATOM   696 C  C     . ARG A 1 107 ? 14.917  10.575  -6.478  1.00 14.48 ? 107 ARG A C     1 
ATOM   697 O  O     . ARG A 1 107 ? 14.503  11.186  -7.478  1.00 14.59 ? 107 ARG A O     1 
ATOM   698 C  CB    . ARG A 1 107 ? 17.207  10.377  -5.628  1.00 15.02 ? 107 ARG A CB    1 
ATOM   699 C  CG    . ARG A 1 107 ? 18.502  9.603   -5.557  1.00 13.52 ? 107 ARG A CG    1 
ATOM   700 C  CD    . ARG A 1 107 ? 19.279  9.969   -4.299  1.00 14.10 ? 107 ARG A CD    1 
ATOM   701 N  NE    . ARG A 1 107 ? 20.560  9.281   -4.329  1.00 16.97 ? 107 ARG A NE    1 
ATOM   702 C  CZ    . ARG A 1 107 ? 21.342  9.125   -3.269  1.00 16.08 ? 107 ARG A CZ    1 
ATOM   703 N  NH1   . ARG A 1 107 ? 20.952  9.608   -2.108  1.00 19.43 ? 107 ARG A NH1   1 
ATOM   704 N  NH2   . ARG A 1 107 ? 22.505  8.501   -3.392  1.00 20.53 ? 107 ARG A NH2   1 
ATOM   705 N  N     . GLY A 1 108 ? 14.315  10.602  -5.293  1.00 15.45 ? 108 GLY A N     1 
ATOM   706 C  CA    . GLY A 1 108 ? 13.130  11.402  -5.081  1.00 17.73 ? 108 GLY A CA    1 
ATOM   707 C  C     . GLY A 1 108 ? 12.058  11.284  -6.143  1.00 19.66 ? 108 GLY A C     1 
ATOM   708 O  O     . GLY A 1 108 ? 11.632  10.184  -6.550  1.00 18.39 ? 108 GLY A O     1 
ATOM   709 N  N     . GLU A 1 109 ? 11.600  12.448  -6.588  1.00 21.12 ? 109 GLU A N     1 
ATOM   710 C  CA    . GLU A 1 109 ? 10.551  12.530  -7.592  1.00 23.59 ? 109 GLU A CA    1 
ATOM   711 C  C     . GLU A 1 109 ? 10.858  11.715  -8.834  1.00 21.77 ? 109 GLU A C     1 
ATOM   712 O  O     . GLU A 1 109 ? 9.952   11.227  -9.492  1.00 23.72 ? 109 GLU A O     1 
ATOM   713 C  CB    . GLU A 1 109 ? 10.329  13.996  -7.978  1.00 27.87 ? 109 GLU A CB    1 
ATOM   714 C  CG    . GLU A 1 109 ? 9.646   14.818  -6.903  1.00 34.71 ? 109 GLU A CG    1 
ATOM   715 C  CD    . GLU A 1 109 ? 8.151   14.582  -6.881  1.00 37.84 ? 109 GLU A CD    1 
ATOM   716 O  OE1   . GLU A 1 109 ? 7.595   14.266  -7.966  1.00 38.71 ? 109 GLU A OE1   1 
ATOM   717 O  OE2   . GLU A 1 109 ? 7.537   14.728  -5.794  1.00 38.85 ? 109 GLU A OE2   1 
ATOM   718 N  N     . GLN A 1 110 ? 12.140  11.552  -9.149  1.00 20.02 ? 110 GLN A N     1 
ATOM   719 C  CA    . GLN A 1 110 ? 12.526  10.812  -10.339 1.00 19.53 ? 110 GLN A CA    1 
ATOM   720 C  C     . GLN A 1 110 ? 12.534  9.302   -10.131 1.00 18.69 ? 110 GLN A C     1 
ATOM   721 O  O     . GLN A 1 110 ? 12.594  8.539   -11.101 1.00 20.17 ? 110 GLN A O     1 
ATOM   722 C  CB    . GLN A 1 110 ? 13.906  11.273  -10.830 1.00 19.60 ? 110 GLN A CB    1 
ATOM   723 C  CG    . GLN A 1 110 ? 13.949  12.758  -11.253 1.00 23.79 ? 110 GLN A CG    1 
ATOM   724 C  CD    . GLN A 1 110 ? 12.818  13.126  -12.203 1.00 29.42 ? 110 GLN A CD    1 
ATOM   725 O  OE1   . GLN A 1 110 ? 11.915  13.901  -11.852 1.00 29.83 ? 110 GLN A OE1   1 
ATOM   726 N  NE2   . GLN A 1 110 ? 12.855  12.570  -13.408 1.00 29.34 ? 110 GLN A NE2   1 
ATOM   727 N  N     . ALA A 1 111 ? 12.440  8.874   -8.877  1.00 18.85 ? 111 ALA A N     1 
ATOM   728 C  CA    . ALA A 1 111 ? 12.468  7.442   -8.543  1.00 18.05 ? 111 ALA A CA    1 
ATOM   729 C  C     . ALA A 1 111 ? 11.125  6.823   -8.175  1.00 22.98 ? 111 ALA A C     1 
ATOM   730 O  O     . ALA A 1 111 ? 11.045  5.612   -7.997  1.00 22.47 ? 111 ALA A O     1 
ATOM   731 C  CB    . ALA A 1 111 ? 13.475  7.184   -7.415  1.00 17.53 ? 111 ALA A CB    1 
ATOM   732 N  N     . ILE A 1 112 ? 10.092  7.644   -8.027  1.00 28.00 ? 112 ILE A N     1 
ATOM   733 C  CA    . ILE A 1 112 ? 8.762   7.116   -7.714  1.00 34.27 ? 112 ILE A CA    1 
ATOM   734 C  C     . ILE A 1 112 ? 8.050   6.836   -9.035  1.00 36.25 ? 112 ILE A C     1 
ATOM   735 O  O     . ILE A 1 112 ? 7.519   5.717   -9.203  1.00 37.70 ? 112 ILE A O     1 
ATOM   736 C  CB    . ILE A 1 112 ? 7.920   8.107   -6.892  1.00 35.96 ? 112 ILE A CB    1 
ATOM   737 C  CG1   . ILE A 1 112 ? 8.595   8.377   -5.551  1.00 38.62 ? 112 ILE A CG1   1 
ATOM   738 C  CG2   . ILE A 1 112 ? 6.524   7.528   -6.655  1.00 39.39 ? 112 ILE A CG2   1 
ATOM   739 C  CD1   . ILE A 1 112 ? 7.671   8.969   -4.498  1.00 42.80 ? 112 ILE A CD1   1 
ATOM   740 O  OXT   . ILE A 1 112 ? 8.038   7.742   -9.899  1.00 39.88 ? 112 ILE A OXT   1 
HETATM 741 CL CL    . CL  B 2 .   ? 8.676   1.308   8.231   0.33 12.53 ? 601 CL  A CL    1 
HETATM 742 P  PG    . ATP C 3 .   ? -11.826 -3.793  12.932  1.00 47.50 ? 501 ATP A PG    1 
HETATM 743 O  O1G   . ATP C 3 .   ? -12.376 -3.584  11.574  1.00 49.62 ? 501 ATP A O1G   1 
HETATM 744 O  O2G   . ATP C 3 .   ? -11.304 -5.303  13.139  1.00 51.14 ? 501 ATP A O2G   1 
HETATM 745 O  O3G   . ATP C 3 .   ? -12.929 -3.546  14.079  1.00 50.33 ? 501 ATP A O3G   1 
HETATM 746 P  PB    . ATP C 3 .   ? -9.272  -3.354  14.006  1.00 50.53 ? 501 ATP A PB    1 
HETATM 747 O  O1B   . ATP C 3 .   ? -8.684  -2.368  14.940  1.00 50.95 ? 501 ATP A O1B   1 
HETATM 748 O  O2B   . ATP C 3 .   ? -9.673  -4.717  14.765  1.00 52.08 ? 501 ATP A O2B   1 
HETATM 749 O  O3B   . ATP C 3 .   ? -10.602 -2.807  13.281  1.00 49.95 ? 501 ATP A O3B   1 
HETATM 750 P  PA    . ATP C 3 .   ? -8.299  -5.212  12.139  1.00 43.07 ? 501 ATP A PA    1 
HETATM 751 O  O1A   . ATP C 3 .   ? -9.023  -5.219  10.849  1.00 44.50 ? 501 ATP A O1A   1 
HETATM 752 O  O2A   . ATP C 3 .   ? -8.936  -6.218  13.223  1.00 48.60 ? 501 ATP A O2A   1 
HETATM 753 O  O3A   . ATP C 3 .   ? -8.264  -3.751  12.814  1.00 47.78 ? 501 ATP A O3A   1 
HETATM 754 O  "O5'" . ATP C 3 .   ? -6.752  -5.639  12.008  1.00 43.02 ? 501 ATP A "O5'" 1 
HETATM 755 C  "C5'" . ATP C 3 .   ? -6.264  -6.337  10.860  1.00 37.91 ? 501 ATP A "C5'" 1 
HETATM 756 C  "C4'" . ATP C 3 .   ? -4.740  -6.422  10.953  1.00 33.19 ? 501 ATP A "C4'" 1 
HETATM 757 O  "O4'" . ATP C 3 .   ? -4.140  -5.118  11.021  1.00 33.45 ? 501 ATP A "O4'" 1 
HETATM 758 C  "C3'" . ATP C 3 .   ? -4.386  -7.038  12.305  1.00 33.60 ? 501 ATP A "C3'" 1 
HETATM 759 O  "O3'" . ATP C 3 .   ? -4.561  -8.457  12.229  1.00 34.81 ? 501 ATP A "O3'" 1 
HETATM 760 C  "C2'" . ATP C 3 .   ? -2.900  -6.690  12.300  1.00 29.60 ? 501 ATP A "C2'" 1 
HETATM 761 O  "O2'" . ATP C 3 .   ? -2.214  -7.518  11.359  1.00 24.11 ? 501 ATP A "O2'" 1 
HETATM 762 C  "C1'" . ATP C 3 .   ? -2.929  -5.246  11.789  1.00 31.76 ? 501 ATP A "C1'" 1 
HETATM 763 N  N9    . ATP C 3 .   ? -3.029  -4.304  12.927  1.00 32.17 ? 501 ATP A N9    1 
HETATM 764 C  C8    . ATP C 3 .   ? -4.157  -3.822  13.444  1.00 32.57 ? 501 ATP A C8    1 
HETATM 765 N  N7    . ATP C 3 .   ? -3.866  -2.980  14.433  1.00 33.27 ? 501 ATP A N7    1 
HETATM 766 C  C5    . ATP C 3 .   ? -2.543  -2.925  14.546  1.00 30.00 ? 501 ATP A C5    1 
HETATM 767 C  C6    . ATP C 3 .   ? -1.671  -2.232  15.376  1.00 30.71 ? 501 ATP A C6    1 
HETATM 768 N  N6    . ATP C 3 .   ? -2.141  -1.408  16.309  1.00 33.21 ? 501 ATP A N6    1 
HETATM 769 N  N1    . ATP C 3 .   ? -0.351  -2.406  15.220  1.00 26.42 ? 501 ATP A N1    1 
HETATM 770 C  C2    . ATP C 3 .   ? 0.123   -3.226  14.299  1.00 30.07 ? 501 ATP A C2    1 
HETATM 771 N  N3    . ATP C 3 .   ? -0.675  -3.902  13.491  1.00 30.04 ? 501 ATP A N3    1 
HETATM 772 C  C4    . ATP C 3 .   ? -2.006  -3.773  13.587  1.00 30.27 ? 501 ATP A C4    1 
HETATM 773 O  O     . HOH D 4 .   ? 5.051   -5.639  2.028   1.00 14.33 ? 602 HOH A O     1 
HETATM 774 O  O     . HOH D 4 .   ? 8.287   -2.952  7.243   0.33 40.27 ? 603 HOH A O     1 
HETATM 775 O  O     . HOH D 4 .   ? -10.518 -2.475  10.125  1.00 20.63 ? 604 HOH A O     1 
HETATM 776 O  O     . HOH D 4 .   ? 5.318   -14.033 7.322   1.00 19.79 ? 605 HOH A O     1 
HETATM 777 O  O     . HOH D 4 .   ? 6.245   14.057  -2.297  1.00 22.47 ? 606 HOH A O     1 
HETATM 778 O  O     . HOH D 4 .   ? -4.457  12.330  -3.024  1.00 21.42 ? 607 HOH A O     1 
HETATM 779 O  O     . HOH D 4 .   ? 7.819   12.550  4.305   1.00 20.82 ? 608 HOH A O     1 
HETATM 780 O  O     . HOH D 4 .   ? -5.819  4.256   -15.203 1.00 18.18 ? 609 HOH A O     1 
HETATM 781 O  O     . HOH D 4 .   ? 21.965  8.300   -6.806  1.00 18.41 ? 610 HOH A O     1 
HETATM 782 O  O     . HOH D 4 .   ? 12.790  16.978  -6.648  1.00 20.14 ? 611 HOH A O     1 
HETATM 783 O  O     . HOH D 4 .   ? -9.214  -6.226  4.155   1.00 21.11 ? 612 HOH A O     1 
HETATM 784 O  O     . HOH D 4 .   ? 10.971  12.784  8.313   1.00 22.89 ? 613 HOH A O     1 
HETATM 785 O  O     . HOH D 4 .   ? -0.884  -14.301 4.193   1.00 27.71 ? 614 HOH A O     1 
HETATM 786 O  O     . HOH D 4 .   ? 6.513   -7.233  7.317   1.00 30.56 ? 615 HOH A O     1 
HETATM 787 O  O     . HOH D 4 .   ? -9.433  -9.745  -4.747  1.00 26.19 ? 616 HOH A O     1 
HETATM 788 O  O     . HOH D 4 .   ? 7.272   15.272  2.633   1.00 26.35 ? 617 HOH A O     1 
HETATM 789 O  O     . HOH D 4 .   ? 10.115  12.830  1.287   1.00 27.35 ? 618 HOH A O     1 
HETATM 790 O  O     . HOH D 4 .   ? 0.573   13.676  2.259   1.00 30.70 ? 619 HOH A O     1 
HETATM 791 O  O     . HOH D 4 .   ? 3.009   9.359   -6.423  1.00 22.19 ? 620 HOH A O     1 
HETATM 792 O  O     . HOH D 4 .   ? 0.625   -15.843 6.790   1.00 31.24 ? 621 HOH A O     1 
HETATM 793 O  O     . HOH D 4 .   ? -10.325 -3.603  -8.122  1.00 31.58 ? 622 HOH A O     1 
HETATM 794 O  O     . HOH D 4 .   ? 4.218   -14.567 10.153  1.00 32.86 ? 623 HOH A O     1 
HETATM 795 O  O     . HOH D 4 .   ? 23.380  6.127   -6.106  1.00 34.25 ? 624 HOH A O     1 
HETATM 796 O  O     . HOH D 4 .   ? 17.348  11.417  5.327   1.00 27.95 ? 625 HOH A O     1 
HETATM 797 O  O     . HOH D 4 .   ? -6.698  -11.874 -3.981  1.00 24.82 ? 626 HOH A O     1 
HETATM 798 O  O     . HOH D 4 .   ? -3.777  -13.264 -1.394  1.00 30.16 ? 627 HOH A O     1 
HETATM 799 O  O     . HOH D 4 .   ? 3.735   4.640   -6.136  1.00 37.70 ? 628 HOH A O     1 
HETATM 800 O  O     . HOH D 4 .   ? -9.312  2.441   -8.738  1.00 31.04 ? 629 HOH A O     1 
HETATM 801 O  O     . HOH D 4 .   ? 12.633  14.922  -5.268  1.00 30.23 ? 630 HOH A O     1 
HETATM 802 O  O     . HOH D 4 .   ? 14.934  11.089  -14.281 1.00 32.44 ? 631 HOH A O     1 
HETATM 803 O  O     . HOH D 4 .   ? -6.409  -7.087  7.970   1.00 30.02 ? 632 HOH A O     1 
HETATM 804 O  O     . HOH D 4 .   ? -8.589  -14.265 2.913   1.00 32.48 ? 633 HOH A O     1 
HETATM 805 O  O     . HOH D 4 .   ? -7.511  -8.593  12.778  1.00 47.12 ? 634 HOH A O     1 
HETATM 806 O  O     . HOH D 4 .   ? 4.414   18.184  0.982   1.00 41.91 ? 635 HOH A O     1 
HETATM 807 O  O     . HOH D 4 .   ? -4.887  -19.165 22.302  1.00 47.24 ? 636 HOH A O     1 
HETATM 808 O  O     . HOH D 4 .   ? 6.080   -17.165 13.895  1.00 38.37 ? 637 HOH A O     1 
HETATM 809 O  O     . HOH D 4 .   ? -3.881  11.393  -6.598  1.00 40.35 ? 638 HOH A O     1 
HETATM 810 O  O     . HOH D 4 .   ? -8.909  -11.930 8.306   1.00 32.45 ? 639 HOH A O     1 
HETATM 811 O  O     . HOH D 4 .   ? 17.599  13.061  -2.730  1.00 39.01 ? 640 HOH A O     1 
HETATM 812 O  O     . HOH D 4 .   ? -8.901  -10.618 12.373  1.00 42.35 ? 641 HOH A O     1 
HETATM 813 O  O     . HOH D 4 .   ? 4.097   16.029  4.916   1.00 45.87 ? 642 HOH A O     1 
HETATM 814 O  O     . HOH D 4 .   ? 5.827   -14.243 -0.476  1.00 47.74 ? 643 HOH A O     1 
HETATM 815 O  O     . HOH D 4 .   ? -4.034  -4.474  -12.476 1.00 46.27 ? 644 HOH A O     1 
HETATM 816 O  O     . HOH D 4 .   ? -7.934  -7.076  -13.645 1.00 42.90 ? 645 HOH A O     1 
HETATM 817 O  O     . HOH D 4 .   ? 13.815  14.479  2.859   1.00 37.04 ? 646 HOH A O     1 
HETATM 818 O  O     . HOH D 4 .   ? -4.128  1.832   -15.376 1.00 30.87 ? 647 HOH A O     1 
HETATM 819 O  O     . HOH D 4 .   ? 0.526   17.153  -0.555  1.00 35.20 ? 648 HOH A O     1 
HETATM 820 O  O     . HOH D 4 .   ? 5.331   16.690  -6.557  1.00 42.66 ? 649 HOH A O     1 
HETATM 821 O  O     . HOH D 4 .   ? -15.630 4.136   4.938   1.00 47.60 ? 650 HOH A O     1 
HETATM 822 O  O     . HOH D 4 .   ? -7.661  9.076   -10.215 1.00 44.11 ? 651 HOH A O     1 
HETATM 823 O  O     . HOH D 4 .   ? 2.397   18.206  -2.289  1.00 46.79 ? 652 HOH A O     1 
HETATM 824 O  O     . HOH D 4 .   ? -21.846 -7.368  9.778   1.00 52.79 ? 653 HOH A O     1 
HETATM 825 O  O     . HOH D 4 .   ? -9.500  -8.094  14.951  1.00 50.42 ? 654 HOH A O     1 
HETATM 826 O  O     . HOH D 4 .   ? -6.066  -2.472  -12.841 1.00 38.21 ? 655 HOH A O     1 
HETATM 827 O  O     . HOH D 4 .   ? -11.144 -12.823 -3.833  1.00 54.23 ? 656 HOH A O     1 
HETATM 828 O  O     . HOH D 4 .   ? -14.352 -10.622 5.645   1.00 46.70 ? 657 HOH A O     1 
HETATM 829 O  O     . HOH D 4 .   ? 9.675   12.278  10.774  0.33 24.00 ? 658 HOH A O     1 
HETATM 830 O  O     . HOH D 4 .   ? 8.091   -5.104  6.744   0.33 52.46 ? 659 HOH A O     1 
HETATM 831 O  O     . HOH D 4 .   ? 9.719   13.475  5.913   1.00 31.75 ? 660 HOH A O     1 
HETATM 832 O  O     . HOH D 4 .   ? -4.136  -16.721 3.251   1.00 33.41 ? 661 HOH A O     1 
HETATM 833 O  O     . HOH D 4 .   ? 0.015   12.148  4.243   1.00 35.10 ? 662 HOH A O     1 
HETATM 834 O  O     . HOH D 4 .   ? -0.448  -17.522 8.829   1.00 33.65 ? 663 HOH A O     1 
HETATM 835 O  O     . HOH D 4 .   ? -13.577 -14.511 -2.585  1.00 42.05 ? 664 HOH A O     1 
HETATM 836 O  O     . HOH D 4 .   ? 1.803   15.524  6.799   1.00 49.15 ? 665 HOH A O     1 
HETATM 837 O  O     . HOH D 4 .   ? -10.307 -2.089  -10.134 1.00 38.22 ? 666 HOH A O     1 
HETATM 838 O  O     . HOH D 4 .   ? -7.618  -13.105 15.544  1.00 53.81 ? 667 HOH A O     1 
HETATM 839 O  O     . HOH D 4 .   ? 9.054   -18.515 12.816  1.00 42.73 ? 668 HOH A O     1 
HETATM 840 O  O     . HOH D 4 .   ? -12.850 -5.899  16.624  1.00 52.29 ? 669 HOH A O     1 
HETATM 841 O  O     . HOH D 4 .   ? 2.944   7.106   -7.650  1.00 45.90 ? 670 HOH A O     1 
HETATM 842 O  O     . HOH D 4 .   ? 19.622  0.901   -17.552 1.00 46.62 ? 671 HOH A O     1 
HETATM 843 O  O     . HOH D 4 .   ? -4.683  9.285   -9.647  1.00 34.68 ? 672 HOH A O     1 
HETATM 844 O  O     . HOH D 4 .   ? -6.580  -15.451 4.378   1.00 38.90 ? 673 HOH A O     1 
HETATM 845 O  O     . HOH D 4 .   ? 17.262  12.818  2.571   1.00 48.46 ? 674 HOH A O     1 
HETATM 846 O  O     . HOH D 4 .   ? -13.955 6.144   4.952   1.00 41.32 ? 675 HOH A O     1 
HETATM 847 O  O     . HOH D 4 .   ? 26.622  6.819   -6.796  1.00 44.99 ? 676 HOH A O     1 
HETATM 848 O  O     . HOH D 4 .   ? 14.693  13.246  10.129  1.00 38.26 ? 677 HOH A O     1 
HETATM 849 O  O     . HOH D 4 .   ? -10.577 -13.384 15.191  1.00 46.48 ? 678 HOH A O     1 
HETATM 850 O  O     . HOH D 4 .   ? -3.114  -18.927 4.160   1.00 40.72 ? 679 HOH A O     1 
HETATM 851 O  O     . HOH D 4 .   ? -10.248 -5.885  -9.959  1.00 41.88 ? 680 HOH A O     1 
HETATM 852 O  O     . HOH D 4 .   ? -15.837 9.243   -1.969  1.00 44.11 ? 681 HOH A O     1 
HETATM 853 O  O     . HOH D 4 .   ? 6.673   -0.988  -11.709 1.00 52.73 ? 682 HOH A O     1 
HETATM 854 O  O     . HOH D 4 .   ? -17.881 6.547   -4.448  1.00 52.69 ? 683 HOH A O     1 
HETATM 855 O  O     . HOH D 4 .   ? -12.818 -12.852 16.962  1.00 48.21 ? 684 HOH A O     1 
HETATM 856 O  O     . HOH D 4 .   ? -8.019  0.603   -15.156 1.00 40.09 ? 685 HOH A O     1 
HETATM 857 O  O     . HOH D 4 .   ? 14.426  13.150  -1.325  1.00 44.47 ? 686 HOH A O     1 
HETATM 858 O  O     . HOH D 4 .   ? 21.223  2.025   -15.895 1.00 46.21 ? 687 HOH A O     1 
HETATM 859 O  O     . HOH D 4 .   ? 1.133   12.635  -8.929  1.00 48.75 ? 688 HOH A O     1 
HETATM 860 O  O     . HOH D 4 .   ? 8.488   5.233   -13.764 1.00 45.06 ? 689 HOH A O     1 
HETATM 861 O  O     . HOH D 4 .   ? 9.805   3.078   -14.181 1.00 53.71 ? 690 HOH A O     1 
# 
loop_
_pdbx_poly_seq_scheme.asym_id 
_pdbx_poly_seq_scheme.entity_id 
_pdbx_poly_seq_scheme.seq_id 
_pdbx_poly_seq_scheme.mon_id 
_pdbx_poly_seq_scheme.ndb_seq_num 
_pdbx_poly_seq_scheme.pdb_seq_num 
_pdbx_poly_seq_scheme.auth_seq_num 
_pdbx_poly_seq_scheme.pdb_mon_id 
_pdbx_poly_seq_scheme.auth_mon_id 
_pdbx_poly_seq_scheme.pdb_strand_id 
_pdbx_poly_seq_scheme.pdb_ins_code 
_pdbx_poly_seq_scheme.hetero 
A 1 1   MET 1   1   1   MET MET A . n 
A 1 2   LYS 2   2   2   LYS LYS A . n 
A 1 3   LYS 3   3   3   LYS LYS A . n 
A 1 4   ILE 4   4   4   ILE ILE A . n 
A 1 5   GLU 5   5   5   GLU GLU A . n 
A 1 6   ALA 6   6   6   ALA ALA A . n 
A 1 7   ILE 7   7   7   ILE ILE A . n 
A 1 8   ILE 8   8   8   ILE ILE A . n 
A 1 9   LYS 9   9   9   LYS LYS A . n 
A 1 10  PRO 10  10  10  PRO PRO A . n 
A 1 11  PHE 11  11  11  PHE PHE A . n 
A 1 12  LYS 12  12  12  LYS LYS A . n 
A 1 13  LEU 13  13  13  LEU LEU A . n 
A 1 14  ASP 14  14  14  ASP ASP A . n 
A 1 15  GLU 15  15  15  GLU GLU A . n 
A 1 16  VAL 16  16  16  VAL VAL A . n 
A 1 17  LYS 17  17  17  LYS LYS A . n 
A 1 18  ASP 18  18  18  ASP ASP A . n 
A 1 19  ALA 19  19  19  ALA ALA A . n 
A 1 20  LEU 20  20  20  LEU LEU A . n 
A 1 21  VAL 21  21  21  VAL VAL A . n 
A 1 22  GLU 22  22  22  GLU GLU A . n 
A 1 23  ILE 23  23  23  ILE ILE A . n 
A 1 24  GLY 24  24  24  GLY GLY A . n 
A 1 25  ILE 25  25  25  ILE ILE A . n 
A 1 26  GLY 26  26  26  GLY GLY A . n 
A 1 27  GLY 27  27  27  GLY GLY A . n 
A 1 28  MET 28  28  28  MET MET A . n 
A 1 29  THR 29  29  29  THR THR A . n 
A 1 30  VAL 30  30  30  VAL VAL A . n 
A 1 31  THR 31  31  31  THR THR A . n 
A 1 32  GLU 32  32  32  GLU GLU A . n 
A 1 33  VAL 33  33  33  VAL VAL A . n 
A 1 34  LYS 34  34  34  LYS LYS A . n 
A 1 35  GLY 35  35  35  GLY GLY A . n 
A 1 36  PHE 36  36  36  PHE PHE A . n 
A 1 37  GLY 37  37  ?   ?   ?   A . n 
A 1 38  GLN 38  38  ?   ?   ?   A . n 
A 1 39  GLN 39  39  ?   ?   ?   A . n 
A 1 40  LYS 40  40  ?   ?   ?   A . n 
A 1 41  GLY 41  41  ?   ?   ?   A . n 
A 1 42  HIS 42  42  ?   ?   ?   A . n 
A 1 43  THR 43  43  ?   ?   ?   A . n 
A 1 44  GLU 44  44  ?   ?   ?   A . n 
A 1 45  ILE 45  45  ?   ?   ?   A . n 
A 1 46  TYR 46  46  ?   ?   ?   A . n 
A 1 47  ARG 47  47  ?   ?   ?   A . n 
A 1 48  GLY 48  48  ?   ?   ?   A . n 
A 1 49  THR 49  49  ?   ?   ?   A . n 
A 1 50  GLU 50  50  ?   ?   ?   A . n 
A 1 51  TYR 51  51  ?   ?   ?   A . n 
A 1 52  VAL 52  52  ?   ?   ?   A . n 
A 1 53  ILE 53  53  ?   ?   ?   A . n 
A 1 54  ASP 54  54  54  ASP ASP A . n 
A 1 55  PHE 55  55  55  PHE PHE A . n 
A 1 56  LEU 56  56  56  LEU LEU A . n 
A 1 57  PRO 57  57  57  PRO PRO A . n 
A 1 58  LYS 58  58  58  LYS LYS A . n 
A 1 59  VAL 59  59  59  VAL VAL A . n 
A 1 60  LYS 60  60  60  LYS LYS A . n 
A 1 61  ILE 61  61  61  ILE ILE A . n 
A 1 62  GLU 62  62  62  GLU GLU A . n 
A 1 63  VAL 63  63  63  VAL VAL A . n 
A 1 64  VAL 64  64  64  VAL VAL A . n 
A 1 65  VAL 65  65  65  VAL VAL A . n 
A 1 66  ARG 66  66  66  ARG ARG A . n 
A 1 67  ASP 67  67  67  ASP ASP A . n 
A 1 68  GLU 68  68  68  GLU GLU A . n 
A 1 69  ASP 69  69  69  ASP ASP A . n 
A 1 70  VAL 70  70  70  VAL VAL A . n 
A 1 71  GLU 71  71  71  GLU GLU A . n 
A 1 72  LYS 72  72  72  LYS LYS A . n 
A 1 73  VAL 73  73  73  VAL VAL A . n 
A 1 74  VAL 74  74  74  VAL VAL A . n 
A 1 75  GLU 75  75  75  GLU GLU A . n 
A 1 76  THR 76  76  76  THR THR A . n 
A 1 77  ILE 77  77  77  ILE ILE A . n 
A 1 78  VAL 78  78  78  VAL VAL A . n 
A 1 79  LYS 79  79  79  LYS LYS A . n 
A 1 80  THR 80  80  80  THR THR A . n 
A 1 81  ALA 81  81  81  ALA ALA A . n 
A 1 82  GLN 82  82  82  GLN GLN A . n 
A 1 83  THR 83  83  83  THR THR A . n 
A 1 84  GLY 84  84  84  GLY GLY A . n 
A 1 85  ARG 85  85  85  ARG ARG A . n 
A 1 86  VAL 86  86  86  VAL VAL A . n 
A 1 87  GLY 87  87  87  GLY GLY A . n 
A 1 88  ASP 88  88  88  ASP ASP A . n 
A 1 89  GLY 89  89  89  GLY GLY A . n 
A 1 90  LYS 90  90  90  LYS LYS A . n 
A 1 91  ILE 91  91  91  ILE ILE A . n 
A 1 92  PHE 92  92  92  PHE PHE A . n 
A 1 93  ILE 93  93  93  ILE ILE A . n 
A 1 94  ILE 94  94  94  ILE ILE A . n 
A 1 95  PRO 95  95  95  PRO PRO A . n 
A 1 96  VAL 96  96  96  VAL VAL A . n 
A 1 97  GLU 97  97  97  GLU GLU A . n 
A 1 98  ASP 98  98  98  ASP ASP A . n 
A 1 99  VAL 99  99  99  VAL VAL A . n 
A 1 100 ILE 100 100 100 ILE ILE A . n 
A 1 101 ARG 101 101 101 ARG ARG A . n 
A 1 102 ILE 102 102 102 ILE ILE A . n 
A 1 103 ARG 103 103 103 ARG ARG A . n 
A 1 104 THR 104 104 104 THR THR A . n 
A 1 105 GLY 105 105 105 GLY GLY A . n 
A 1 106 GLU 106 106 106 GLU GLU A . n 
A 1 107 ARG 107 107 107 ARG ARG A . n 
A 1 108 GLY 108 108 108 GLY GLY A . n 
A 1 109 GLU 109 109 109 GLU GLU A . n 
A 1 110 GLN 110 110 110 GLN GLN A . n 
A 1 111 ALA 111 111 111 ALA ALA A . n 
A 1 112 ILE 112 112 112 ILE ILE A . n 
# 
_pdbx_SG_project.id                    1 
_pdbx_SG_project.project_name          'NPPSFA, National Project on Protein Structural and Functional Analyses' 
_pdbx_SG_project.full_name_of_center   'RIKEN Structural Genomics/Proteomics Initiative' 
_pdbx_SG_project.initial_of_center     RSGI 
# 
loop_
_pdbx_nonpoly_scheme.asym_id 
_pdbx_nonpoly_scheme.entity_id 
_pdbx_nonpoly_scheme.mon_id 
_pdbx_nonpoly_scheme.ndb_seq_num 
_pdbx_nonpoly_scheme.pdb_seq_num 
_pdbx_nonpoly_scheme.auth_seq_num 
_pdbx_nonpoly_scheme.pdb_mon_id 
_pdbx_nonpoly_scheme.auth_mon_id 
_pdbx_nonpoly_scheme.pdb_strand_id 
_pdbx_nonpoly_scheme.pdb_ins_code 
B 2 CL  1  601 1  CL  CL1 A . 
C 3 ATP 1  501 1  ATP ATP A . 
D 4 HOH 1  602 1  HOH HOH A . 
D 4 HOH 2  603 2  HOH HOH A . 
D 4 HOH 3  604 3  HOH HOH A . 
D 4 HOH 4  605 4  HOH HOH A . 
D 4 HOH 5  606 5  HOH HOH A . 
D 4 HOH 6  607 6  HOH HOH A . 
D 4 HOH 7  608 7  HOH HOH A . 
D 4 HOH 8  609 8  HOH HOH A . 
D 4 HOH 9  610 9  HOH HOH A . 
D 4 HOH 10 611 10 HOH HOH A . 
D 4 HOH 11 612 11 HOH HOH A . 
D 4 HOH 12 613 12 HOH HOH A . 
D 4 HOH 13 614 13 HOH HOH A . 
D 4 HOH 14 615 14 HOH HOH A . 
D 4 HOH 15 616 15 HOH HOH A . 
D 4 HOH 16 617 16 HOH HOH A . 
D 4 HOH 17 618 17 HOH HOH A . 
D 4 HOH 18 619 18 HOH HOH A . 
D 4 HOH 19 620 19 HOH HOH A . 
D 4 HOH 20 621 20 HOH HOH A . 
D 4 HOH 21 622 21 HOH HOH A . 
D 4 HOH 22 623 22 HOH HOH A . 
D 4 HOH 23 624 23 HOH HOH A . 
D 4 HOH 24 625 24 HOH HOH A . 
D 4 HOH 25 626 25 HOH HOH A . 
D 4 HOH 26 627 26 HOH HOH A . 
D 4 HOH 27 628 27 HOH HOH A . 
D 4 HOH 28 629 28 HOH HOH A . 
D 4 HOH 29 630 29 HOH HOH A . 
D 4 HOH 30 631 30 HOH HOH A . 
D 4 HOH 31 632 31 HOH HOH A . 
D 4 HOH 32 633 32 HOH HOH A . 
D 4 HOH 33 634 33 HOH HOH A . 
D 4 HOH 34 635 34 HOH HOH A . 
D 4 HOH 35 636 35 HOH HOH A . 
D 4 HOH 36 637 36 HOH HOH A . 
D 4 HOH 37 638 37 HOH HOH A . 
D 4 HOH 38 639 38 HOH HOH A . 
D 4 HOH 39 640 39 HOH HOH A . 
D 4 HOH 40 641 40 HOH HOH A . 
D 4 HOH 41 642 41 HOH HOH A . 
D 4 HOH 42 643 42 HOH HOH A . 
D 4 HOH 43 644 43 HOH HOH A . 
D 4 HOH 44 645 44 HOH HOH A . 
D 4 HOH 45 646 45 HOH HOH A . 
D 4 HOH 46 647 46 HOH HOH A . 
D 4 HOH 47 648 47 HOH HOH A . 
D 4 HOH 48 649 48 HOH HOH A . 
D 4 HOH 49 650 49 HOH HOH A . 
D 4 HOH 50 651 50 HOH HOH A . 
D 4 HOH 51 652 51 HOH HOH A . 
D 4 HOH 52 653 52 HOH HOH A . 
D 4 HOH 53 654 53 HOH HOH A . 
D 4 HOH 54 655 54 HOH HOH A . 
D 4 HOH 55 656 55 HOH HOH A . 
D 4 HOH 56 657 56 HOH HOH A . 
D 4 HOH 57 658 57 HOH HOH A . 
D 4 HOH 58 659 58 HOH HOH A . 
D 4 HOH 59 660 59 HOH HOH A . 
D 4 HOH 60 661 60 HOH HOH A . 
D 4 HOH 61 662 61 HOH HOH A . 
D 4 HOH 62 663 62 HOH HOH A . 
D 4 HOH 63 664 63 HOH HOH A . 
D 4 HOH 64 665 64 HOH HOH A . 
D 4 HOH 65 666 65 HOH HOH A . 
D 4 HOH 66 667 66 HOH HOH A . 
D 4 HOH 67 668 67 HOH HOH A . 
D 4 HOH 68 669 68 HOH HOH A . 
D 4 HOH 69 670 69 HOH HOH A . 
D 4 HOH 70 671 70 HOH HOH A . 
D 4 HOH 71 672 71 HOH HOH A . 
D 4 HOH 72 673 72 HOH HOH A . 
D 4 HOH 73 674 73 HOH HOH A . 
D 4 HOH 74 675 74 HOH HOH A . 
D 4 HOH 75 676 75 HOH HOH A . 
D 4 HOH 76 677 76 HOH HOH A . 
D 4 HOH 77 678 77 HOH HOH A . 
D 4 HOH 78 679 78 HOH HOH A . 
D 4 HOH 79 680 79 HOH HOH A . 
D 4 HOH 80 681 80 HOH HOH A . 
D 4 HOH 81 682 81 HOH HOH A . 
D 4 HOH 82 683 82 HOH HOH A . 
D 4 HOH 83 684 83 HOH HOH A . 
D 4 HOH 84 685 84 HOH HOH A . 
D 4 HOH 85 686 85 HOH HOH A . 
D 4 HOH 86 687 86 HOH HOH A . 
D 4 HOH 87 688 87 HOH HOH A . 
D 4 HOH 88 689 88 HOH HOH A . 
D 4 HOH 89 690 89 HOH HOH A . 
# 
loop_
_pdbx_struct_assembly.id 
_pdbx_struct_assembly.details 
_pdbx_struct_assembly.method_details 
_pdbx_struct_assembly.oligomeric_details 
_pdbx_struct_assembly.oligomeric_count 
1 author_and_software_defined_assembly PISA trimeric    3  
2 software_defined_assembly            PQS  dodecameric 12 
# 
loop_
_pdbx_struct_assembly_gen.assembly_id 
_pdbx_struct_assembly_gen.oper_expression 
_pdbx_struct_assembly_gen.asym_id_list 
1 1,2,3                      A,B,C,D 
2 1,4,5,6,2,7,8,9,3,10,11,12 A,B,C,D 
# 
loop_
_pdbx_struct_assembly_prop.biol_id 
_pdbx_struct_assembly_prop.type 
_pdbx_struct_assembly_prop.value 
_pdbx_struct_assembly_prop.details 
1 'ABSA (A^2)' 9730  ? 
1 MORE         -31   ? 
1 'SSA (A^2)'  11400 ? 
# 
loop_
_pdbx_struct_oper_list.id 
_pdbx_struct_oper_list.type 
_pdbx_struct_oper_list.name 
_pdbx_struct_oper_list.symmetry_operation 
_pdbx_struct_oper_list.matrix[1][1] 
_pdbx_struct_oper_list.matrix[1][2] 
_pdbx_struct_oper_list.matrix[1][3] 
_pdbx_struct_oper_list.vector[1] 
_pdbx_struct_oper_list.matrix[2][1] 
_pdbx_struct_oper_list.matrix[2][2] 
_pdbx_struct_oper_list.matrix[2][3] 
_pdbx_struct_oper_list.vector[2] 
_pdbx_struct_oper_list.matrix[3][1] 
_pdbx_struct_oper_list.matrix[3][2] 
_pdbx_struct_oper_list.matrix[3][3] 
_pdbx_struct_oper_list.vector[3] 
1  'identity operation'         1_555  x,y,z   1.0000000000  0.0000000000  0.0000000000  0.0000000000   0.0000000000  1.0000000000  0.0000000000  0.0000000000  0.0000000000  0.0000000000  1.0000000000  0.0000000000   
2  'crystal symmetry operation' 5_555  z,x,y   -0.4882739749 0.3234956045  -0.8105178094 19.1596173897  -0.0661121013 0.9123768927  0.4039772219  -2.6368747292 0.8701825760  0.2508365994  -0.4241029178 3.8440734566   
3  'crystal symmetry operation' 9_555  y,z,x   -0.4882739749 -0.0661121013 0.8701825760  5.8357674681   0.3234956045  0.9123768927  0.2508365994  -4.7564627515 -0.8105178094 0.4039772219  -0.4241029178 18.2247312120  
4  'crystal symmetry operation' 2_555  -x,-y,z -0.5766462739 -0.4242059027 -0.6982323589 34.8152890697  -0.4242059027 -0.5749402054 0.6996378437  29.4885890994 -0.6982323589 0.6996378437  0.1515864792  3.1937058886   
5  'crystal symmetry operation' 3_555  -x,y,-z 0.4602451386  0.7897321193  0.4055830274  -16.6552713424 0.7897321193  -0.5728958078 0.2193480638  22.8807257629 0.4055830274  0.2193480638  -0.8873493308 15.4127134003  
6  'crystal symmetry operation' 4_555  x,-y,-z -0.8835988647 -0.3655262166 0.2926493315  23.9516950688  -0.3655262166 0.1478360132  -0.9189859075 34.1821219136 0.2926493315  -0.9189859075 -0.2642371485 33.1675358807  
7  'crystal symmetry operation' 6_555  z,-x,-y 0.7102623853  -0.5459308595 0.4443949153  9.1110912651   -0.6309823350 -0.2138792620 0.7457324950  23.2563050760 -0.3120715254 -0.8100710821 -0.4963831233 40.1820888081  
8  'crystal symmetry operation' 7_555  -z,-x,y -0.2979831208 -0.7487204288 0.5921349333  22.2014884409  0.8539518685  -0.4862961254 -0.1851547588 25.5664708719 0.4265820742  0.4504817398  0.7842792462  -11.4463067448 
9  'crystal symmetry operation' 8_555  -z,x,-y 0.0759947104  0.9711556838  -0.2260120392 -8.3604842997  -0.1568574321 -0.2122015052 -0.9645549581 40.3655355573 -0.9846931248 0.1087527428  0.1362067948  19.1940996498  
10 'crystal symmetry operation' 10_555 -y,z,-x -0.2979831208 0.8539518685  0.4265820742  -10.3340774859 -0.7487204288 -0.4862961254 0.4504817398  34.2119358480 0.5921349333  -0.1851547588 0.7842792462  0.5645776980   
11 'crystal symmetry operation' 11_555 y,-z,-x 0.0759947104  -0.1568574321 -0.9846931248 25.8672847984  0.9711556838  -0.2122015052 0.1087527428  14.5975482681 -0.2260120392 -0.9645549581 0.1362067948  34.4308405596  
12 'crystal symmetry operation' 12_555 -y,-z,x 0.7102623853  -0.6309823350 -0.3120715254 20.7427380155  -0.5459308595 -0.2138792620 -0.8100710821 42.4984154113 0.4443949153  0.7457324950  -0.4963831233 -1.4461943000 
# 
loop_
_pdbx_struct_special_symmetry.id 
_pdbx_struct_special_symmetry.PDB_model_num 
_pdbx_struct_special_symmetry.auth_asym_id 
_pdbx_struct_special_symmetry.auth_comp_id 
_pdbx_struct_special_symmetry.auth_seq_id 
_pdbx_struct_special_symmetry.PDB_ins_code 
_pdbx_struct_special_symmetry.label_asym_id 
_pdbx_struct_special_symmetry.label_comp_id 
_pdbx_struct_special_symmetry.label_seq_id 
1 1 A CL  601 ? B CL  . 
2 1 A HOH 603 ? D HOH . 
3 1 A HOH 658 ? D HOH . 
4 1 A HOH 659 ? D HOH . 
# 
loop_
_pdbx_audit_revision_history.ordinal 
_pdbx_audit_revision_history.data_content_type 
_pdbx_audit_revision_history.major_revision 
_pdbx_audit_revision_history.minor_revision 
_pdbx_audit_revision_history.revision_date 
1 'Structure model' 1 0 2008-03-04 
2 'Structure model' 1 1 2011-07-13 
3 'Structure model' 1 2 2023-10-25 
# 
_pdbx_audit_revision_details.ordinal             1 
_pdbx_audit_revision_details.revision_ordinal    1 
_pdbx_audit_revision_details.data_content_type   'Structure model' 
_pdbx_audit_revision_details.provider            repository 
_pdbx_audit_revision_details.type                'Initial release' 
_pdbx_audit_revision_details.description         ? 
_pdbx_audit_revision_details.details             ? 
# 
loop_
_pdbx_audit_revision_group.ordinal 
_pdbx_audit_revision_group.revision_ordinal 
_pdbx_audit_revision_group.data_content_type 
_pdbx_audit_revision_group.group 
1 2 'Structure model' 'Derived calculations'      
2 2 'Structure model' 'Version format compliance' 
3 3 'Structure model' 'Data collection'           
4 3 'Structure model' 'Database references'       
5 3 'Structure model' 'Derived calculations'      
6 3 'Structure model' 'Refinement description'    
# 
loop_
_pdbx_audit_revision_category.ordinal 
_pdbx_audit_revision_category.revision_ordinal 
_pdbx_audit_revision_category.data_content_type 
_pdbx_audit_revision_category.category 
1 3 'Structure model' chem_comp_atom                
2 3 'Structure model' chem_comp_bond                
3 3 'Structure model' database_2                    
4 3 'Structure model' pdbx_initial_refinement_model 
5 3 'Structure model' struct_site                   
# 
loop_
_pdbx_audit_revision_item.ordinal 
_pdbx_audit_revision_item.revision_ordinal 
_pdbx_audit_revision_item.data_content_type 
_pdbx_audit_revision_item.item 
1 3 'Structure model' '_database_2.pdbx_DOI'                
2 3 'Structure model' '_database_2.pdbx_database_accession' 
3 3 'Structure model' '_struct_site.pdbx_auth_asym_id'      
4 3 'Structure model' '_struct_site.pdbx_auth_comp_id'      
5 3 'Structure model' '_struct_site.pdbx_auth_seq_id'       
# 
loop_
_software.name 
_software.classification 
_software.version 
_software.citation_id 
_software.pdbx_ordinal 
CNS      refinement       1.1 ? 1 
HKL-2000 'data reduction' .   ? 2 
HKL-2000 'data scaling'   .   ? 3 
MOLREP   phasing          .   ? 4 
# 
_pdbx_validate_symm_contact.id                1 
_pdbx_validate_symm_contact.PDB_model_num     1 
_pdbx_validate_symm_contact.auth_atom_id_1    NH1 
_pdbx_validate_symm_contact.auth_asym_id_1    A 
_pdbx_validate_symm_contact.auth_comp_id_1    ARG 
_pdbx_validate_symm_contact.auth_seq_id_1     101 
_pdbx_validate_symm_contact.PDB_ins_code_1    ? 
_pdbx_validate_symm_contact.label_alt_id_1    ? 
_pdbx_validate_symm_contact.site_symmetry_1   1_555 
_pdbx_validate_symm_contact.auth_atom_id_2    O1B 
_pdbx_validate_symm_contact.auth_asym_id_2    A 
_pdbx_validate_symm_contact.auth_comp_id_2    ATP 
_pdbx_validate_symm_contact.auth_seq_id_2     501 
_pdbx_validate_symm_contact.PDB_ins_code_2    ? 
_pdbx_validate_symm_contact.label_alt_id_2    ? 
_pdbx_validate_symm_contact.site_symmetry_2   5_555 
_pdbx_validate_symm_contact.dist              2.19 
# 
loop_
_pdbx_unobs_or_zero_occ_residues.id 
_pdbx_unobs_or_zero_occ_residues.PDB_model_num 
_pdbx_unobs_or_zero_occ_residues.polymer_flag 
_pdbx_unobs_or_zero_occ_residues.occupancy_flag 
_pdbx_unobs_or_zero_occ_residues.auth_asym_id 
_pdbx_unobs_or_zero_occ_residues.auth_comp_id 
_pdbx_unobs_or_zero_occ_residues.auth_seq_id 
_pdbx_unobs_or_zero_occ_residues.PDB_ins_code 
_pdbx_unobs_or_zero_occ_residues.label_asym_id 
_pdbx_unobs_or_zero_occ_residues.label_comp_id 
_pdbx_unobs_or_zero_occ_residues.label_seq_id 
1  1 Y 1 A GLY 37 ? A GLY 37 
2  1 Y 1 A GLN 38 ? A GLN 38 
3  1 Y 1 A GLN 39 ? A GLN 39 
4  1 Y 1 A LYS 40 ? A LYS 40 
5  1 Y 1 A GLY 41 ? A GLY 41 
6  1 Y 1 A HIS 42 ? A HIS 42 
7  1 Y 1 A THR 43 ? A THR 43 
8  1 Y 1 A GLU 44 ? A GLU 44 
9  1 Y 1 A ILE 45 ? A ILE 45 
10 1 Y 1 A TYR 46 ? A TYR 46 
11 1 Y 1 A ARG 47 ? A ARG 47 
12 1 Y 1 A GLY 48 ? A GLY 48 
13 1 Y 1 A THR 49 ? A THR 49 
14 1 Y 1 A GLU 50 ? A GLU 50 
15 1 Y 1 A TYR 51 ? A TYR 51 
16 1 Y 1 A VAL 52 ? A VAL 52 
17 1 Y 1 A ILE 53 ? A ILE 53 
# 
loop_
_chem_comp_atom.comp_id 
_chem_comp_atom.atom_id 
_chem_comp_atom.type_symbol 
_chem_comp_atom.pdbx_aromatic_flag 
_chem_comp_atom.pdbx_stereo_config 
_chem_comp_atom.pdbx_ordinal 
ALA N      N  N N 1   
ALA CA     C  N S 2   
ALA C      C  N N 3   
ALA O      O  N N 4   
ALA CB     C  N N 5   
ALA OXT    O  N N 6   
ALA H      H  N N 7   
ALA H2     H  N N 8   
ALA HA     H  N N 9   
ALA HB1    H  N N 10  
ALA HB2    H  N N 11  
ALA HB3    H  N N 12  
ALA HXT    H  N N 13  
ARG N      N  N N 14  
ARG CA     C  N S 15  
ARG C      C  N N 16  
ARG O      O  N N 17  
ARG CB     C  N N 18  
ARG CG     C  N N 19  
ARG CD     C  N N 20  
ARG NE     N  N N 21  
ARG CZ     C  N N 22  
ARG NH1    N  N N 23  
ARG NH2    N  N N 24  
ARG OXT    O  N N 25  
ARG H      H  N N 26  
ARG H2     H  N N 27  
ARG HA     H  N N 28  
ARG HB2    H  N N 29  
ARG HB3    H  N N 30  
ARG HG2    H  N N 31  
ARG HG3    H  N N 32  
ARG HD2    H  N N 33  
ARG HD3    H  N N 34  
ARG HE     H  N N 35  
ARG HH11   H  N N 36  
ARG HH12   H  N N 37  
ARG HH21   H  N N 38  
ARG HH22   H  N N 39  
ARG HXT    H  N N 40  
ASP N      N  N N 41  
ASP CA     C  N S 42  
ASP C      C  N N 43  
ASP O      O  N N 44  
ASP CB     C  N N 45  
ASP CG     C  N N 46  
ASP OD1    O  N N 47  
ASP OD2    O  N N 48  
ASP OXT    O  N N 49  
ASP H      H  N N 50  
ASP H2     H  N N 51  
ASP HA     H  N N 52  
ASP HB2    H  N N 53  
ASP HB3    H  N N 54  
ASP HD2    H  N N 55  
ASP HXT    H  N N 56  
ATP PG     P  N N 57  
ATP O1G    O  N N 58  
ATP O2G    O  N N 59  
ATP O3G    O  N N 60  
ATP PB     P  N R 61  
ATP O1B    O  N N 62  
ATP O2B    O  N N 63  
ATP O3B    O  N N 64  
ATP PA     P  N R 65  
ATP O1A    O  N N 66  
ATP O2A    O  N N 67  
ATP O3A    O  N N 68  
ATP "O5'"  O  N N 69  
ATP "C5'"  C  N N 70  
ATP "C4'"  C  N R 71  
ATP "O4'"  O  N N 72  
ATP "C3'"  C  N S 73  
ATP "O3'"  O  N N 74  
ATP "C2'"  C  N R 75  
ATP "O2'"  O  N N 76  
ATP "C1'"  C  N R 77  
ATP N9     N  Y N 78  
ATP C8     C  Y N 79  
ATP N7     N  Y N 80  
ATP C5     C  Y N 81  
ATP C6     C  Y N 82  
ATP N6     N  N N 83  
ATP N1     N  Y N 84  
ATP C2     C  Y N 85  
ATP N3     N  Y N 86  
ATP C4     C  Y N 87  
ATP HOG2   H  N N 88  
ATP HOG3   H  N N 89  
ATP HOB2   H  N N 90  
ATP HOA2   H  N N 91  
ATP "H5'1" H  N N 92  
ATP "H5'2" H  N N 93  
ATP "H4'"  H  N N 94  
ATP "H3'"  H  N N 95  
ATP "HO3'" H  N N 96  
ATP "H2'"  H  N N 97  
ATP "HO2'" H  N N 98  
ATP "H1'"  H  N N 99  
ATP H8     H  N N 100 
ATP HN61   H  N N 101 
ATP HN62   H  N N 102 
ATP H2     H  N N 103 
CL  CL     CL N N 104 
GLN N      N  N N 105 
GLN CA     C  N S 106 
GLN C      C  N N 107 
GLN O      O  N N 108 
GLN CB     C  N N 109 
GLN CG     C  N N 110 
GLN CD     C  N N 111 
GLN OE1    O  N N 112 
GLN NE2    N  N N 113 
GLN OXT    O  N N 114 
GLN H      H  N N 115 
GLN H2     H  N N 116 
GLN HA     H  N N 117 
GLN HB2    H  N N 118 
GLN HB3    H  N N 119 
GLN HG2    H  N N 120 
GLN HG3    H  N N 121 
GLN HE21   H  N N 122 
GLN HE22   H  N N 123 
GLN HXT    H  N N 124 
GLU N      N  N N 125 
GLU CA     C  N S 126 
GLU C      C  N N 127 
GLU O      O  N N 128 
GLU CB     C  N N 129 
GLU CG     C  N N 130 
GLU CD     C  N N 131 
GLU OE1    O  N N 132 
GLU OE2    O  N N 133 
GLU OXT    O  N N 134 
GLU H      H  N N 135 
GLU H2     H  N N 136 
GLU HA     H  N N 137 
GLU HB2    H  N N 138 
GLU HB3    H  N N 139 
GLU HG2    H  N N 140 
GLU HG3    H  N N 141 
GLU HE2    H  N N 142 
GLU HXT    H  N N 143 
GLY N      N  N N 144 
GLY CA     C  N N 145 
GLY C      C  N N 146 
GLY O      O  N N 147 
GLY OXT    O  N N 148 
GLY H      H  N N 149 
GLY H2     H  N N 150 
GLY HA2    H  N N 151 
GLY HA3    H  N N 152 
GLY HXT    H  N N 153 
HIS N      N  N N 154 
HIS CA     C  N S 155 
HIS C      C  N N 156 
HIS O      O  N N 157 
HIS CB     C  N N 158 
HIS CG     C  Y N 159 
HIS ND1    N  Y N 160 
HIS CD2    C  Y N 161 
HIS CE1    C  Y N 162 
HIS NE2    N  Y N 163 
HIS OXT    O  N N 164 
HIS H      H  N N 165 
HIS H2     H  N N 166 
HIS HA     H  N N 167 
HIS HB2    H  N N 168 
HIS HB3    H  N N 169 
HIS HD1    H  N N 170 
HIS HD2    H  N N 171 
HIS HE1    H  N N 172 
HIS HE2    H  N N 173 
HIS HXT    H  N N 174 
HOH O      O  N N 175 
HOH H1     H  N N 176 
HOH H2     H  N N 177 
ILE N      N  N N 178 
ILE CA     C  N S 179 
ILE C      C  N N 180 
ILE O      O  N N 181 
ILE CB     C  N S 182 
ILE CG1    C  N N 183 
ILE CG2    C  N N 184 
ILE CD1    C  N N 185 
ILE OXT    O  N N 186 
ILE H      H  N N 187 
ILE H2     H  N N 188 
ILE HA     H  N N 189 
ILE HB     H  N N 190 
ILE HG12   H  N N 191 
ILE HG13   H  N N 192 
ILE HG21   H  N N 193 
ILE HG22   H  N N 194 
ILE HG23   H  N N 195 
ILE HD11   H  N N 196 
ILE HD12   H  N N 197 
ILE HD13   H  N N 198 
ILE HXT    H  N N 199 
LEU N      N  N N 200 
LEU CA     C  N S 201 
LEU C      C  N N 202 
LEU O      O  N N 203 
LEU CB     C  N N 204 
LEU CG     C  N N 205 
LEU CD1    C  N N 206 
LEU CD2    C  N N 207 
LEU OXT    O  N N 208 
LEU H      H  N N 209 
LEU H2     H  N N 210 
LEU HA     H  N N 211 
LEU HB2    H  N N 212 
LEU HB3    H  N N 213 
LEU HG     H  N N 214 
LEU HD11   H  N N 215 
LEU HD12   H  N N 216 
LEU HD13   H  N N 217 
LEU HD21   H  N N 218 
LEU HD22   H  N N 219 
LEU HD23   H  N N 220 
LEU HXT    H  N N 221 
LYS N      N  N N 222 
LYS CA     C  N S 223 
LYS C      C  N N 224 
LYS O      O  N N 225 
LYS CB     C  N N 226 
LYS CG     C  N N 227 
LYS CD     C  N N 228 
LYS CE     C  N N 229 
LYS NZ     N  N N 230 
LYS OXT    O  N N 231 
LYS H      H  N N 232 
LYS H2     H  N N 233 
LYS HA     H  N N 234 
LYS HB2    H  N N 235 
LYS HB3    H  N N 236 
LYS HG2    H  N N 237 
LYS HG3    H  N N 238 
LYS HD2    H  N N 239 
LYS HD3    H  N N 240 
LYS HE2    H  N N 241 
LYS HE3    H  N N 242 
LYS HZ1    H  N N 243 
LYS HZ2    H  N N 244 
LYS HZ3    H  N N 245 
LYS HXT    H  N N 246 
MET N      N  N N 247 
MET CA     C  N S 248 
MET C      C  N N 249 
MET O      O  N N 250 
MET CB     C  N N 251 
MET CG     C  N N 252 
MET SD     S  N N 253 
MET CE     C  N N 254 
MET OXT    O  N N 255 
MET H      H  N N 256 
MET H2     H  N N 257 
MET HA     H  N N 258 
MET HB2    H  N N 259 
MET HB3    H  N N 260 
MET HG2    H  N N 261 
MET HG3    H  N N 262 
MET HE1    H  N N 263 
MET HE2    H  N N 264 
MET HE3    H  N N 265 
MET HXT    H  N N 266 
PHE N      N  N N 267 
PHE CA     C  N S 268 
PHE C      C  N N 269 
PHE O      O  N N 270 
PHE CB     C  N N 271 
PHE CG     C  Y N 272 
PHE CD1    C  Y N 273 
PHE CD2    C  Y N 274 
PHE CE1    C  Y N 275 
PHE CE2    C  Y N 276 
PHE CZ     C  Y N 277 
PHE OXT    O  N N 278 
PHE H      H  N N 279 
PHE H2     H  N N 280 
PHE HA     H  N N 281 
PHE HB2    H  N N 282 
PHE HB3    H  N N 283 
PHE HD1    H  N N 284 
PHE HD2    H  N N 285 
PHE HE1    H  N N 286 
PHE HE2    H  N N 287 
PHE HZ     H  N N 288 
PHE HXT    H  N N 289 
PRO N      N  N N 290 
PRO CA     C  N S 291 
PRO C      C  N N 292 
PRO O      O  N N 293 
PRO CB     C  N N 294 
PRO CG     C  N N 295 
PRO CD     C  N N 296 
PRO OXT    O  N N 297 
PRO H      H  N N 298 
PRO HA     H  N N 299 
PRO HB2    H  N N 300 
PRO HB3    H  N N 301 
PRO HG2    H  N N 302 
PRO HG3    H  N N 303 
PRO HD2    H  N N 304 
PRO HD3    H  N N 305 
PRO HXT    H  N N 306 
THR N      N  N N 307 
THR CA     C  N S 308 
THR C      C  N N 309 
THR O      O  N N 310 
THR CB     C  N R 311 
THR OG1    O  N N 312 
THR CG2    C  N N 313 
THR OXT    O  N N 314 
THR H      H  N N 315 
THR H2     H  N N 316 
THR HA     H  N N 317 
THR HB     H  N N 318 
THR HG1    H  N N 319 
THR HG21   H  N N 320 
THR HG22   H  N N 321 
THR HG23   H  N N 322 
THR HXT    H  N N 323 
TYR N      N  N N 324 
TYR CA     C  N S 325 
TYR C      C  N N 326 
TYR O      O  N N 327 
TYR CB     C  N N 328 
TYR CG     C  Y N 329 
TYR CD1    C  Y N 330 
TYR CD2    C  Y N 331 
TYR CE1    C  Y N 332 
TYR CE2    C  Y N 333 
TYR CZ     C  Y N 334 
TYR OH     O  N N 335 
TYR OXT    O  N N 336 
TYR H      H  N N 337 
TYR H2     H  N N 338 
TYR HA     H  N N 339 
TYR HB2    H  N N 340 
TYR HB3    H  N N 341 
TYR HD1    H  N N 342 
TYR HD2    H  N N 343 
TYR HE1    H  N N 344 
TYR HE2    H  N N 345 
TYR HH     H  N N 346 
TYR HXT    H  N N 347 
VAL N      N  N N 348 
VAL CA     C  N S 349 
VAL C      C  N N 350 
VAL O      O  N N 351 
VAL CB     C  N N 352 
VAL CG1    C  N N 353 
VAL CG2    C  N N 354 
VAL OXT    O  N N 355 
VAL H      H  N N 356 
VAL H2     H  N N 357 
VAL HA     H  N N 358 
VAL HB     H  N N 359 
VAL HG11   H  N N 360 
VAL HG12   H  N N 361 
VAL HG13   H  N N 362 
VAL HG21   H  N N 363 
VAL HG22   H  N N 364 
VAL HG23   H  N N 365 
VAL HXT    H  N N 366 
# 
loop_
_chem_comp_bond.comp_id 
_chem_comp_bond.atom_id_1 
_chem_comp_bond.atom_id_2 
_chem_comp_bond.value_order 
_chem_comp_bond.pdbx_aromatic_flag 
_chem_comp_bond.pdbx_stereo_config 
_chem_comp_bond.pdbx_ordinal 
ALA N     CA     sing N N 1   
ALA N     H      sing N N 2   
ALA N     H2     sing N N 3   
ALA CA    C      sing N N 4   
ALA CA    CB     sing N N 5   
ALA CA    HA     sing N N 6   
ALA C     O      doub N N 7   
ALA C     OXT    sing N N 8   
ALA CB    HB1    sing N N 9   
ALA CB    HB2    sing N N 10  
ALA CB    HB3    sing N N 11  
ALA OXT   HXT    sing N N 12  
ARG N     CA     sing N N 13  
ARG N     H      sing N N 14  
ARG N     H2     sing N N 15  
ARG CA    C      sing N N 16  
ARG CA    CB     sing N N 17  
ARG CA    HA     sing N N 18  
ARG C     O      doub N N 19  
ARG C     OXT    sing N N 20  
ARG CB    CG     sing N N 21  
ARG CB    HB2    sing N N 22  
ARG CB    HB3    sing N N 23  
ARG CG    CD     sing N N 24  
ARG CG    HG2    sing N N 25  
ARG CG    HG3    sing N N 26  
ARG CD    NE     sing N N 27  
ARG CD    HD2    sing N N 28  
ARG CD    HD3    sing N N 29  
ARG NE    CZ     sing N N 30  
ARG NE    HE     sing N N 31  
ARG CZ    NH1    sing N N 32  
ARG CZ    NH2    doub N N 33  
ARG NH1   HH11   sing N N 34  
ARG NH1   HH12   sing N N 35  
ARG NH2   HH21   sing N N 36  
ARG NH2   HH22   sing N N 37  
ARG OXT   HXT    sing N N 38  
ASP N     CA     sing N N 39  
ASP N     H      sing N N 40  
ASP N     H2     sing N N 41  
ASP CA    C      sing N N 42  
ASP CA    CB     sing N N 43  
ASP CA    HA     sing N N 44  
ASP C     O      doub N N 45  
ASP C     OXT    sing N N 46  
ASP CB    CG     sing N N 47  
ASP CB    HB2    sing N N 48  
ASP CB    HB3    sing N N 49  
ASP CG    OD1    doub N N 50  
ASP CG    OD2    sing N N 51  
ASP OD2   HD2    sing N N 52  
ASP OXT   HXT    sing N N 53  
ATP PG    O1G    doub N N 54  
ATP PG    O2G    sing N N 55  
ATP PG    O3G    sing N N 56  
ATP PG    O3B    sing N N 57  
ATP O2G   HOG2   sing N N 58  
ATP O3G   HOG3   sing N N 59  
ATP PB    O1B    doub N N 60  
ATP PB    O2B    sing N N 61  
ATP PB    O3B    sing N N 62  
ATP PB    O3A    sing N N 63  
ATP O2B   HOB2   sing N N 64  
ATP PA    O1A    doub N N 65  
ATP PA    O2A    sing N N 66  
ATP PA    O3A    sing N N 67  
ATP PA    "O5'"  sing N N 68  
ATP O2A   HOA2   sing N N 69  
ATP "O5'" "C5'"  sing N N 70  
ATP "C5'" "C4'"  sing N N 71  
ATP "C5'" "H5'1" sing N N 72  
ATP "C5'" "H5'2" sing N N 73  
ATP "C4'" "O4'"  sing N N 74  
ATP "C4'" "C3'"  sing N N 75  
ATP "C4'" "H4'"  sing N N 76  
ATP "O4'" "C1'"  sing N N 77  
ATP "C3'" "O3'"  sing N N 78  
ATP "C3'" "C2'"  sing N N 79  
ATP "C3'" "H3'"  sing N N 80  
ATP "O3'" "HO3'" sing N N 81  
ATP "C2'" "O2'"  sing N N 82  
ATP "C2'" "C1'"  sing N N 83  
ATP "C2'" "H2'"  sing N N 84  
ATP "O2'" "HO2'" sing N N 85  
ATP "C1'" N9     sing N N 86  
ATP "C1'" "H1'"  sing N N 87  
ATP N9    C8     sing Y N 88  
ATP N9    C4     sing Y N 89  
ATP C8    N7     doub Y N 90  
ATP C8    H8     sing N N 91  
ATP N7    C5     sing Y N 92  
ATP C5    C6     sing Y N 93  
ATP C5    C4     doub Y N 94  
ATP C6    N6     sing N N 95  
ATP C6    N1     doub Y N 96  
ATP N6    HN61   sing N N 97  
ATP N6    HN62   sing N N 98  
ATP N1    C2     sing Y N 99  
ATP C2    N3     doub Y N 100 
ATP C2    H2     sing N N 101 
ATP N3    C4     sing Y N 102 
GLN N     CA     sing N N 103 
GLN N     H      sing N N 104 
GLN N     H2     sing N N 105 
GLN CA    C      sing N N 106 
GLN CA    CB     sing N N 107 
GLN CA    HA     sing N N 108 
GLN C     O      doub N N 109 
GLN C     OXT    sing N N 110 
GLN CB    CG     sing N N 111 
GLN CB    HB2    sing N N 112 
GLN CB    HB3    sing N N 113 
GLN CG    CD     sing N N 114 
GLN CG    HG2    sing N N 115 
GLN CG    HG3    sing N N 116 
GLN CD    OE1    doub N N 117 
GLN CD    NE2    sing N N 118 
GLN NE2   HE21   sing N N 119 
GLN NE2   HE22   sing N N 120 
GLN OXT   HXT    sing N N 121 
GLU N     CA     sing N N 122 
GLU N     H      sing N N 123 
GLU N     H2     sing N N 124 
GLU CA    C      sing N N 125 
GLU CA    CB     sing N N 126 
GLU CA    HA     sing N N 127 
GLU C     O      doub N N 128 
GLU C     OXT    sing N N 129 
GLU CB    CG     sing N N 130 
GLU CB    HB2    sing N N 131 
GLU CB    HB3    sing N N 132 
GLU CG    CD     sing N N 133 
GLU CG    HG2    sing N N 134 
GLU CG    HG3    sing N N 135 
GLU CD    OE1    doub N N 136 
GLU CD    OE2    sing N N 137 
GLU OE2   HE2    sing N N 138 
GLU OXT   HXT    sing N N 139 
GLY N     CA     sing N N 140 
GLY N     H      sing N N 141 
GLY N     H2     sing N N 142 
GLY CA    C      sing N N 143 
GLY CA    HA2    sing N N 144 
GLY CA    HA3    sing N N 145 
GLY C     O      doub N N 146 
GLY C     OXT    sing N N 147 
GLY OXT   HXT    sing N N 148 
HIS N     CA     sing N N 149 
HIS N     H      sing N N 150 
HIS N     H2     sing N N 151 
HIS CA    C      sing N N 152 
HIS CA    CB     sing N N 153 
HIS CA    HA     sing N N 154 
HIS C     O      doub N N 155 
HIS C     OXT    sing N N 156 
HIS CB    CG     sing N N 157 
HIS CB    HB2    sing N N 158 
HIS CB    HB3    sing N N 159 
HIS CG    ND1    sing Y N 160 
HIS CG    CD2    doub Y N 161 
HIS ND1   CE1    doub Y N 162 
HIS ND1   HD1    sing N N 163 
HIS CD2   NE2    sing Y N 164 
HIS CD2   HD2    sing N N 165 
HIS CE1   NE2    sing Y N 166 
HIS CE1   HE1    sing N N 167 
HIS NE2   HE2    sing N N 168 
HIS OXT   HXT    sing N N 169 
HOH O     H1     sing N N 170 
HOH O     H2     sing N N 171 
ILE N     CA     sing N N 172 
ILE N     H      sing N N 173 
ILE N     H2     sing N N 174 
ILE CA    C      sing N N 175 
ILE CA    CB     sing N N 176 
ILE CA    HA     sing N N 177 
ILE C     O      doub N N 178 
ILE C     OXT    sing N N 179 
ILE CB    CG1    sing N N 180 
ILE CB    CG2    sing N N 181 
ILE CB    HB     sing N N 182 
ILE CG1   CD1    sing N N 183 
ILE CG1   HG12   sing N N 184 
ILE CG1   HG13   sing N N 185 
ILE CG2   HG21   sing N N 186 
ILE CG2   HG22   sing N N 187 
ILE CG2   HG23   sing N N 188 
ILE CD1   HD11   sing N N 189 
ILE CD1   HD12   sing N N 190 
ILE CD1   HD13   sing N N 191 
ILE OXT   HXT    sing N N 192 
LEU N     CA     sing N N 193 
LEU N     H      sing N N 194 
LEU N     H2     sing N N 195 
LEU CA    C      sing N N 196 
LEU CA    CB     sing N N 197 
LEU CA    HA     sing N N 198 
LEU C     O      doub N N 199 
LEU C     OXT    sing N N 200 
LEU CB    CG     sing N N 201 
LEU CB    HB2    sing N N 202 
LEU CB    HB3    sing N N 203 
LEU CG    CD1    sing N N 204 
LEU CG    CD2    sing N N 205 
LEU CG    HG     sing N N 206 
LEU CD1   HD11   sing N N 207 
LEU CD1   HD12   sing N N 208 
LEU CD1   HD13   sing N N 209 
LEU CD2   HD21   sing N N 210 
LEU CD2   HD22   sing N N 211 
LEU CD2   HD23   sing N N 212 
LEU OXT   HXT    sing N N 213 
LYS N     CA     sing N N 214 
LYS N     H      sing N N 215 
LYS N     H2     sing N N 216 
LYS CA    C      sing N N 217 
LYS CA    CB     sing N N 218 
LYS CA    HA     sing N N 219 
LYS C     O      doub N N 220 
LYS C     OXT    sing N N 221 
LYS CB    CG     sing N N 222 
LYS CB    HB2    sing N N 223 
LYS CB    HB3    sing N N 224 
LYS CG    CD     sing N N 225 
LYS CG    HG2    sing N N 226 
LYS CG    HG3    sing N N 227 
LYS CD    CE     sing N N 228 
LYS CD    HD2    sing N N 229 
LYS CD    HD3    sing N N 230 
LYS CE    NZ     sing N N 231 
LYS CE    HE2    sing N N 232 
LYS CE    HE3    sing N N 233 
LYS NZ    HZ1    sing N N 234 
LYS NZ    HZ2    sing N N 235 
LYS NZ    HZ3    sing N N 236 
LYS OXT   HXT    sing N N 237 
MET N     CA     sing N N 238 
MET N     H      sing N N 239 
MET N     H2     sing N N 240 
MET CA    C      sing N N 241 
MET CA    CB     sing N N 242 
MET CA    HA     sing N N 243 
MET C     O      doub N N 244 
MET C     OXT    sing N N 245 
MET CB    CG     sing N N 246 
MET CB    HB2    sing N N 247 
MET CB    HB3    sing N N 248 
MET CG    SD     sing N N 249 
MET CG    HG2    sing N N 250 
MET CG    HG3    sing N N 251 
MET SD    CE     sing N N 252 
MET CE    HE1    sing N N 253 
MET CE    HE2    sing N N 254 
MET CE    HE3    sing N N 255 
MET OXT   HXT    sing N N 256 
PHE N     CA     sing N N 257 
PHE N     H      sing N N 258 
PHE N     H2     sing N N 259 
PHE CA    C      sing N N 260 
PHE CA    CB     sing N N 261 
PHE CA    HA     sing N N 262 
PHE C     O      doub N N 263 
PHE C     OXT    sing N N 264 
PHE CB    CG     sing N N 265 
PHE CB    HB2    sing N N 266 
PHE CB    HB3    sing N N 267 
PHE CG    CD1    doub Y N 268 
PHE CG    CD2    sing Y N 269 
PHE CD1   CE1    sing Y N 270 
PHE CD1   HD1    sing N N 271 
PHE CD2   CE2    doub Y N 272 
PHE CD2   HD2    sing N N 273 
PHE CE1   CZ     doub Y N 274 
PHE CE1   HE1    sing N N 275 
PHE CE2   CZ     sing Y N 276 
PHE CE2   HE2    sing N N 277 
PHE CZ    HZ     sing N N 278 
PHE OXT   HXT    sing N N 279 
PRO N     CA     sing N N 280 
PRO N     CD     sing N N 281 
PRO N     H      sing N N 282 
PRO CA    C      sing N N 283 
PRO CA    CB     sing N N 284 
PRO CA    HA     sing N N 285 
PRO C     O      doub N N 286 
PRO C     OXT    sing N N 287 
PRO CB    CG     sing N N 288 
PRO CB    HB2    sing N N 289 
PRO CB    HB3    sing N N 290 
PRO CG    CD     sing N N 291 
PRO CG    HG2    sing N N 292 
PRO CG    HG3    sing N N 293 
PRO CD    HD2    sing N N 294 
PRO CD    HD3    sing N N 295 
PRO OXT   HXT    sing N N 296 
THR N     CA     sing N N 297 
THR N     H      sing N N 298 
THR N     H2     sing N N 299 
THR CA    C      sing N N 300 
THR CA    CB     sing N N 301 
THR CA    HA     sing N N 302 
THR C     O      doub N N 303 
THR C     OXT    sing N N 304 
THR CB    OG1    sing N N 305 
THR CB    CG2    sing N N 306 
THR CB    HB     sing N N 307 
THR OG1   HG1    sing N N 308 
THR CG2   HG21   sing N N 309 
THR CG2   HG22   sing N N 310 
THR CG2   HG23   sing N N 311 
THR OXT   HXT    sing N N 312 
TYR N     CA     sing N N 313 
TYR N     H      sing N N 314 
TYR N     H2     sing N N 315 
TYR CA    C      sing N N 316 
TYR CA    CB     sing N N 317 
TYR CA    HA     sing N N 318 
TYR C     O      doub N N 319 
TYR C     OXT    sing N N 320 
TYR CB    CG     sing N N 321 
TYR CB    HB2    sing N N 322 
TYR CB    HB3    sing N N 323 
TYR CG    CD1    doub Y N 324 
TYR CG    CD2    sing Y N 325 
TYR CD1   CE1    sing Y N 326 
TYR CD1   HD1    sing N N 327 
TYR CD2   CE2    doub Y N 328 
TYR CD2   HD2    sing N N 329 
TYR CE1   CZ     doub Y N 330 
TYR CE1   HE1    sing N N 331 
TYR CE2   CZ     sing Y N 332 
TYR CE2   HE2    sing N N 333 
TYR CZ    OH     sing N N 334 
TYR OH    HH     sing N N 335 
TYR OXT   HXT    sing N N 336 
VAL N     CA     sing N N 337 
VAL N     H      sing N N 338 
VAL N     H2     sing N N 339 
VAL CA    C      sing N N 340 
VAL CA    CB     sing N N 341 
VAL CA    HA     sing N N 342 
VAL C     O      doub N N 343 
VAL C     OXT    sing N N 344 
VAL CB    CG1    sing N N 345 
VAL CB    CG2    sing N N 346 
VAL CB    HB     sing N N 347 
VAL CG1   HG11   sing N N 348 
VAL CG1   HG12   sing N N 349 
VAL CG1   HG13   sing N N 350 
VAL CG2   HG21   sing N N 351 
VAL CG2   HG22   sing N N 352 
VAL CG2   HG23   sing N N 353 
VAL OXT   HXT    sing N N 354 
# 
loop_
_pdbx_entity_nonpoly.entity_id 
_pdbx_entity_nonpoly.name 
_pdbx_entity_nonpoly.comp_id 
2 'CHLORIDE ION'              CL  
3 "ADENOSINE-5'-TRIPHOSPHATE" ATP 
4 water                       HOH 
# 
_pdbx_initial_refinement_model.id               1 
_pdbx_initial_refinement_model.entity_id_list   ? 
_pdbx_initial_refinement_model.type             'experimental model' 
_pdbx_initial_refinement_model.source_name      PDB 
_pdbx_initial_refinement_model.accession_code   2EG1 
_pdbx_initial_refinement_model.details          'PDB ENTRY 2EG1' 
# 
